data_1XYS
# 
_entry.id   1XYS 
# 
_audit_conform.dict_name       mmcif_pdbx.dic 
_audit_conform.dict_version    5.386 
_audit_conform.dict_location   http://mmcif.pdb.org/dictionaries/ascii/mmcif_pdbx.dic 
# 
loop_
_database_2.database_id 
_database_2.database_code 
_database_2.pdbx_database_accession 
_database_2.pdbx_DOI 
PDB   1XYS         pdb_00001xys 10.2210/pdb1xys/pdb 
WWPDB D_1000177335 ?            ?                   
# 
loop_
_pdbx_audit_revision_history.ordinal 
_pdbx_audit_revision_history.data_content_type 
_pdbx_audit_revision_history.major_revision 
_pdbx_audit_revision_history.minor_revision 
_pdbx_audit_revision_history.revision_date 
1 'Structure model' 1 0 1995-07-10 
2 'Structure model' 1 1 2008-03-03 
3 'Structure model' 1 2 2011-07-13 
4 'Structure model' 1 3 2024-02-14 
# 
_pdbx_audit_revision_details.ordinal             1 
_pdbx_audit_revision_details.revision_ordinal    1 
_pdbx_audit_revision_details.data_content_type   'Structure model' 
_pdbx_audit_revision_details.provider            repository 
_pdbx_audit_revision_details.type                'Initial release' 
_pdbx_audit_revision_details.description         ? 
_pdbx_audit_revision_details.details             ? 
# 
loop_
_pdbx_audit_revision_group.ordinal 
_pdbx_audit_revision_group.revision_ordinal 
_pdbx_audit_revision_group.data_content_type 
_pdbx_audit_revision_group.group 
1 2 'Structure model' 'Version format compliance' 
2 3 'Structure model' 'Version format compliance' 
3 4 'Structure model' 'Data collection'           
4 4 'Structure model' 'Database references'       
5 4 'Structure model' Other                       
# 
loop_
_pdbx_audit_revision_category.ordinal 
_pdbx_audit_revision_category.revision_ordinal 
_pdbx_audit_revision_category.data_content_type 
_pdbx_audit_revision_category.category 
1 4 'Structure model' chem_comp_atom       
2 4 'Structure model' chem_comp_bond       
3 4 'Structure model' database_2           
4 4 'Structure model' pdbx_database_status 
5 4 'Structure model' struct_ref_seq_dif   
# 
loop_
_pdbx_audit_revision_item.ordinal 
_pdbx_audit_revision_item.revision_ordinal 
_pdbx_audit_revision_item.data_content_type 
_pdbx_audit_revision_item.item 
1 4 'Structure model' '_database_2.pdbx_DOI'                
2 4 'Structure model' '_database_2.pdbx_database_accession' 
3 4 'Structure model' '_pdbx_database_status.process_site'  
4 4 'Structure model' '_struct_ref_seq_dif.details'         
# 
_pdbx_database_status.status_code                     REL 
_pdbx_database_status.entry_id                        1XYS 
_pdbx_database_status.recvd_initial_deposition_date   1994-09-02 
_pdbx_database_status.deposit_site                    ? 
_pdbx_database_status.process_site                    BNL 
_pdbx_database_status.SG_entry                        . 
_pdbx_database_status.pdb_format_compatible           Y 
_pdbx_database_status.status_code_mr                  ? 
_pdbx_database_status.status_code_sf                  ? 
_pdbx_database_status.status_code_cs                  ? 
_pdbx_database_status.status_code_nmr_data            ? 
_pdbx_database_status.methods_development_category    ? 
# 
loop_
_audit_author.name 
_audit_author.pdbx_ordinal 
'Harris, G.W.'      1 
'Jenkins, J.A.'     2 
'Connerton, I.'     3 
'Pickersgill, R.W.' 4 
# 
loop_
_citation.id 
_citation.title 
_citation.journal_abbrev 
_citation.journal_volume 
_citation.page_first 
_citation.page_last 
_citation.year 
_citation.journal_id_ASTM 
_citation.country 
_citation.journal_id_ISSN 
_citation.journal_id_CSD 
_citation.book_publisher 
_citation.pdbx_database_id_PubMed 
_citation.pdbx_database_id_DOI 
primary 
;Structure of the catalytic core of the family F xylanase from Pseudomonas fluorescens and identification of the xylopentaose-binding sites.
;
Structure    2   1107 1116 1994 STRUE6 UK 0969-2126 2005 ? 7881909 '10.1016/S0969-2126(94)00112-X' 
1       
;Beta-Glucosidase, Beta-Galactosidase, Family a Cellulases, Family F Xylanases and Two Barley Glycanases Form a Superfamily of Enzymes with 8-Fold Beta-Alpha Architecture and with Two Conserved Glutamates Near the Carboxy-Terminal Ends of Beta-Strands Four and Seven
;
'FEBS Lett.' 362 281  ?    1995 FEBLAL NE 0014-5793 0165 ? ?       ?                               
2       
;Crystallization and Preliminary X-Ray Analysis of the Catalytic Domain of Xylanase a from Pseudomonas Fluorescens Subspecies Cellulosa
;
J.Mol.Biol.  229 246  ?    1993 JMOBAK UK 0022-2836 0070 ? ?       ?                               
# 
loop_
_citation_author.citation_id 
_citation_author.name 
_citation_author.ordinal 
_citation_author.identifier_ORCID 
primary 'Harris, G.W.'      1  ? 
primary 'Jenkins, J.A.'     2  ? 
primary 'Connerton, I.'     3  ? 
primary 'Cummings, N.'      4  ? 
primary 'Lo Leggio, L.'     5  ? 
primary 'Scott, M.'         6  ? 
primary 'Hazlewood, G.P.'   7  ? 
primary 'Laurie, J.I.'      8  ? 
primary 'Gilbert, H.J.'     9  ? 
primary 'Pickersgill, R.W.' 10 ? 
1       'Jenkins, J.'       11 ? 
1       'Lo Leggio, L.'     12 ? 
1       'Harris, G.'        13 ? 
1       'Pickersgill, R.'   14 ? 
2       'Pickersgill, R.W.' 15 ? 
2       'Jenkins, J.A.'     16 ? 
2       'Scott, M.'         17 ? 
2       'Connerton, I.'     18 ? 
2       'Hazlewood, G.P.'   19 ? 
2       'Gilbert, H.J.'     20 ? 
# 
loop_
_entity.id 
_entity.type 
_entity.src_method 
_entity.pdbx_description 
_entity.formula_weight 
_entity.pdbx_number_of_molecules 
_entity.pdbx_ec 
_entity.pdbx_mutation 
_entity.pdbx_fragment 
_entity.details 
1 polymer     man 'XYLANASE A'  38434.508 2 3.2.1.8 ? ? ? 
2 non-polymer syn 'CALCIUM ION' 40.078    2 ?       ? ? ? 
# 
_entity_poly.entity_id                      1 
_entity_poly.type                           'polypeptide(L)' 
_entity_poly.nstd_linkage                   no 
_entity_poly.nstd_monomer                   no 
_entity_poly.pdbx_seq_one_letter_code       
;GLASLADFPIGVAVAASGGNADIFTSSARQNIVRAEFNQITAENIMKMSYMYSGSNFSFTNSDRLVSWAAQNGQTVHGHA
LVWHPSYQLPNWASDSNANFRQDFARHIDTVAAHFAGQVKSWDVVNEALFDSADDPDGRGSANGYRQSVFYRQFGGPEYI
DEAFRRARAADPTAELYYNDFNTEENGAKTTALVNLVQRLLNNGVPIDGVGFQMHVMNDYPSIANIRQAMQKIVALSPTL
KIKITCLDVRLNNPYDGNSSNDYTNRNDCAVSCAGLDRQKARYKEIVQAYLEVVPPGRRGGITVWGIADPDSWLYTHQNL
PDWPLLFNDNLQPKPAYQGVVEALSGR
;
_entity_poly.pdbx_seq_one_letter_code_can   
;GLASLADFPIGVAVAASGGNADIFTSSARQNIVRAEFNQITAENIMKMSYMYSGSNFSFTNSDRLVSWAAQNGQTVHGHA
LVWHPSYQLPNWASDSNANFRQDFARHIDTVAAHFAGQVKSWDVVNEALFDSADDPDGRGSANGYRQSVFYRQFGGPEYI
DEAFRRARAADPTAELYYNDFNTEENGAKTTALVNLVQRLLNNGVPIDGVGFQMHVMNDYPSIANIRQAMQKIVALSPTL
KIKITCLDVRLNNPYDGNSSNDYTNRNDCAVSCAGLDRQKARYKEIVQAYLEVVPPGRRGGITVWGIADPDSWLYTHQNL
PDWPLLFNDNLQPKPAYQGVVEALSGR
;
_entity_poly.pdbx_strand_id                 A,B 
_entity_poly.pdbx_target_identifier         ? 
# 
_pdbx_entity_nonpoly.entity_id   2 
_pdbx_entity_nonpoly.name        'CALCIUM ION' 
_pdbx_entity_nonpoly.comp_id     CA 
# 
loop_
_entity_poly_seq.entity_id 
_entity_poly_seq.num 
_entity_poly_seq.mon_id 
_entity_poly_seq.hetero 
1 1   GLY n 
1 2   LEU n 
1 3   ALA n 
1 4   SER n 
1 5   LEU n 
1 6   ALA n 
1 7   ASP n 
1 8   PHE n 
1 9   PRO n 
1 10  ILE n 
1 11  GLY n 
1 12  VAL n 
1 13  ALA n 
1 14  VAL n 
1 15  ALA n 
1 16  ALA n 
1 17  SER n 
1 18  GLY n 
1 19  GLY n 
1 20  ASN n 
1 21  ALA n 
1 22  ASP n 
1 23  ILE n 
1 24  PHE n 
1 25  THR n 
1 26  SER n 
1 27  SER n 
1 28  ALA n 
1 29  ARG n 
1 30  GLN n 
1 31  ASN n 
1 32  ILE n 
1 33  VAL n 
1 34  ARG n 
1 35  ALA n 
1 36  GLU n 
1 37  PHE n 
1 38  ASN n 
1 39  GLN n 
1 40  ILE n 
1 41  THR n 
1 42  ALA n 
1 43  GLU n 
1 44  ASN n 
1 45  ILE n 
1 46  MET n 
1 47  LYS n 
1 48  MET n 
1 49  SER n 
1 50  TYR n 
1 51  MET n 
1 52  TYR n 
1 53  SER n 
1 54  GLY n 
1 55  SER n 
1 56  ASN n 
1 57  PHE n 
1 58  SER n 
1 59  PHE n 
1 60  THR n 
1 61  ASN n 
1 62  SER n 
1 63  ASP n 
1 64  ARG n 
1 65  LEU n 
1 66  VAL n 
1 67  SER n 
1 68  TRP n 
1 69  ALA n 
1 70  ALA n 
1 71  GLN n 
1 72  ASN n 
1 73  GLY n 
1 74  GLN n 
1 75  THR n 
1 76  VAL n 
1 77  HIS n 
1 78  GLY n 
1 79  HIS n 
1 80  ALA n 
1 81  LEU n 
1 82  VAL n 
1 83  TRP n 
1 84  HIS n 
1 85  PRO n 
1 86  SER n 
1 87  TYR n 
1 88  GLN n 
1 89  LEU n 
1 90  PRO n 
1 91  ASN n 
1 92  TRP n 
1 93  ALA n 
1 94  SER n 
1 95  ASP n 
1 96  SER n 
1 97  ASN n 
1 98  ALA n 
1 99  ASN n 
1 100 PHE n 
1 101 ARG n 
1 102 GLN n 
1 103 ASP n 
1 104 PHE n 
1 105 ALA n 
1 106 ARG n 
1 107 HIS n 
1 108 ILE n 
1 109 ASP n 
1 110 THR n 
1 111 VAL n 
1 112 ALA n 
1 113 ALA n 
1 114 HIS n 
1 115 PHE n 
1 116 ALA n 
1 117 GLY n 
1 118 GLN n 
1 119 VAL n 
1 120 LYS n 
1 121 SER n 
1 122 TRP n 
1 123 ASP n 
1 124 VAL n 
1 125 VAL n 
1 126 ASN n 
1 127 GLU n 
1 128 ALA n 
1 129 LEU n 
1 130 PHE n 
1 131 ASP n 
1 132 SER n 
1 133 ALA n 
1 134 ASP n 
1 135 ASP n 
1 136 PRO n 
1 137 ASP n 
1 138 GLY n 
1 139 ARG n 
1 140 GLY n 
1 141 SER n 
1 142 ALA n 
1 143 ASN n 
1 144 GLY n 
1 145 TYR n 
1 146 ARG n 
1 147 GLN n 
1 148 SER n 
1 149 VAL n 
1 150 PHE n 
1 151 TYR n 
1 152 ARG n 
1 153 GLN n 
1 154 PHE n 
1 155 GLY n 
1 156 GLY n 
1 157 PRO n 
1 158 GLU n 
1 159 TYR n 
1 160 ILE n 
1 161 ASP n 
1 162 GLU n 
1 163 ALA n 
1 164 PHE n 
1 165 ARG n 
1 166 ARG n 
1 167 ALA n 
1 168 ARG n 
1 169 ALA n 
1 170 ALA n 
1 171 ASP n 
1 172 PRO n 
1 173 THR n 
1 174 ALA n 
1 175 GLU n 
1 176 LEU n 
1 177 TYR n 
1 178 TYR n 
1 179 ASN n 
1 180 ASP n 
1 181 PHE n 
1 182 ASN n 
1 183 THR n 
1 184 GLU n 
1 185 GLU n 
1 186 ASN n 
1 187 GLY n 
1 188 ALA n 
1 189 LYS n 
1 190 THR n 
1 191 THR n 
1 192 ALA n 
1 193 LEU n 
1 194 VAL n 
1 195 ASN n 
1 196 LEU n 
1 197 VAL n 
1 198 GLN n 
1 199 ARG n 
1 200 LEU n 
1 201 LEU n 
1 202 ASN n 
1 203 ASN n 
1 204 GLY n 
1 205 VAL n 
1 206 PRO n 
1 207 ILE n 
1 208 ASP n 
1 209 GLY n 
1 210 VAL n 
1 211 GLY n 
1 212 PHE n 
1 213 GLN n 
1 214 MET n 
1 215 HIS n 
1 216 VAL n 
1 217 MET n 
1 218 ASN n 
1 219 ASP n 
1 220 TYR n 
1 221 PRO n 
1 222 SER n 
1 223 ILE n 
1 224 ALA n 
1 225 ASN n 
1 226 ILE n 
1 227 ARG n 
1 228 GLN n 
1 229 ALA n 
1 230 MET n 
1 231 GLN n 
1 232 LYS n 
1 233 ILE n 
1 234 VAL n 
1 235 ALA n 
1 236 LEU n 
1 237 SER n 
1 238 PRO n 
1 239 THR n 
1 240 LEU n 
1 241 LYS n 
1 242 ILE n 
1 243 LYS n 
1 244 ILE n 
1 245 THR n 
1 246 CYS n 
1 247 LEU n 
1 248 ASP n 
1 249 VAL n 
1 250 ARG n 
1 251 LEU n 
1 252 ASN n 
1 253 ASN n 
1 254 PRO n 
1 255 TYR n 
1 256 ASP n 
1 257 GLY n 
1 258 ASN n 
1 259 SER n 
1 260 SER n 
1 261 ASN n 
1 262 ASP n 
1 263 TYR n 
1 264 THR n 
1 265 ASN n 
1 266 ARG n 
1 267 ASN n 
1 268 ASP n 
1 269 CYS n 
1 270 ALA n 
1 271 VAL n 
1 272 SER n 
1 273 CYS n 
1 274 ALA n 
1 275 GLY n 
1 276 LEU n 
1 277 ASP n 
1 278 ARG n 
1 279 GLN n 
1 280 LYS n 
1 281 ALA n 
1 282 ARG n 
1 283 TYR n 
1 284 LYS n 
1 285 GLU n 
1 286 ILE n 
1 287 VAL n 
1 288 GLN n 
1 289 ALA n 
1 290 TYR n 
1 291 LEU n 
1 292 GLU n 
1 293 VAL n 
1 294 VAL n 
1 295 PRO n 
1 296 PRO n 
1 297 GLY n 
1 298 ARG n 
1 299 ARG n 
1 300 GLY n 
1 301 GLY n 
1 302 ILE n 
1 303 THR n 
1 304 VAL n 
1 305 TRP n 
1 306 GLY n 
1 307 ILE n 
1 308 ALA n 
1 309 ASP n 
1 310 PRO n 
1 311 ASP n 
1 312 SER n 
1 313 TRP n 
1 314 LEU n 
1 315 TYR n 
1 316 THR n 
1 317 HIS n 
1 318 GLN n 
1 319 ASN n 
1 320 LEU n 
1 321 PRO n 
1 322 ASP n 
1 323 TRP n 
1 324 PRO n 
1 325 LEU n 
1 326 LEU n 
1 327 PHE n 
1 328 ASN n 
1 329 ASP n 
1 330 ASN n 
1 331 LEU n 
1 332 GLN n 
1 333 PRO n 
1 334 LYS n 
1 335 PRO n 
1 336 ALA n 
1 337 TYR n 
1 338 GLN n 
1 339 GLY n 
1 340 VAL n 
1 341 VAL n 
1 342 GLU n 
1 343 ALA n 
1 344 LEU n 
1 345 SER n 
1 346 GLY n 
1 347 ARG n 
# 
_entity_src_gen.entity_id                          1 
_entity_src_gen.pdbx_src_id                        1 
_entity_src_gen.pdbx_alt_source_flag               sample 
_entity_src_gen.pdbx_seq_type                      ? 
_entity_src_gen.pdbx_beg_seq_num                   ? 
_entity_src_gen.pdbx_end_seq_num                   ? 
_entity_src_gen.gene_src_common_name               ? 
_entity_src_gen.gene_src_genus                     Cellvibrio 
_entity_src_gen.pdbx_gene_src_gene                 'TRUNCATED XYNA (CODONS 264-611)' 
_entity_src_gen.gene_src_species                   ? 
_entity_src_gen.gene_src_strain                    CELLULOSA 
_entity_src_gen.gene_src_tissue                    ? 
_entity_src_gen.gene_src_tissue_fraction           ? 
_entity_src_gen.gene_src_details                   ? 
_entity_src_gen.pdbx_gene_src_fragment             ? 
_entity_src_gen.pdbx_gene_src_scientific_name      'Cellvibrio japonicus' 
_entity_src_gen.pdbx_gene_src_ncbi_taxonomy_id     155077 
_entity_src_gen.pdbx_gene_src_variant              ? 
_entity_src_gen.pdbx_gene_src_cell_line            ? 
_entity_src_gen.pdbx_gene_src_atcc                 ? 
_entity_src_gen.pdbx_gene_src_organ                ? 
_entity_src_gen.pdbx_gene_src_organelle            ? 
_entity_src_gen.pdbx_gene_src_cell                 ? 
_entity_src_gen.pdbx_gene_src_cellular_location    ? 
_entity_src_gen.host_org_common_name               ? 
_entity_src_gen.pdbx_host_org_scientific_name      'Escherichia coli' 
_entity_src_gen.pdbx_host_org_ncbi_taxonomy_id     562 
_entity_src_gen.host_org_genus                     Escherichia 
_entity_src_gen.pdbx_host_org_gene                 'TRUNCATED XYNA (CODONS 264-611)' 
_entity_src_gen.pdbx_host_org_organ                ? 
_entity_src_gen.host_org_species                   ? 
_entity_src_gen.pdbx_host_org_tissue               ? 
_entity_src_gen.pdbx_host_org_tissue_fraction      ? 
_entity_src_gen.pdbx_host_org_strain               ? 
_entity_src_gen.pdbx_host_org_variant              ? 
_entity_src_gen.pdbx_host_org_cell_line            ? 
_entity_src_gen.pdbx_host_org_atcc                 ? 
_entity_src_gen.pdbx_host_org_culture_collection   ? 
_entity_src_gen.pdbx_host_org_cell                 ? 
_entity_src_gen.pdbx_host_org_organelle            ? 
_entity_src_gen.pdbx_host_org_cellular_location    ? 
_entity_src_gen.pdbx_host_org_vector_type          ? 
_entity_src_gen.pdbx_host_org_vector               ? 
_entity_src_gen.host_org_details                   ? 
_entity_src_gen.expression_system_id               ? 
_entity_src_gen.plasmid_name                       PET3A 
_entity_src_gen.plasmid_details                    ? 
_entity_src_gen.pdbx_description                   ? 
# 
loop_
_chem_comp.id 
_chem_comp.type 
_chem_comp.mon_nstd_flag 
_chem_comp.name 
_chem_comp.pdbx_synonyms 
_chem_comp.formula 
_chem_comp.formula_weight 
ALA 'L-peptide linking' y ALANINE         ? 'C3 H7 N O2'     89.093  
ARG 'L-peptide linking' y ARGININE        ? 'C6 H15 N4 O2 1' 175.209 
ASN 'L-peptide linking' y ASPARAGINE      ? 'C4 H8 N2 O3'    132.118 
ASP 'L-peptide linking' y 'ASPARTIC ACID' ? 'C4 H7 N O4'     133.103 
CA  non-polymer         . 'CALCIUM ION'   ? 'Ca 2'           40.078  
CYS 'L-peptide linking' y CYSTEINE        ? 'C3 H7 N O2 S'   121.158 
GLN 'L-peptide linking' y GLUTAMINE       ? 'C5 H10 N2 O3'   146.144 
GLU 'L-peptide linking' y 'GLUTAMIC ACID' ? 'C5 H9 N O4'     147.129 
GLY 'peptide linking'   y GLYCINE         ? 'C2 H5 N O2'     75.067  
HIS 'L-peptide linking' y HISTIDINE       ? 'C6 H10 N3 O2 1' 156.162 
ILE 'L-peptide linking' y ISOLEUCINE      ? 'C6 H13 N O2'    131.173 
LEU 'L-peptide linking' y LEUCINE         ? 'C6 H13 N O2'    131.173 
LYS 'L-peptide linking' y LYSINE          ? 'C6 H15 N2 O2 1' 147.195 
MET 'L-peptide linking' y METHIONINE      ? 'C5 H11 N O2 S'  149.211 
PHE 'L-peptide linking' y PHENYLALANINE   ? 'C9 H11 N O2'    165.189 
PRO 'L-peptide linking' y PROLINE         ? 'C5 H9 N O2'     115.130 
SER 'L-peptide linking' y SERINE          ? 'C3 H7 N O3'     105.093 
THR 'L-peptide linking' y THREONINE       ? 'C4 H9 N O3'     119.119 
TRP 'L-peptide linking' y TRYPTOPHAN      ? 'C11 H12 N2 O2'  204.225 
TYR 'L-peptide linking' y TYROSINE        ? 'C9 H11 N O3'    181.189 
VAL 'L-peptide linking' y VALINE          ? 'C5 H11 N O2'    117.146 
# 
loop_
_pdbx_poly_seq_scheme.asym_id 
_pdbx_poly_seq_scheme.entity_id 
_pdbx_poly_seq_scheme.seq_id 
_pdbx_poly_seq_scheme.mon_id 
_pdbx_poly_seq_scheme.ndb_seq_num 
_pdbx_poly_seq_scheme.pdb_seq_num 
_pdbx_poly_seq_scheme.auth_seq_num 
_pdbx_poly_seq_scheme.pdb_mon_id 
_pdbx_poly_seq_scheme.auth_mon_id 
_pdbx_poly_seq_scheme.pdb_strand_id 
_pdbx_poly_seq_scheme.pdb_ins_code 
_pdbx_poly_seq_scheme.hetero 
A 1 1   GLY 1   1   1   GLY GLY A . n 
A 1 2   LEU 2   2   2   LEU LEU A . n 
A 1 3   ALA 3   3   3   ALA ALA A . n 
A 1 4   SER 4   4   4   SER SER A . n 
A 1 5   LEU 5   5   5   LEU LEU A . n 
A 1 6   ALA 6   6   6   ALA ALA A . n 
A 1 7   ASP 7   7   7   ASP ASP A . n 
A 1 8   PHE 8   8   8   PHE PHE A . n 
A 1 9   PRO 9   9   9   PRO PRO A . n 
A 1 10  ILE 10  10  10  ILE ILE A . n 
A 1 11  GLY 11  11  11  GLY GLY A . n 
A 1 12  VAL 12  12  12  VAL VAL A . n 
A 1 13  ALA 13  13  13  ALA ALA A . n 
A 1 14  VAL 14  14  14  VAL VAL A . n 
A 1 15  ALA 15  15  15  ALA ALA A . n 
A 1 16  ALA 16  16  16  ALA ALA A . n 
A 1 17  SER 17  17  17  SER SER A . n 
A 1 18  GLY 18  18  18  GLY GLY A . n 
A 1 19  GLY 19  19  19  GLY GLY A . n 
A 1 20  ASN 20  20  20  ASN ASN A . n 
A 1 21  ALA 21  21  21  ALA ALA A . n 
A 1 22  ASP 22  22  22  ASP ASP A . n 
A 1 23  ILE 23  23  23  ILE ILE A . n 
A 1 24  PHE 24  24  24  PHE PHE A . n 
A 1 25  THR 25  25  25  THR THR A . n 
A 1 26  SER 26  26  26  SER SER A . n 
A 1 27  SER 27  27  27  SER SER A . n 
A 1 28  ALA 28  28  28  ALA ALA A . n 
A 1 29  ARG 29  29  29  ARG ARG A . n 
A 1 30  GLN 30  30  30  GLN GLN A . n 
A 1 31  ASN 31  31  31  ASN ASN A . n 
A 1 32  ILE 32  32  32  ILE ILE A . n 
A 1 33  VAL 33  33  33  VAL VAL A . n 
A 1 34  ARG 34  34  34  ARG ARG A . n 
A 1 35  ALA 35  35  35  ALA ALA A . n 
A 1 36  GLU 36  36  36  GLU GLU A . n 
A 1 37  PHE 37  37  37  PHE PHE A . n 
A 1 38  ASN 38  38  38  ASN ASN A . n 
A 1 39  GLN 39  39  39  GLN GLN A . n 
A 1 40  ILE 40  40  40  ILE ILE A . n 
A 1 41  THR 41  41  41  THR THR A . n 
A 1 42  ALA 42  42  42  ALA ALA A . n 
A 1 43  GLU 43  43  43  GLU GLU A . n 
A 1 44  ASN 44  44  44  ASN ASN A . n 
A 1 45  ILE 45  45  45  ILE ILE A . n 
A 1 46  MET 46  46  46  MET MET A . n 
A 1 47  LYS 47  47  47  LYS LYS A . n 
A 1 48  MET 48  48  48  MET MET A . n 
A 1 49  SER 49  49  49  SER SER A . n 
A 1 50  TYR 50  50  50  TYR TYR A . n 
A 1 51  MET 51  51  51  MET MET A . n 
A 1 52  TYR 52  52  52  TYR TYR A . n 
A 1 53  SER 53  53  53  SER SER A . n 
A 1 54  GLY 54  54  54  GLY GLY A . n 
A 1 55  SER 55  55  55  SER SER A . n 
A 1 56  ASN 56  56  56  ASN ASN A . n 
A 1 57  PHE 57  57  57  PHE PHE A . n 
A 1 58  SER 58  58  58  SER SER A . n 
A 1 59  PHE 59  59  59  PHE PHE A . n 
A 1 60  THR 60  60  60  THR THR A . n 
A 1 61  ASN 61  61  61  ASN ASN A . n 
A 1 62  SER 62  62  62  SER SER A . n 
A 1 63  ASP 63  63  63  ASP ASP A . n 
A 1 64  ARG 64  64  64  ARG ARG A . n 
A 1 65  LEU 65  65  65  LEU LEU A . n 
A 1 66  VAL 66  66  66  VAL VAL A . n 
A 1 67  SER 67  67  67  SER SER A . n 
A 1 68  TRP 68  68  68  TRP TRP A . n 
A 1 69  ALA 69  69  69  ALA ALA A . n 
A 1 70  ALA 70  70  70  ALA ALA A . n 
A 1 71  GLN 71  71  71  GLN GLN A . n 
A 1 72  ASN 72  72  72  ASN ASN A . n 
A 1 73  GLY 73  73  73  GLY GLY A . n 
A 1 74  GLN 74  74  74  GLN GLN A . n 
A 1 75  THR 75  75  75  THR THR A . n 
A 1 76  VAL 76  76  76  VAL VAL A . n 
A 1 77  HIS 77  77  77  HIS HIS A . n 
A 1 78  GLY 78  78  78  GLY GLY A . n 
A 1 79  HIS 79  79  79  HIS HIS A . n 
A 1 80  ALA 80  80  80  ALA ALA A . n 
A 1 81  LEU 81  81  81  LEU LEU A . n 
A 1 82  VAL 82  82  82  VAL VAL A . n 
A 1 83  TRP 83  83  83  TRP TRP A . n 
A 1 84  HIS 84  84  84  HIS HIS A . n 
A 1 85  PRO 85  85  85  PRO PRO A . n 
A 1 86  SER 86  86  86  SER SER A . n 
A 1 87  TYR 87  87  87  TYR TYR A . n 
A 1 88  GLN 88  88  88  GLN GLN A . n 
A 1 89  LEU 89  89  89  LEU LEU A . n 
A 1 90  PRO 90  90  90  PRO PRO A . n 
A 1 91  ASN 91  91  91  ASN ASN A . n 
A 1 92  TRP 92  92  92  TRP TRP A . n 
A 1 93  ALA 93  93  93  ALA ALA A . n 
A 1 94  SER 94  94  94  SER SER A . n 
A 1 95  ASP 95  95  95  ASP ASP A . n 
A 1 96  SER 96  96  96  SER SER A . n 
A 1 97  ASN 97  97  97  ASN ASN A . n 
A 1 98  ALA 98  98  98  ALA ALA A . n 
A 1 99  ASN 99  99  99  ASN ASN A . n 
A 1 100 PHE 100 100 100 PHE PHE A . n 
A 1 101 ARG 101 101 101 ARG ARG A . n 
A 1 102 GLN 102 102 102 GLN GLN A . n 
A 1 103 ASP 103 103 103 ASP ASP A . n 
A 1 104 PHE 104 104 104 PHE PHE A . n 
A 1 105 ALA 105 105 105 ALA ALA A . n 
A 1 106 ARG 106 106 106 ARG ARG A . n 
A 1 107 HIS 107 107 107 HIS HIS A . n 
A 1 108 ILE 108 108 108 ILE ILE A . n 
A 1 109 ASP 109 109 109 ASP ASP A . n 
A 1 110 THR 110 110 110 THR THR A . n 
A 1 111 VAL 111 111 111 VAL VAL A . n 
A 1 112 ALA 112 112 112 ALA ALA A . n 
A 1 113 ALA 113 113 113 ALA ALA A . n 
A 1 114 HIS 114 114 114 HIS HIS A . n 
A 1 115 PHE 115 115 115 PHE PHE A . n 
A 1 116 ALA 116 116 116 ALA ALA A . n 
A 1 117 GLY 117 117 117 GLY GLY A . n 
A 1 118 GLN 118 118 118 GLN GLN A . n 
A 1 119 VAL 119 119 119 VAL VAL A . n 
A 1 120 LYS 120 120 120 LYS LYS A . n 
A 1 121 SER 121 121 121 SER SER A . n 
A 1 122 TRP 122 122 122 TRP TRP A . n 
A 1 123 ASP 123 123 123 ASP ASP A . n 
A 1 124 VAL 124 124 124 VAL VAL A . n 
A 1 125 VAL 125 125 125 VAL VAL A . n 
A 1 126 ASN 126 126 126 ASN ASN A . n 
A 1 127 GLU 127 127 127 GLU GLU A . n 
A 1 128 ALA 128 128 128 ALA ALA A . n 
A 1 129 LEU 129 129 129 LEU LEU A . n 
A 1 130 PHE 130 130 130 PHE PHE A . n 
A 1 131 ASP 131 131 131 ASP ASP A . n 
A 1 132 SER 132 132 132 SER SER A . n 
A 1 133 ALA 133 133 133 ALA ALA A . n 
A 1 134 ASP 134 134 134 ASP ASP A . n 
A 1 135 ASP 135 135 135 ASP ASP A . n 
A 1 136 PRO 136 136 136 PRO PRO A . n 
A 1 137 ASP 137 137 137 ASP ASP A . n 
A 1 138 GLY 138 138 138 GLY GLY A . n 
A 1 139 ARG 139 139 139 ARG ARG A . n 
A 1 140 GLY 140 140 140 GLY GLY A . n 
A 1 141 SER 141 141 141 SER SER A . n 
A 1 142 ALA 142 142 142 ALA ALA A . n 
A 1 143 ASN 143 143 143 ASN ASN A . n 
A 1 144 GLY 144 144 144 GLY GLY A . n 
A 1 145 TYR 145 145 145 TYR TYR A . n 
A 1 146 ARG 146 146 146 ARG ARG A . n 
A 1 147 GLN 147 147 147 GLN GLN A . n 
A 1 148 SER 148 148 148 SER SER A . n 
A 1 149 VAL 149 149 149 VAL VAL A . n 
A 1 150 PHE 150 150 150 PHE PHE A . n 
A 1 151 TYR 151 151 151 TYR TYR A . n 
A 1 152 ARG 152 152 152 ARG ARG A . n 
A 1 153 GLN 153 153 153 GLN GLN A . n 
A 1 154 PHE 154 154 154 PHE PHE A . n 
A 1 155 GLY 155 155 155 GLY GLY A . n 
A 1 156 GLY 156 156 156 GLY GLY A . n 
A 1 157 PRO 157 157 157 PRO PRO A . n 
A 1 158 GLU 158 158 158 GLU GLU A . n 
A 1 159 TYR 159 159 159 TYR TYR A . n 
A 1 160 ILE 160 160 160 ILE ILE A . n 
A 1 161 ASP 161 161 161 ASP ASP A . n 
A 1 162 GLU 162 162 162 GLU GLU A . n 
A 1 163 ALA 163 163 163 ALA ALA A . n 
A 1 164 PHE 164 164 164 PHE PHE A . n 
A 1 165 ARG 165 165 165 ARG ARG A . n 
A 1 166 ARG 166 166 166 ARG ARG A . n 
A 1 167 ALA 167 167 167 ALA ALA A . n 
A 1 168 ARG 168 168 168 ARG ARG A . n 
A 1 169 ALA 169 169 169 ALA ALA A . n 
A 1 170 ALA 170 170 170 ALA ALA A . n 
A 1 171 ASP 171 171 171 ASP ASP A . n 
A 1 172 PRO 172 172 172 PRO PRO A . n 
A 1 173 THR 173 173 173 THR THR A . n 
A 1 174 ALA 174 174 174 ALA ALA A . n 
A 1 175 GLU 175 175 175 GLU GLU A . n 
A 1 176 LEU 176 176 176 LEU LEU A . n 
A 1 177 TYR 177 177 177 TYR TYR A . n 
A 1 178 TYR 178 178 178 TYR TYR A . n 
A 1 179 ASN 179 179 179 ASN ASN A . n 
A 1 180 ASP 180 180 180 ASP ASP A . n 
A 1 181 PHE 181 181 181 PHE PHE A . n 
A 1 182 ASN 182 182 182 ASN ASN A . n 
A 1 183 THR 183 183 183 THR THR A . n 
A 1 184 GLU 184 184 184 GLU GLU A . n 
A 1 185 GLU 185 185 185 GLU GLU A . n 
A 1 186 ASN 186 186 186 ASN ASN A . n 
A 1 187 GLY 187 187 187 GLY GLY A . n 
A 1 188 ALA 188 188 188 ALA ALA A . n 
A 1 189 LYS 189 189 189 LYS LYS A . n 
A 1 190 THR 190 190 190 THR THR A . n 
A 1 191 THR 191 191 191 THR THR A . n 
A 1 192 ALA 192 192 192 ALA ALA A . n 
A 1 193 LEU 193 193 193 LEU LEU A . n 
A 1 194 VAL 194 194 194 VAL VAL A . n 
A 1 195 ASN 195 195 195 ASN ASN A . n 
A 1 196 LEU 196 196 196 LEU LEU A . n 
A 1 197 VAL 197 197 197 VAL VAL A . n 
A 1 198 GLN 198 198 198 GLN GLN A . n 
A 1 199 ARG 199 199 199 ARG ARG A . n 
A 1 200 LEU 200 200 200 LEU LEU A . n 
A 1 201 LEU 201 201 201 LEU LEU A . n 
A 1 202 ASN 202 202 202 ASN ASN A . n 
A 1 203 ASN 203 203 203 ASN ASN A . n 
A 1 204 GLY 204 204 204 GLY GLY A . n 
A 1 205 VAL 205 205 205 VAL VAL A . n 
A 1 206 PRO 206 206 206 PRO PRO A . n 
A 1 207 ILE 207 207 207 ILE ILE A . n 
A 1 208 ASP 208 208 208 ASP ASP A . n 
A 1 209 GLY 209 209 209 GLY GLY A . n 
A 1 210 VAL 210 210 210 VAL VAL A . n 
A 1 211 GLY 211 211 211 GLY GLY A . n 
A 1 212 PHE 212 212 212 PHE PHE A . n 
A 1 213 GLN 213 213 213 GLN GLN A . n 
A 1 214 MET 214 214 214 MET MET A . n 
A 1 215 HIS 215 215 215 HIS HIS A . n 
A 1 216 VAL 216 216 216 VAL VAL A . n 
A 1 217 MET 217 217 217 MET MET A . n 
A 1 218 ASN 218 218 218 ASN ASN A . n 
A 1 219 ASP 219 219 219 ASP ASP A . n 
A 1 220 TYR 220 220 220 TYR TYR A . n 
A 1 221 PRO 221 221 221 PRO PRO A . n 
A 1 222 SER 222 222 222 SER SER A . n 
A 1 223 ILE 223 223 223 ILE ILE A . n 
A 1 224 ALA 224 224 224 ALA ALA A . n 
A 1 225 ASN 225 225 225 ASN ASN A . n 
A 1 226 ILE 226 226 226 ILE ILE A . n 
A 1 227 ARG 227 227 227 ARG ARG A . n 
A 1 228 GLN 228 228 228 GLN GLN A . n 
A 1 229 ALA 229 229 229 ALA ALA A . n 
A 1 230 MET 230 230 230 MET MET A . n 
A 1 231 GLN 231 231 231 GLN GLN A . n 
A 1 232 LYS 232 232 232 LYS LYS A . n 
A 1 233 ILE 233 233 233 ILE ILE A . n 
A 1 234 VAL 234 234 234 VAL VAL A . n 
A 1 235 ALA 235 235 235 ALA ALA A . n 
A 1 236 LEU 236 236 236 LEU LEU A . n 
A 1 237 SER 237 237 237 SER SER A . n 
A 1 238 PRO 238 238 238 PRO PRO A . n 
A 1 239 THR 239 239 239 THR THR A . n 
A 1 240 LEU 240 240 240 LEU LEU A . n 
A 1 241 LYS 241 241 241 LYS LYS A . n 
A 1 242 ILE 242 242 242 ILE ILE A . n 
A 1 243 LYS 243 243 243 LYS LYS A . n 
A 1 244 ILE 244 244 244 ILE ILE A . n 
A 1 245 THR 245 245 245 THR THR A . n 
A 1 246 CYS 246 246 246 CYS CYS A . n 
A 1 247 LEU 247 247 247 LEU LEU A . n 
A 1 248 ASP 248 248 248 ASP ASP A . n 
A 1 249 VAL 249 249 249 VAL VAL A . n 
A 1 250 ARG 250 250 250 ARG ARG A . n 
A 1 251 LEU 251 251 251 LEU LEU A . n 
A 1 252 ASN 252 252 252 ASN ASN A . n 
A 1 253 ASN 253 253 253 ASN ASN A . n 
A 1 254 PRO 254 254 254 PRO PRO A . n 
A 1 255 TYR 255 255 255 TYR TYR A . n 
A 1 256 ASP 256 256 256 ASP ASP A . n 
A 1 257 GLY 257 257 257 GLY GLY A . n 
A 1 258 ASN 258 258 258 ASN ASN A . n 
A 1 259 SER 259 259 259 SER SER A . n 
A 1 260 SER 260 260 260 SER SER A . n 
A 1 261 ASN 261 261 261 ASN ASN A . n 
A 1 262 ASP 262 262 262 ASP ASP A . n 
A 1 263 TYR 263 263 263 TYR TYR A . n 
A 1 264 THR 264 264 264 THR THR A . n 
A 1 265 ASN 265 265 265 ASN ASN A . n 
A 1 266 ARG 266 266 266 ARG ARG A . n 
A 1 267 ASN 267 267 267 ASN ASN A . n 
A 1 268 ASP 268 268 268 ASP ASP A . n 
A 1 269 CYS 269 269 269 CYS CYS A . n 
A 1 270 ALA 270 270 270 ALA ALA A . n 
A 1 271 VAL 271 271 271 VAL VAL A . n 
A 1 272 SER 272 272 272 SER SER A . n 
A 1 273 CYS 273 273 273 CYS CYS A . n 
A 1 274 ALA 274 274 274 ALA ALA A . n 
A 1 275 GLY 275 275 275 GLY GLY A . n 
A 1 276 LEU 276 276 276 LEU LEU A . n 
A 1 277 ASP 277 277 277 ASP ASP A . n 
A 1 278 ARG 278 278 278 ARG ARG A . n 
A 1 279 GLN 279 279 279 GLN GLN A . n 
A 1 280 LYS 280 280 280 LYS LYS A . n 
A 1 281 ALA 281 281 281 ALA ALA A . n 
A 1 282 ARG 282 282 282 ARG ARG A . n 
A 1 283 TYR 283 283 283 TYR TYR A . n 
A 1 284 LYS 284 284 284 LYS LYS A . n 
A 1 285 GLU 285 285 285 GLU GLU A . n 
A 1 286 ILE 286 286 286 ILE ILE A . n 
A 1 287 VAL 287 287 287 VAL VAL A . n 
A 1 288 GLN 288 288 288 GLN GLN A . n 
A 1 289 ALA 289 289 289 ALA ALA A . n 
A 1 290 TYR 290 290 290 TYR TYR A . n 
A 1 291 LEU 291 291 291 LEU LEU A . n 
A 1 292 GLU 292 292 292 GLU GLU A . n 
A 1 293 VAL 293 293 293 VAL VAL A . n 
A 1 294 VAL 294 294 294 VAL VAL A . n 
A 1 295 PRO 295 295 295 PRO PRO A . n 
A 1 296 PRO 296 296 296 PRO PRO A . n 
A 1 297 GLY 297 297 297 GLY GLY A . n 
A 1 298 ARG 298 298 298 ARG ARG A . n 
A 1 299 ARG 299 299 299 ARG ARG A . n 
A 1 300 GLY 300 300 300 GLY GLY A . n 
A 1 301 GLY 301 301 301 GLY GLY A . n 
A 1 302 ILE 302 302 302 ILE ILE A . n 
A 1 303 THR 303 303 303 THR THR A . n 
A 1 304 VAL 304 304 304 VAL VAL A . n 
A 1 305 TRP 305 305 305 TRP TRP A . n 
A 1 306 GLY 306 306 306 GLY GLY A . n 
A 1 307 ILE 307 307 307 ILE ILE A . n 
A 1 308 ALA 308 308 308 ALA ALA A . n 
A 1 309 ASP 309 309 309 ASP ASP A . n 
A 1 310 PRO 310 310 310 PRO PRO A . n 
A 1 311 ASP 311 311 311 ASP ASP A . n 
A 1 312 SER 312 312 312 SER SER A . n 
A 1 313 TRP 313 313 313 TRP TRP A . n 
A 1 314 LEU 314 314 314 LEU LEU A . n 
A 1 315 TYR 315 315 315 TYR TYR A . n 
A 1 316 THR 316 316 316 THR THR A . n 
A 1 317 HIS 317 317 317 HIS HIS A . n 
A 1 318 GLN 318 318 318 GLN GLN A . n 
A 1 319 ASN 319 319 319 ASN ASN A . n 
A 1 320 LEU 320 320 320 LEU LEU A . n 
A 1 321 PRO 321 321 321 PRO PRO A . n 
A 1 322 ASP 322 322 322 ASP ASP A . n 
A 1 323 TRP 323 323 323 TRP TRP A . n 
A 1 324 PRO 324 324 324 PRO PRO A . n 
A 1 325 LEU 325 325 325 LEU LEU A . n 
A 1 326 LEU 326 326 326 LEU LEU A . n 
A 1 327 PHE 327 327 327 PHE PHE A . n 
A 1 328 ASN 328 328 328 ASN ASN A . n 
A 1 329 ASP 329 329 329 ASP ASP A . n 
A 1 330 ASN 330 330 330 ASN ASN A . n 
A 1 331 LEU 331 331 331 LEU LEU A . n 
A 1 332 GLN 332 332 332 GLN GLN A . n 
A 1 333 PRO 333 333 333 PRO PRO A . n 
A 1 334 LYS 334 334 334 LYS LYS A . n 
A 1 335 PRO 335 335 335 PRO PRO A . n 
A 1 336 ALA 336 336 336 ALA ALA A . n 
A 1 337 TYR 337 337 337 TYR TYR A . n 
A 1 338 GLN 338 338 338 GLN GLN A . n 
A 1 339 GLY 339 339 339 GLY GLY A . n 
A 1 340 VAL 340 340 340 VAL VAL A . n 
A 1 341 VAL 341 341 341 VAL VAL A . n 
A 1 342 GLU 342 342 342 GLU GLU A . n 
A 1 343 ALA 343 343 343 ALA ALA A . n 
A 1 344 LEU 344 344 344 LEU LEU A . n 
A 1 345 SER 345 345 345 SER SER A . n 
A 1 346 GLY 346 346 ?   ?   ?   A . n 
A 1 347 ARG 347 347 ?   ?   ?   A . n 
B 1 1   GLY 1   1   1   GLY GLY B . n 
B 1 2   LEU 2   2   2   LEU LEU B . n 
B 1 3   ALA 3   3   3   ALA ALA B . n 
B 1 4   SER 4   4   4   SER SER B . n 
B 1 5   LEU 5   5   5   LEU LEU B . n 
B 1 6   ALA 6   6   6   ALA ALA B . n 
B 1 7   ASP 7   7   7   ASP ASP B . n 
B 1 8   PHE 8   8   8   PHE PHE B . n 
B 1 9   PRO 9   9   9   PRO PRO B . n 
B 1 10  ILE 10  10  10  ILE ILE B . n 
B 1 11  GLY 11  11  11  GLY GLY B . n 
B 1 12  VAL 12  12  12  VAL VAL B . n 
B 1 13  ALA 13  13  13  ALA ALA B . n 
B 1 14  VAL 14  14  14  VAL VAL B . n 
B 1 15  ALA 15  15  15  ALA ALA B . n 
B 1 16  ALA 16  16  16  ALA ALA B . n 
B 1 17  SER 17  17  17  SER SER B . n 
B 1 18  GLY 18  18  18  GLY GLY B . n 
B 1 19  GLY 19  19  19  GLY GLY B . n 
B 1 20  ASN 20  20  20  ASN ASN B . n 
B 1 21  ALA 21  21  21  ALA ALA B . n 
B 1 22  ASP 22  22  22  ASP ASP B . n 
B 1 23  ILE 23  23  23  ILE ILE B . n 
B 1 24  PHE 24  24  24  PHE PHE B . n 
B 1 25  THR 25  25  25  THR THR B . n 
B 1 26  SER 26  26  26  SER SER B . n 
B 1 27  SER 27  27  27  SER SER B . n 
B 1 28  ALA 28  28  28  ALA ALA B . n 
B 1 29  ARG 29  29  29  ARG ARG B . n 
B 1 30  GLN 30  30  30  GLN GLN B . n 
B 1 31  ASN 31  31  31  ASN ASN B . n 
B 1 32  ILE 32  32  32  ILE ILE B . n 
B 1 33  VAL 33  33  33  VAL VAL B . n 
B 1 34  ARG 34  34  34  ARG ARG B . n 
B 1 35  ALA 35  35  35  ALA ALA B . n 
B 1 36  GLU 36  36  36  GLU GLU B . n 
B 1 37  PHE 37  37  37  PHE PHE B . n 
B 1 38  ASN 38  38  38  ASN ASN B . n 
B 1 39  GLN 39  39  39  GLN GLN B . n 
B 1 40  ILE 40  40  40  ILE ILE B . n 
B 1 41  THR 41  41  41  THR THR B . n 
B 1 42  ALA 42  42  42  ALA ALA B . n 
B 1 43  GLU 43  43  43  GLU GLU B . n 
B 1 44  ASN 44  44  44  ASN ASN B . n 
B 1 45  ILE 45  45  45  ILE ILE B . n 
B 1 46  MET 46  46  46  MET MET B . n 
B 1 47  LYS 47  47  47  LYS LYS B . n 
B 1 48  MET 48  48  48  MET MET B . n 
B 1 49  SER 49  49  49  SER SER B . n 
B 1 50  TYR 50  50  50  TYR TYR B . n 
B 1 51  MET 51  51  51  MET MET B . n 
B 1 52  TYR 52  52  52  TYR TYR B . n 
B 1 53  SER 53  53  53  SER SER B . n 
B 1 54  GLY 54  54  54  GLY GLY B . n 
B 1 55  SER 55  55  55  SER SER B . n 
B 1 56  ASN 56  56  56  ASN ASN B . n 
B 1 57  PHE 57  57  57  PHE PHE B . n 
B 1 58  SER 58  58  58  SER SER B . n 
B 1 59  PHE 59  59  59  PHE PHE B . n 
B 1 60  THR 60  60  60  THR THR B . n 
B 1 61  ASN 61  61  61  ASN ASN B . n 
B 1 62  SER 62  62  62  SER SER B . n 
B 1 63  ASP 63  63  63  ASP ASP B . n 
B 1 64  ARG 64  64  64  ARG ARG B . n 
B 1 65  LEU 65  65  65  LEU LEU B . n 
B 1 66  VAL 66  66  66  VAL VAL B . n 
B 1 67  SER 67  67  67  SER SER B . n 
B 1 68  TRP 68  68  68  TRP TRP B . n 
B 1 69  ALA 69  69  69  ALA ALA B . n 
B 1 70  ALA 70  70  70  ALA ALA B . n 
B 1 71  GLN 71  71  71  GLN GLN B . n 
B 1 72  ASN 72  72  72  ASN ASN B . n 
B 1 73  GLY 73  73  73  GLY GLY B . n 
B 1 74  GLN 74  74  74  GLN GLN B . n 
B 1 75  THR 75  75  75  THR THR B . n 
B 1 76  VAL 76  76  76  VAL VAL B . n 
B 1 77  HIS 77  77  77  HIS HIS B . n 
B 1 78  GLY 78  78  78  GLY GLY B . n 
B 1 79  HIS 79  79  79  HIS HIS B . n 
B 1 80  ALA 80  80  80  ALA ALA B . n 
B 1 81  LEU 81  81  81  LEU LEU B . n 
B 1 82  VAL 82  82  82  VAL VAL B . n 
B 1 83  TRP 83  83  83  TRP TRP B . n 
B 1 84  HIS 84  84  84  HIS HIS B . n 
B 1 85  PRO 85  85  85  PRO PRO B . n 
B 1 86  SER 86  86  86  SER SER B . n 
B 1 87  TYR 87  87  87  TYR TYR B . n 
B 1 88  GLN 88  88  88  GLN GLN B . n 
B 1 89  LEU 89  89  89  LEU LEU B . n 
B 1 90  PRO 90  90  90  PRO PRO B . n 
B 1 91  ASN 91  91  91  ASN ASN B . n 
B 1 92  TRP 92  92  92  TRP TRP B . n 
B 1 93  ALA 93  93  93  ALA ALA B . n 
B 1 94  SER 94  94  94  SER SER B . n 
B 1 95  ASP 95  95  95  ASP ASP B . n 
B 1 96  SER 96  96  96  SER SER B . n 
B 1 97  ASN 97  97  97  ASN ASN B . n 
B 1 98  ALA 98  98  98  ALA ALA B . n 
B 1 99  ASN 99  99  99  ASN ASN B . n 
B 1 100 PHE 100 100 100 PHE PHE B . n 
B 1 101 ARG 101 101 101 ARG ARG B . n 
B 1 102 GLN 102 102 102 GLN GLN B . n 
B 1 103 ASP 103 103 103 ASP ASP B . n 
B 1 104 PHE 104 104 104 PHE PHE B . n 
B 1 105 ALA 105 105 105 ALA ALA B . n 
B 1 106 ARG 106 106 106 ARG ARG B . n 
B 1 107 HIS 107 107 107 HIS HIS B . n 
B 1 108 ILE 108 108 108 ILE ILE B . n 
B 1 109 ASP 109 109 109 ASP ASP B . n 
B 1 110 THR 110 110 110 THR THR B . n 
B 1 111 VAL 111 111 111 VAL VAL B . n 
B 1 112 ALA 112 112 112 ALA ALA B . n 
B 1 113 ALA 113 113 113 ALA ALA B . n 
B 1 114 HIS 114 114 114 HIS HIS B . n 
B 1 115 PHE 115 115 115 PHE PHE B . n 
B 1 116 ALA 116 116 116 ALA ALA B . n 
B 1 117 GLY 117 117 117 GLY GLY B . n 
B 1 118 GLN 118 118 118 GLN GLN B . n 
B 1 119 VAL 119 119 119 VAL VAL B . n 
B 1 120 LYS 120 120 120 LYS LYS B . n 
B 1 121 SER 121 121 121 SER SER B . n 
B 1 122 TRP 122 122 122 TRP TRP B . n 
B 1 123 ASP 123 123 123 ASP ASP B . n 
B 1 124 VAL 124 124 124 VAL VAL B . n 
B 1 125 VAL 125 125 125 VAL VAL B . n 
B 1 126 ASN 126 126 126 ASN ASN B . n 
B 1 127 GLU 127 127 127 GLU GLU B . n 
B 1 128 ALA 128 128 128 ALA ALA B . n 
B 1 129 LEU 129 129 129 LEU LEU B . n 
B 1 130 PHE 130 130 130 PHE PHE B . n 
B 1 131 ASP 131 131 131 ASP ASP B . n 
B 1 132 SER 132 132 132 SER SER B . n 
B 1 133 ALA 133 133 133 ALA ALA B . n 
B 1 134 ASP 134 134 134 ASP ASP B . n 
B 1 135 ASP 135 135 135 ASP ASP B . n 
B 1 136 PRO 136 136 136 PRO PRO B . n 
B 1 137 ASP 137 137 137 ASP ASP B . n 
B 1 138 GLY 138 138 138 GLY GLY B . n 
B 1 139 ARG 139 139 139 ARG ARG B . n 
B 1 140 GLY 140 140 140 GLY GLY B . n 
B 1 141 SER 141 141 141 SER SER B . n 
B 1 142 ALA 142 142 142 ALA ALA B . n 
B 1 143 ASN 143 143 143 ASN ASN B . n 
B 1 144 GLY 144 144 144 GLY GLY B . n 
B 1 145 TYR 145 145 145 TYR TYR B . n 
B 1 146 ARG 146 146 146 ARG ARG B . n 
B 1 147 GLN 147 147 147 GLN GLN B . n 
B 1 148 SER 148 148 148 SER SER B . n 
B 1 149 VAL 149 149 149 VAL VAL B . n 
B 1 150 PHE 150 150 150 PHE PHE B . n 
B 1 151 TYR 151 151 151 TYR TYR B . n 
B 1 152 ARG 152 152 152 ARG ARG B . n 
B 1 153 GLN 153 153 153 GLN GLN B . n 
B 1 154 PHE 154 154 154 PHE PHE B . n 
B 1 155 GLY 155 155 155 GLY GLY B . n 
B 1 156 GLY 156 156 156 GLY GLY B . n 
B 1 157 PRO 157 157 157 PRO PRO B . n 
B 1 158 GLU 158 158 158 GLU GLU B . n 
B 1 159 TYR 159 159 159 TYR TYR B . n 
B 1 160 ILE 160 160 160 ILE ILE B . n 
B 1 161 ASP 161 161 161 ASP ASP B . n 
B 1 162 GLU 162 162 162 GLU GLU B . n 
B 1 163 ALA 163 163 163 ALA ALA B . n 
B 1 164 PHE 164 164 164 PHE PHE B . n 
B 1 165 ARG 165 165 165 ARG ARG B . n 
B 1 166 ARG 166 166 166 ARG ARG B . n 
B 1 167 ALA 167 167 167 ALA ALA B . n 
B 1 168 ARG 168 168 168 ARG ARG B . n 
B 1 169 ALA 169 169 169 ALA ALA B . n 
B 1 170 ALA 170 170 170 ALA ALA B . n 
B 1 171 ASP 171 171 171 ASP ASP B . n 
B 1 172 PRO 172 172 172 PRO PRO B . n 
B 1 173 THR 173 173 173 THR THR B . n 
B 1 174 ALA 174 174 174 ALA ALA B . n 
B 1 175 GLU 175 175 175 GLU GLU B . n 
B 1 176 LEU 176 176 176 LEU LEU B . n 
B 1 177 TYR 177 177 177 TYR TYR B . n 
B 1 178 TYR 178 178 178 TYR TYR B . n 
B 1 179 ASN 179 179 179 ASN ASN B . n 
B 1 180 ASP 180 180 180 ASP ASP B . n 
B 1 181 PHE 181 181 181 PHE PHE B . n 
B 1 182 ASN 182 182 182 ASN ASN B . n 
B 1 183 THR 183 183 183 THR THR B . n 
B 1 184 GLU 184 184 184 GLU GLU B . n 
B 1 185 GLU 185 185 185 GLU GLU B . n 
B 1 186 ASN 186 186 186 ASN ASN B . n 
B 1 187 GLY 187 187 187 GLY GLY B . n 
B 1 188 ALA 188 188 188 ALA ALA B . n 
B 1 189 LYS 189 189 189 LYS LYS B . n 
B 1 190 THR 190 190 190 THR THR B . n 
B 1 191 THR 191 191 191 THR THR B . n 
B 1 192 ALA 192 192 192 ALA ALA B . n 
B 1 193 LEU 193 193 193 LEU LEU B . n 
B 1 194 VAL 194 194 194 VAL VAL B . n 
B 1 195 ASN 195 195 195 ASN ASN B . n 
B 1 196 LEU 196 196 196 LEU LEU B . n 
B 1 197 VAL 197 197 197 VAL VAL B . n 
B 1 198 GLN 198 198 198 GLN GLN B . n 
B 1 199 ARG 199 199 199 ARG ARG B . n 
B 1 200 LEU 200 200 200 LEU LEU B . n 
B 1 201 LEU 201 201 201 LEU LEU B . n 
B 1 202 ASN 202 202 202 ASN ASN B . n 
B 1 203 ASN 203 203 203 ASN ASN B . n 
B 1 204 GLY 204 204 204 GLY GLY B . n 
B 1 205 VAL 205 205 205 VAL VAL B . n 
B 1 206 PRO 206 206 206 PRO PRO B . n 
B 1 207 ILE 207 207 207 ILE ILE B . n 
B 1 208 ASP 208 208 208 ASP ASP B . n 
B 1 209 GLY 209 209 209 GLY GLY B . n 
B 1 210 VAL 210 210 210 VAL VAL B . n 
B 1 211 GLY 211 211 211 GLY GLY B . n 
B 1 212 PHE 212 212 212 PHE PHE B . n 
B 1 213 GLN 213 213 213 GLN GLN B . n 
B 1 214 MET 214 214 214 MET MET B . n 
B 1 215 HIS 215 215 215 HIS HIS B . n 
B 1 216 VAL 216 216 216 VAL VAL B . n 
B 1 217 MET 217 217 217 MET MET B . n 
B 1 218 ASN 218 218 218 ASN ASN B . n 
B 1 219 ASP 219 219 219 ASP ASP B . n 
B 1 220 TYR 220 220 220 TYR TYR B . n 
B 1 221 PRO 221 221 221 PRO PRO B . n 
B 1 222 SER 222 222 222 SER SER B . n 
B 1 223 ILE 223 223 223 ILE ILE B . n 
B 1 224 ALA 224 224 224 ALA ALA B . n 
B 1 225 ASN 225 225 225 ASN ASN B . n 
B 1 226 ILE 226 226 226 ILE ILE B . n 
B 1 227 ARG 227 227 227 ARG ARG B . n 
B 1 228 GLN 228 228 228 GLN GLN B . n 
B 1 229 ALA 229 229 229 ALA ALA B . n 
B 1 230 MET 230 230 230 MET MET B . n 
B 1 231 GLN 231 231 231 GLN GLN B . n 
B 1 232 LYS 232 232 232 LYS LYS B . n 
B 1 233 ILE 233 233 233 ILE ILE B . n 
B 1 234 VAL 234 234 234 VAL VAL B . n 
B 1 235 ALA 235 235 235 ALA ALA B . n 
B 1 236 LEU 236 236 236 LEU LEU B . n 
B 1 237 SER 237 237 237 SER SER B . n 
B 1 238 PRO 238 238 238 PRO PRO B . n 
B 1 239 THR 239 239 239 THR THR B . n 
B 1 240 LEU 240 240 240 LEU LEU B . n 
B 1 241 LYS 241 241 241 LYS LYS B . n 
B 1 242 ILE 242 242 242 ILE ILE B . n 
B 1 243 LYS 243 243 243 LYS LYS B . n 
B 1 244 ILE 244 244 244 ILE ILE B . n 
B 1 245 THR 245 245 245 THR THR B . n 
B 1 246 CYS 246 246 246 CYS CYS B . n 
B 1 247 LEU 247 247 247 LEU LEU B . n 
B 1 248 ASP 248 248 248 ASP ASP B . n 
B 1 249 VAL 249 249 249 VAL VAL B . n 
B 1 250 ARG 250 250 250 ARG ARG B . n 
B 1 251 LEU 251 251 251 LEU LEU B . n 
B 1 252 ASN 252 252 252 ASN ASN B . n 
B 1 253 ASN 253 253 253 ASN ASN B . n 
B 1 254 PRO 254 254 254 PRO PRO B . n 
B 1 255 TYR 255 255 255 TYR TYR B . n 
B 1 256 ASP 256 256 256 ASP ASP B . n 
B 1 257 GLY 257 257 257 GLY GLY B . n 
B 1 258 ASN 258 258 258 ASN ASN B . n 
B 1 259 SER 259 259 259 SER SER B . n 
B 1 260 SER 260 260 260 SER SER B . n 
B 1 261 ASN 261 261 261 ASN ASN B . n 
B 1 262 ASP 262 262 262 ASP ASP B . n 
B 1 263 TYR 263 263 263 TYR TYR B . n 
B 1 264 THR 264 264 264 THR THR B . n 
B 1 265 ASN 265 265 265 ASN ASN B . n 
B 1 266 ARG 266 266 266 ARG ARG B . n 
B 1 267 ASN 267 267 267 ASN ASN B . n 
B 1 268 ASP 268 268 268 ASP ASP B . n 
B 1 269 CYS 269 269 269 CYS CYS B . n 
B 1 270 ALA 270 270 270 ALA ALA B . n 
B 1 271 VAL 271 271 271 VAL VAL B . n 
B 1 272 SER 272 272 272 SER SER B . n 
B 1 273 CYS 273 273 273 CYS CYS B . n 
B 1 274 ALA 274 274 274 ALA ALA B . n 
B 1 275 GLY 275 275 275 GLY GLY B . n 
B 1 276 LEU 276 276 276 LEU LEU B . n 
B 1 277 ASP 277 277 277 ASP ASP B . n 
B 1 278 ARG 278 278 278 ARG ARG B . n 
B 1 279 GLN 279 279 279 GLN GLN B . n 
B 1 280 LYS 280 280 280 LYS LYS B . n 
B 1 281 ALA 281 281 281 ALA ALA B . n 
B 1 282 ARG 282 282 282 ARG ARG B . n 
B 1 283 TYR 283 283 283 TYR TYR B . n 
B 1 284 LYS 284 284 284 LYS LYS B . n 
B 1 285 GLU 285 285 285 GLU GLU B . n 
B 1 286 ILE 286 286 286 ILE ILE B . n 
B 1 287 VAL 287 287 287 VAL VAL B . n 
B 1 288 GLN 288 288 288 GLN GLN B . n 
B 1 289 ALA 289 289 289 ALA ALA B . n 
B 1 290 TYR 290 290 290 TYR TYR B . n 
B 1 291 LEU 291 291 291 LEU LEU B . n 
B 1 292 GLU 292 292 292 GLU GLU B . n 
B 1 293 VAL 293 293 293 VAL VAL B . n 
B 1 294 VAL 294 294 294 VAL VAL B . n 
B 1 295 PRO 295 295 295 PRO PRO B . n 
B 1 296 PRO 296 296 296 PRO PRO B . n 
B 1 297 GLY 297 297 297 GLY GLY B . n 
B 1 298 ARG 298 298 298 ARG ARG B . n 
B 1 299 ARG 299 299 299 ARG ARG B . n 
B 1 300 GLY 300 300 300 GLY GLY B . n 
B 1 301 GLY 301 301 301 GLY GLY B . n 
B 1 302 ILE 302 302 302 ILE ILE B . n 
B 1 303 THR 303 303 303 THR THR B . n 
B 1 304 VAL 304 304 304 VAL VAL B . n 
B 1 305 TRP 305 305 305 TRP TRP B . n 
B 1 306 GLY 306 306 306 GLY GLY B . n 
B 1 307 ILE 307 307 307 ILE ILE B . n 
B 1 308 ALA 308 308 308 ALA ALA B . n 
B 1 309 ASP 309 309 309 ASP ASP B . n 
B 1 310 PRO 310 310 310 PRO PRO B . n 
B 1 311 ASP 311 311 311 ASP ASP B . n 
B 1 312 SER 312 312 312 SER SER B . n 
B 1 313 TRP 313 313 313 TRP TRP B . n 
B 1 314 LEU 314 314 314 LEU LEU B . n 
B 1 315 TYR 315 315 315 TYR TYR B . n 
B 1 316 THR 316 316 316 THR THR B . n 
B 1 317 HIS 317 317 317 HIS HIS B . n 
B 1 318 GLN 318 318 318 GLN GLN B . n 
B 1 319 ASN 319 319 319 ASN ASN B . n 
B 1 320 LEU 320 320 320 LEU LEU B . n 
B 1 321 PRO 321 321 321 PRO PRO B . n 
B 1 322 ASP 322 322 322 ASP ASP B . n 
B 1 323 TRP 323 323 323 TRP TRP B . n 
B 1 324 PRO 324 324 324 PRO PRO B . n 
B 1 325 LEU 325 325 325 LEU LEU B . n 
B 1 326 LEU 326 326 326 LEU LEU B . n 
B 1 327 PHE 327 327 327 PHE PHE B . n 
B 1 328 ASN 328 328 328 ASN ASN B . n 
B 1 329 ASP 329 329 329 ASP ASP B . n 
B 1 330 ASN 330 330 330 ASN ASN B . n 
B 1 331 LEU 331 331 331 LEU LEU B . n 
B 1 332 GLN 332 332 332 GLN GLN B . n 
B 1 333 PRO 333 333 333 PRO PRO B . n 
B 1 334 LYS 334 334 334 LYS LYS B . n 
B 1 335 PRO 335 335 335 PRO PRO B . n 
B 1 336 ALA 336 336 336 ALA ALA B . n 
B 1 337 TYR 337 337 337 TYR TYR B . n 
B 1 338 GLN 338 338 338 GLN GLN B . n 
B 1 339 GLY 339 339 339 GLY GLY B . n 
B 1 340 VAL 340 340 340 VAL VAL B . n 
B 1 341 VAL 341 341 341 VAL VAL B . n 
B 1 342 GLU 342 342 342 GLU GLU B . n 
B 1 343 ALA 343 343 343 ALA ALA B . n 
B 1 344 LEU 344 344 344 LEU LEU B . n 
B 1 345 SER 345 345 345 SER SER B . n 
B 1 346 GLY 346 346 ?   ?   ?   B . n 
B 1 347 ARG 347 347 ?   ?   ?   B . n 
# 
loop_
_pdbx_nonpoly_scheme.asym_id 
_pdbx_nonpoly_scheme.entity_id 
_pdbx_nonpoly_scheme.mon_id 
_pdbx_nonpoly_scheme.ndb_seq_num 
_pdbx_nonpoly_scheme.pdb_seq_num 
_pdbx_nonpoly_scheme.auth_seq_num 
_pdbx_nonpoly_scheme.pdb_mon_id 
_pdbx_nonpoly_scheme.auth_mon_id 
_pdbx_nonpoly_scheme.pdb_strand_id 
_pdbx_nonpoly_scheme.pdb_ins_code 
C 2 CA 1 348 348 CA CA A . 
D 2 CA 1 348 348 CA CA B . 
# 
loop_
_software.name 
_software.classification 
_software.version 
_software.citation_id 
_software.pdbx_ordinal 
RESTRAIN refinement       . ? 1 
DENZO    'data reduction' . ? 2 
# 
_cell.entry_id           1XYS 
_cell.length_a           97.500 
_cell.length_b           97.500 
_cell.length_c           152.300 
_cell.angle_alpha        90.00 
_cell.angle_beta         90.00 
_cell.angle_gamma        90.00 
_cell.Z_PDB              16 
_cell.pdbx_unique_axis   ? 
# 
_symmetry.entry_id                         1XYS 
_symmetry.space_group_name_H-M             'P 43 21 2' 
_symmetry.pdbx_full_space_group_name_H-M   ? 
_symmetry.cell_setting                     ? 
_symmetry.Int_Tables_number                96 
# 
_exptl.entry_id          1XYS 
_exptl.method            'X-RAY DIFFRACTION' 
_exptl.crystals_number   ? 
# 
_exptl_crystal.id                    1 
_exptl_crystal.density_meas          ? 
_exptl_crystal.density_Matthews      2.35 
_exptl_crystal.density_percent_sol   47.73 
_exptl_crystal.description           ? 
# 
_diffrn.id                     1 
_diffrn.ambient_temp           ? 
_diffrn.ambient_temp_details   ? 
_diffrn.crystal_id             1 
# 
_diffrn_detector.diffrn_id              1 
_diffrn_detector.detector               ? 
_diffrn_detector.type                   ? 
_diffrn_detector.pdbx_collection_date   1993-12-27 
_diffrn_detector.details                ? 
# 
_diffrn_radiation.diffrn_id                        1 
_diffrn_radiation.wavelength_id                    1 
_diffrn_radiation.pdbx_monochromatic_or_laue_m_l   M 
_diffrn_radiation.monochromator                    ? 
_diffrn_radiation.pdbx_diffrn_protocol             ? 
_diffrn_radiation.pdbx_scattering_type             x-ray 
# 
_diffrn_radiation_wavelength.id           1 
_diffrn_radiation_wavelength.wavelength   . 
_diffrn_radiation_wavelength.wt           1.0 
# 
_reflns.entry_id                     1XYS 
_reflns.observed_criterion_sigma_I   0.0 
_reflns.observed_criterion_sigma_F   ? 
_reflns.d_resolution_low             35.0 
_reflns.d_resolution_high            2.5 
_reflns.number_obs                   25370 
_reflns.number_all                   ? 
_reflns.percent_possible_obs         97.7 
_reflns.pdbx_Rmerge_I_obs            0.0780000 
_reflns.pdbx_Rsym_value              ? 
_reflns.pdbx_netI_over_sigmaI        ? 
_reflns.B_iso_Wilson_estimate        ? 
_reflns.pdbx_redundancy              5.3 
_reflns.pdbx_ordinal                 1 
_reflns.pdbx_diffrn_id               1 
# 
_refine.entry_id                                 1XYS 
_refine.ls_number_reflns_obs                     24996 
_refine.ls_number_reflns_all                     ? 
_refine.pdbx_ls_sigma_I                          ? 
_refine.pdbx_ls_sigma_F                          0.0 
_refine.pdbx_data_cutoff_high_absF               ? 
_refine.pdbx_data_cutoff_low_absF                ? 
_refine.pdbx_data_cutoff_high_rms_absF           ? 
_refine.ls_d_res_low                             10.0 
_refine.ls_d_res_high                            2.5 
_refine.ls_percent_reflns_obs                    ? 
_refine.ls_R_factor_obs                          0.2000000 
_refine.ls_R_factor_all                          ? 
_refine.ls_R_factor_R_work                       ? 
_refine.ls_R_factor_R_free                       ? 
_refine.ls_R_factor_R_free_error                 ? 
_refine.ls_R_factor_R_free_error_details         ? 
_refine.ls_percent_reflns_R_free                 ? 
_refine.ls_number_reflns_R_free                  ? 
_refine.ls_number_parameters                     ? 
_refine.ls_number_restraints                     ? 
_refine.occupancy_min                            ? 
_refine.occupancy_max                            ? 
_refine.B_iso_mean                               14.4 
_refine.aniso_B[1][1]                            ? 
_refine.aniso_B[2][2]                            ? 
_refine.aniso_B[3][3]                            ? 
_refine.aniso_B[1][2]                            ? 
_refine.aniso_B[1][3]                            ? 
_refine.aniso_B[2][3]                            ? 
_refine.solvent_model_details                    ? 
_refine.solvent_model_param_ksol                 ? 
_refine.solvent_model_param_bsol                 ? 
_refine.pdbx_ls_cross_valid_method               ? 
_refine.details                                  ? 
_refine.pdbx_starting_model                      ? 
_refine.pdbx_method_to_determine_struct          ? 
_refine.pdbx_isotropic_thermal_model             ? 
_refine.pdbx_stereochemistry_target_values       ? 
_refine.pdbx_stereochem_target_val_spec_case     ? 
_refine.pdbx_R_Free_selection_details            ? 
_refine.pdbx_overall_ESU_R                       ? 
_refine.pdbx_overall_ESU_R_Free                  ? 
_refine.overall_SU_ML                            ? 
_refine.overall_SU_B                             ? 
_refine.pdbx_refine_id                           'X-RAY DIFFRACTION' 
_refine.pdbx_diffrn_id                           1 
_refine.pdbx_TLS_residual_ADP_flag               ? 
_refine.correlation_coeff_Fo_to_Fc               ? 
_refine.correlation_coeff_Fo_to_Fc_free          ? 
_refine.pdbx_solvent_vdw_probe_radii             ? 
_refine.pdbx_solvent_ion_probe_radii             ? 
_refine.pdbx_solvent_shrinkage_radii             ? 
_refine.pdbx_overall_phase_error                 ? 
_refine.overall_SU_R_Cruickshank_DPI             ? 
_refine.pdbx_overall_SU_R_free_Cruickshank_DPI   ? 
_refine.pdbx_overall_SU_R_Blow_DPI               ? 
_refine.pdbx_overall_SU_R_free_Blow_DPI          ? 
# 
_refine_hist.pdbx_refine_id                   'X-RAY DIFFRACTION' 
_refine_hist.cycle_id                         LAST 
_refine_hist.pdbx_number_atoms_protein        690 
_refine_hist.pdbx_number_atoms_nucleic_acid   0 
_refine_hist.pdbx_number_atoms_ligand         2 
_refine_hist.number_atoms_solvent             0 
_refine_hist.number_atoms_total               692 
_refine_hist.d_res_high                       2.5 
_refine_hist.d_res_low                        10.0 
# 
loop_
_refine_ls_restr.type 
_refine_ls_restr.dev_ideal 
_refine_ls_restr.dev_ideal_target 
_refine_ls_restr.weight 
_refine_ls_restr.number 
_refine_ls_restr.pdbx_refine_id 
_refine_ls_restr.pdbx_restraint_function 
p_bond_d            0.017 ? ? ? 'X-RAY DIFFRACTION' ? 
p_angle_d           0.027 ? ? ? 'X-RAY DIFFRACTION' ? 
p_angle_deg         ?     ? ? ? 'X-RAY DIFFRACTION' ? 
p_planar_d          0.014 ? ? ? 'X-RAY DIFFRACTION' ? 
p_hb_or_metal_coord ?     ? ? ? 'X-RAY DIFFRACTION' ? 
p_mcbond_it         ?     ? ? ? 'X-RAY DIFFRACTION' ? 
p_mcangle_it        ?     ? ? ? 'X-RAY DIFFRACTION' ? 
p_scbond_it         ?     ? ? ? 'X-RAY DIFFRACTION' ? 
p_scangle_it        ?     ? ? ? 'X-RAY DIFFRACTION' ? 
p_plane_restr       0.011 ? ? ? 'X-RAY DIFFRACTION' ? 
p_chiral_restr      0.019 ? ? ? 'X-RAY DIFFRACTION' ? 
p_singtor_nbd       ?     ? ? ? 'X-RAY DIFFRACTION' ? 
p_multtor_nbd       ?     ? ? ? 'X-RAY DIFFRACTION' ? 
p_xhyhbond_nbd      ?     ? ? ? 'X-RAY DIFFRACTION' ? 
p_xyhbond_nbd       ?     ? ? ? 'X-RAY DIFFRACTION' ? 
p_planar_tor        ?     ? ? ? 'X-RAY DIFFRACTION' ? 
p_staggered_tor     ?     ? ? ? 'X-RAY DIFFRACTION' ? 
p_orthonormal_tor   ?     ? ? ? 'X-RAY DIFFRACTION' ? 
p_transverse_tor    ?     ? ? ? 'X-RAY DIFFRACTION' ? 
p_special_tor       ?     ? ? ? 'X-RAY DIFFRACTION' ? 
# 
_struct_ncs_oper.id             1 
_struct_ncs_oper.code           given 
_struct_ncs_oper.details        ? 
_struct_ncs_oper.matrix[1][1]   -0.82978532 
_struct_ncs_oper.matrix[1][2]   -0.54883027 
_struct_ncs_oper.matrix[1][3]   0.10085955 
_struct_ncs_oper.matrix[2][1]   -0.54846811 
_struct_ncs_oper.matrix[2][2]   0.76896133 
_struct_ncs_oper.matrix[2][3]   -0.32843774 
_struct_ncs_oper.matrix[3][1]   0.10273968 
_struct_ncs_oper.matrix[3][2]   -0.32790486 
_struct_ncs_oper.matrix[3][3]   -0.93907601 
_struct_ncs_oper.vector[1]      0.00688 
_struct_ncs_oper.vector[2]      -0.01769 
_struct_ncs_oper.vector[3]      0.02095 
# 
_struct.entry_id                  1XYS 
_struct.title                     'CATALYTIC CORE OF XYLANASE A E246C MUTANT' 
_struct.pdbx_model_details        ? 
_struct.pdbx_CASP_flag            ? 
_struct.pdbx_model_type_details   ? 
# 
_struct_keywords.entry_id        1XYS 
_struct_keywords.pdbx_keywords   HYDROLASE 
_struct_keywords.text            'FAMILY F XYLANASE, FAMILY 10 OF GLYCOSYL-HYDROLASE, HYDROLASE' 
# 
loop_
_struct_asym.id 
_struct_asym.pdbx_blank_PDB_chainid_flag 
_struct_asym.pdbx_modified 
_struct_asym.entity_id 
_struct_asym.details 
A N N 1 ? 
B N N 1 ? 
C N N 2 ? 
D N N 2 ? 
# 
_struct_ref.id                         1 
_struct_ref.db_name                    UNP 
_struct_ref.db_code                    XYNA_PSEFL 
_struct_ref.entity_id                  1 
_struct_ref.pdbx_db_accession          P14768 
_struct_ref.pdbx_align_begin           1 
_struct_ref.pdbx_seq_one_letter_code   
;MRTAMAKSLGAAAFLGAALFAHTLAAQTATCSYNITNEWNTGYTGDITITNRGSSAINGWSVNWQYATNRLSSSWNANVS
GSNPYSASNLSWNGNIQPGQSVSFGFQVNKNGGSAERPSVGGSICSGSVASSSAPASSVPSSIASSSPSSVASSVISSMA
SSSPVSSSSVASSTPGSSSGNQQCNWYGTLYPLCVTTTNGWGWEDQRSCIARSTCAAQPAPFGIVGSGSSTPVSSSSSSL
SSSSVVSSIRSSSSSSSSSVATGNGLASLADFPIGVAVAASGGNADIFTSSARQNIVRAEFNQITAENIMKMSYMYSGSN
FSFTNSDRLVSWAAQNGQTVHGHALVWHPSYQLPNWASDSNANFRQDFARHIDTVAAHFAGQVKSWDVVNEALFDSADDP
DGRGSANGYRQSVFYRQFGGPEYIDEAFRRARAADPTAELYYNDFNTEENGAKTTALVNLVQRLLNNGVPIDGVGFQMHV
MNDYPSIANIRQAMQKIVALSPTLKIKITELDVRLNNPYDGNSSNDYTNRNDCAVSCAGLDRQKARYKEIVQAYLEVVPP
GRRGGITVWGIADPDSWLYTHQNLPDWPLLFNDNLQPKPAYQGVVEALSGR
;
_struct_ref.pdbx_db_isoform            ? 
# 
loop_
_struct_ref_seq.align_id 
_struct_ref_seq.ref_id 
_struct_ref_seq.pdbx_PDB_id_code 
_struct_ref_seq.pdbx_strand_id 
_struct_ref_seq.seq_align_beg 
_struct_ref_seq.pdbx_seq_align_beg_ins_code 
_struct_ref_seq.seq_align_end 
_struct_ref_seq.pdbx_seq_align_end_ins_code 
_struct_ref_seq.pdbx_db_accession 
_struct_ref_seq.db_align_beg 
_struct_ref_seq.pdbx_db_align_beg_ins_code 
_struct_ref_seq.db_align_end 
_struct_ref_seq.pdbx_db_align_end_ins_code 
_struct_ref_seq.pdbx_auth_seq_align_beg 
_struct_ref_seq.pdbx_auth_seq_align_end 
1 1 1XYS A 1 ? 347 ? P14768 265 ? 611 ? 1 347 
2 1 1XYS B 1 ? 347 ? P14768 265 ? 611 ? 1 347 
# 
loop_
_struct_ref_seq_dif.align_id 
_struct_ref_seq_dif.pdbx_pdb_id_code 
_struct_ref_seq_dif.mon_id 
_struct_ref_seq_dif.pdbx_pdb_strand_id 
_struct_ref_seq_dif.seq_num 
_struct_ref_seq_dif.pdbx_pdb_ins_code 
_struct_ref_seq_dif.pdbx_seq_db_name 
_struct_ref_seq_dif.pdbx_seq_db_accession_code 
_struct_ref_seq_dif.db_mon_id 
_struct_ref_seq_dif.pdbx_seq_db_seq_num 
_struct_ref_seq_dif.details 
_struct_ref_seq_dif.pdbx_auth_seq_num 
_struct_ref_seq_dif.pdbx_ordinal 
1 1XYS CYS A 246 ? UNP P14768 GLU 510 conflict 246 1 
2 1XYS CYS B 246 ? UNP P14768 GLU 510 conflict 246 2 
# 
loop_
_pdbx_struct_assembly.id 
_pdbx_struct_assembly.details 
_pdbx_struct_assembly.method_details 
_pdbx_struct_assembly.oligomeric_details 
_pdbx_struct_assembly.oligomeric_count 
1 author_defined_assembly ? monomeric 1 
2 author_defined_assembly ? monomeric 1 
# 
loop_
_pdbx_struct_assembly_gen.assembly_id 
_pdbx_struct_assembly_gen.oper_expression 
_pdbx_struct_assembly_gen.asym_id_list 
1 1 A,C 
2 1 B,D 
# 
_pdbx_struct_oper_list.id                   1 
_pdbx_struct_oper_list.type                 'identity operation' 
_pdbx_struct_oper_list.name                 1_555 
_pdbx_struct_oper_list.symmetry_operation   x,y,z 
_pdbx_struct_oper_list.matrix[1][1]         1.0000000000 
_pdbx_struct_oper_list.matrix[1][2]         0.0000000000 
_pdbx_struct_oper_list.matrix[1][3]         0.0000000000 
_pdbx_struct_oper_list.vector[1]            0.0000000000 
_pdbx_struct_oper_list.matrix[2][1]         0.0000000000 
_pdbx_struct_oper_list.matrix[2][2]         1.0000000000 
_pdbx_struct_oper_list.matrix[2][3]         0.0000000000 
_pdbx_struct_oper_list.vector[2]            0.0000000000 
_pdbx_struct_oper_list.matrix[3][1]         0.0000000000 
_pdbx_struct_oper_list.matrix[3][2]         0.0000000000 
_pdbx_struct_oper_list.matrix[3][3]         1.0000000000 
_pdbx_struct_oper_list.vector[3]            0.0000000000 
# 
loop_
_struct_biol.id 
_struct_biol.details 
_struct_biol.pdbx_parent_biol_id 
1 
;MTRIX
 THE TRANSFORMATIONS PRESENTED ON MTRIX RECORDS BELOW
 DESCRIBE NON-CRYSTALLOGRAPHIC RELATIONSHIPS AMONG THE
 VARIOUS DOMAINS IN THIS ENTRY.  APPLYING THE APPROPRIATE
 MTRIX TRANSFORMATION TO THE RESIDUES LISTED FIRST WILL
 YIELD APPROXIMATE COORDINATES FOR THE RESIDUES LISTED
 SECOND.

           APPLIED TO           TRANSFORMED TO
 MTRIX      RESIDUES               RESIDUES         RMSD
   M1        1  ..     345          1  ..     345
;
? 
2 ? ? 
# 
loop_
_struct_site.id 
_struct_site.pdbx_evidence_code 
_struct_site.pdbx_auth_asym_id 
_struct_site.pdbx_auth_comp_id 
_struct_site.pdbx_auth_seq_id 
_struct_site.pdbx_auth_ins_code 
_struct_site.pdbx_num_residues 
_struct_site.details 
C Author ? ? ? ? 2 'CATALYTIC SITE' 
D Author ? ? ? ? 2 'CATALYTIC SITE' 
# 
loop_
_struct_site_gen.id 
_struct_site_gen.site_id 
_struct_site_gen.pdbx_num_res 
_struct_site_gen.label_comp_id 
_struct_site_gen.label_asym_id 
_struct_site_gen.label_seq_id 
_struct_site_gen.pdbx_auth_ins_code 
_struct_site_gen.auth_comp_id 
_struct_site_gen.auth_asym_id 
_struct_site_gen.auth_seq_id 
_struct_site_gen.label_atom_id 
_struct_site_gen.label_alt_id 
_struct_site_gen.symmetry 
_struct_site_gen.details 
1 C 2 GLU A 127 ? GLU A 127 . ? 1_555 ? 
2 C 2 CYS A 246 ? CYS A 246 . ? 1_555 ? 
3 D 2 GLU B 127 ? GLU B 127 . ? 1_555 ? 
4 D 2 CYS B 246 ? CYS B 246 . ? 1_555 ? 
# 
_pdbx_entry_details.entry_id                 1XYS 
_pdbx_entry_details.compound_details         
;COMPND
  MOLECULE: XYLANASE A. CATALYTIC DOMAIN.
;
_pdbx_entry_details.source_details           ? 
_pdbx_entry_details.nonpolymer_details       
;CALCIUM 348 IS BOUND TO ASP 256, ASN 261, ASN 253, AND
ASN 258.
;
_pdbx_entry_details.sequence_details         ? 
_pdbx_entry_details.has_ligand_of_interest   ? 
# 
loop_
_pdbx_unobs_or_zero_occ_residues.id 
_pdbx_unobs_or_zero_occ_residues.PDB_model_num 
_pdbx_unobs_or_zero_occ_residues.polymer_flag 
_pdbx_unobs_or_zero_occ_residues.occupancy_flag 
_pdbx_unobs_or_zero_occ_residues.auth_asym_id 
_pdbx_unobs_or_zero_occ_residues.auth_comp_id 
_pdbx_unobs_or_zero_occ_residues.auth_seq_id 
_pdbx_unobs_or_zero_occ_residues.PDB_ins_code 
_pdbx_unobs_or_zero_occ_residues.label_asym_id 
_pdbx_unobs_or_zero_occ_residues.label_comp_id 
_pdbx_unobs_or_zero_occ_residues.label_seq_id 
1 1 Y 1 A GLY 346 ? A GLY 346 
2 1 Y 1 A ARG 347 ? A ARG 347 
3 1 Y 1 B GLY 346 ? B GLY 346 
4 1 Y 1 B ARG 347 ? B ARG 347 
# 
loop_
_chem_comp_atom.comp_id 
_chem_comp_atom.atom_id 
_chem_comp_atom.type_symbol 
_chem_comp_atom.pdbx_aromatic_flag 
_chem_comp_atom.pdbx_stereo_config 
_chem_comp_atom.pdbx_ordinal 
ALA N    N  N N 1   
ALA CA   C  N S 2   
ALA C    C  N N 3   
ALA O    O  N N 4   
ALA CB   C  N N 5   
ALA OXT  O  N N 6   
ALA H    H  N N 7   
ALA H2   H  N N 8   
ALA HA   H  N N 9   
ALA HB1  H  N N 10  
ALA HB2  H  N N 11  
ALA HB3  H  N N 12  
ALA HXT  H  N N 13  
ARG N    N  N N 14  
ARG CA   C  N S 15  
ARG C    C  N N 16  
ARG O    O  N N 17  
ARG CB   C  N N 18  
ARG CG   C  N N 19  
ARG CD   C  N N 20  
ARG NE   N  N N 21  
ARG CZ   C  N N 22  
ARG NH1  N  N N 23  
ARG NH2  N  N N 24  
ARG OXT  O  N N 25  
ARG H    H  N N 26  
ARG H2   H  N N 27  
ARG HA   H  N N 28  
ARG HB2  H  N N 29  
ARG HB3  H  N N 30  
ARG HG2  H  N N 31  
ARG HG3  H  N N 32  
ARG HD2  H  N N 33  
ARG HD3  H  N N 34  
ARG HE   H  N N 35  
ARG HH11 H  N N 36  
ARG HH12 H  N N 37  
ARG HH21 H  N N 38  
ARG HH22 H  N N 39  
ARG HXT  H  N N 40  
ASN N    N  N N 41  
ASN CA   C  N S 42  
ASN C    C  N N 43  
ASN O    O  N N 44  
ASN CB   C  N N 45  
ASN CG   C  N N 46  
ASN OD1  O  N N 47  
ASN ND2  N  N N 48  
ASN OXT  O  N N 49  
ASN H    H  N N 50  
ASN H2   H  N N 51  
ASN HA   H  N N 52  
ASN HB2  H  N N 53  
ASN HB3  H  N N 54  
ASN HD21 H  N N 55  
ASN HD22 H  N N 56  
ASN HXT  H  N N 57  
ASP N    N  N N 58  
ASP CA   C  N S 59  
ASP C    C  N N 60  
ASP O    O  N N 61  
ASP CB   C  N N 62  
ASP CG   C  N N 63  
ASP OD1  O  N N 64  
ASP OD2  O  N N 65  
ASP OXT  O  N N 66  
ASP H    H  N N 67  
ASP H2   H  N N 68  
ASP HA   H  N N 69  
ASP HB2  H  N N 70  
ASP HB3  H  N N 71  
ASP HD2  H  N N 72  
ASP HXT  H  N N 73  
CA  CA   CA N N 74  
CYS N    N  N N 75  
CYS CA   C  N R 76  
CYS C    C  N N 77  
CYS O    O  N N 78  
CYS CB   C  N N 79  
CYS SG   S  N N 80  
CYS OXT  O  N N 81  
CYS H    H  N N 82  
CYS H2   H  N N 83  
CYS HA   H  N N 84  
CYS HB2  H  N N 85  
CYS HB3  H  N N 86  
CYS HG   H  N N 87  
CYS HXT  H  N N 88  
GLN N    N  N N 89  
GLN CA   C  N S 90  
GLN C    C  N N 91  
GLN O    O  N N 92  
GLN CB   C  N N 93  
GLN CG   C  N N 94  
GLN CD   C  N N 95  
GLN OE1  O  N N 96  
GLN NE2  N  N N 97  
GLN OXT  O  N N 98  
GLN H    H  N N 99  
GLN H2   H  N N 100 
GLN HA   H  N N 101 
GLN HB2  H  N N 102 
GLN HB3  H  N N 103 
GLN HG2  H  N N 104 
GLN HG3  H  N N 105 
GLN HE21 H  N N 106 
GLN HE22 H  N N 107 
GLN HXT  H  N N 108 
GLU N    N  N N 109 
GLU CA   C  N S 110 
GLU C    C  N N 111 
GLU O    O  N N 112 
GLU CB   C  N N 113 
GLU CG   C  N N 114 
GLU CD   C  N N 115 
GLU OE1  O  N N 116 
GLU OE2  O  N N 117 
GLU OXT  O  N N 118 
GLU H    H  N N 119 
GLU H2   H  N N 120 
GLU HA   H  N N 121 
GLU HB2  H  N N 122 
GLU HB3  H  N N 123 
GLU HG2  H  N N 124 
GLU HG3  H  N N 125 
GLU HE2  H  N N 126 
GLU HXT  H  N N 127 
GLY N    N  N N 128 
GLY CA   C  N N 129 
GLY C    C  N N 130 
GLY O    O  N N 131 
GLY OXT  O  N N 132 
GLY H    H  N N 133 
GLY H2   H  N N 134 
GLY HA2  H  N N 135 
GLY HA3  H  N N 136 
GLY HXT  H  N N 137 
HIS N    N  N N 138 
HIS CA   C  N S 139 
HIS C    C  N N 140 
HIS O    O  N N 141 
HIS CB   C  N N 142 
HIS CG   C  Y N 143 
HIS ND1  N  Y N 144 
HIS CD2  C  Y N 145 
HIS CE1  C  Y N 146 
HIS NE2  N  Y N 147 
HIS OXT  O  N N 148 
HIS H    H  N N 149 
HIS H2   H  N N 150 
HIS HA   H  N N 151 
HIS HB2  H  N N 152 
HIS HB3  H  N N 153 
HIS HD1  H  N N 154 
HIS HD2  H  N N 155 
HIS HE1  H  N N 156 
HIS HE2  H  N N 157 
HIS HXT  H  N N 158 
ILE N    N  N N 159 
ILE CA   C  N S 160 
ILE C    C  N N 161 
ILE O    O  N N 162 
ILE CB   C  N S 163 
ILE CG1  C  N N 164 
ILE CG2  C  N N 165 
ILE CD1  C  N N 166 
ILE OXT  O  N N 167 
ILE H    H  N N 168 
ILE H2   H  N N 169 
ILE HA   H  N N 170 
ILE HB   H  N N 171 
ILE HG12 H  N N 172 
ILE HG13 H  N N 173 
ILE HG21 H  N N 174 
ILE HG22 H  N N 175 
ILE HG23 H  N N 176 
ILE HD11 H  N N 177 
ILE HD12 H  N N 178 
ILE HD13 H  N N 179 
ILE HXT  H  N N 180 
LEU N    N  N N 181 
LEU CA   C  N S 182 
LEU C    C  N N 183 
LEU O    O  N N 184 
LEU CB   C  N N 185 
LEU CG   C  N N 186 
LEU CD1  C  N N 187 
LEU CD2  C  N N 188 
LEU OXT  O  N N 189 
LEU H    H  N N 190 
LEU H2   H  N N 191 
LEU HA   H  N N 192 
LEU HB2  H  N N 193 
LEU HB3  H  N N 194 
LEU HG   H  N N 195 
LEU HD11 H  N N 196 
LEU HD12 H  N N 197 
LEU HD13 H  N N 198 
LEU HD21 H  N N 199 
LEU HD22 H  N N 200 
LEU HD23 H  N N 201 
LEU HXT  H  N N 202 
LYS N    N  N N 203 
LYS CA   C  N S 204 
LYS C    C  N N 205 
LYS O    O  N N 206 
LYS CB   C  N N 207 
LYS CG   C  N N 208 
LYS CD   C  N N 209 
LYS CE   C  N N 210 
LYS NZ   N  N N 211 
LYS OXT  O  N N 212 
LYS H    H  N N 213 
LYS H2   H  N N 214 
LYS HA   H  N N 215 
LYS HB2  H  N N 216 
LYS HB3  H  N N 217 
LYS HG2  H  N N 218 
LYS HG3  H  N N 219 
LYS HD2  H  N N 220 
LYS HD3  H  N N 221 
LYS HE2  H  N N 222 
LYS HE3  H  N N 223 
LYS HZ1  H  N N 224 
LYS HZ2  H  N N 225 
LYS HZ3  H  N N 226 
LYS HXT  H  N N 227 
MET N    N  N N 228 
MET CA   C  N S 229 
MET C    C  N N 230 
MET O    O  N N 231 
MET CB   C  N N 232 
MET CG   C  N N 233 
MET SD   S  N N 234 
MET CE   C  N N 235 
MET OXT  O  N N 236 
MET H    H  N N 237 
MET H2   H  N N 238 
MET HA   H  N N 239 
MET HB2  H  N N 240 
MET HB3  H  N N 241 
MET HG2  H  N N 242 
MET HG3  H  N N 243 
MET HE1  H  N N 244 
MET HE2  H  N N 245 
MET HE3  H  N N 246 
MET HXT  H  N N 247 
PHE N    N  N N 248 
PHE CA   C  N S 249 
PHE C    C  N N 250 
PHE O    O  N N 251 
PHE CB   C  N N 252 
PHE CG   C  Y N 253 
PHE CD1  C  Y N 254 
PHE CD2  C  Y N 255 
PHE CE1  C  Y N 256 
PHE CE2  C  Y N 257 
PHE CZ   C  Y N 258 
PHE OXT  O  N N 259 
PHE H    H  N N 260 
PHE H2   H  N N 261 
PHE HA   H  N N 262 
PHE HB2  H  N N 263 
PHE HB3  H  N N 264 
PHE HD1  H  N N 265 
PHE HD2  H  N N 266 
PHE HE1  H  N N 267 
PHE HE2  H  N N 268 
PHE HZ   H  N N 269 
PHE HXT  H  N N 270 
PRO N    N  N N 271 
PRO CA   C  N S 272 
PRO C    C  N N 273 
PRO O    O  N N 274 
PRO CB   C  N N 275 
PRO CG   C  N N 276 
PRO CD   C  N N 277 
PRO OXT  O  N N 278 
PRO H    H  N N 279 
PRO HA   H  N N 280 
PRO HB2  H  N N 281 
PRO HB3  H  N N 282 
PRO HG2  H  N N 283 
PRO HG3  H  N N 284 
PRO HD2  H  N N 285 
PRO HD3  H  N N 286 
PRO HXT  H  N N 287 
SER N    N  N N 288 
SER CA   C  N S 289 
SER C    C  N N 290 
SER O    O  N N 291 
SER CB   C  N N 292 
SER OG   O  N N 293 
SER OXT  O  N N 294 
SER H    H  N N 295 
SER H2   H  N N 296 
SER HA   H  N N 297 
SER HB2  H  N N 298 
SER HB3  H  N N 299 
SER HG   H  N N 300 
SER HXT  H  N N 301 
THR N    N  N N 302 
THR CA   C  N S 303 
THR C    C  N N 304 
THR O    O  N N 305 
THR CB   C  N R 306 
THR OG1  O  N N 307 
THR CG2  C  N N 308 
THR OXT  O  N N 309 
THR H    H  N N 310 
THR H2   H  N N 311 
THR HA   H  N N 312 
THR HB   H  N N 313 
THR HG1  H  N N 314 
THR HG21 H  N N 315 
THR HG22 H  N N 316 
THR HG23 H  N N 317 
THR HXT  H  N N 318 
TRP N    N  N N 319 
TRP CA   C  N S 320 
TRP C    C  N N 321 
TRP O    O  N N 322 
TRP CB   C  N N 323 
TRP CG   C  Y N 324 
TRP CD1  C  Y N 325 
TRP CD2  C  Y N 326 
TRP NE1  N  Y N 327 
TRP CE2  C  Y N 328 
TRP CE3  C  Y N 329 
TRP CZ2  C  Y N 330 
TRP CZ3  C  Y N 331 
TRP CH2  C  Y N 332 
TRP OXT  O  N N 333 
TRP H    H  N N 334 
TRP H2   H  N N 335 
TRP HA   H  N N 336 
TRP HB2  H  N N 337 
TRP HB3  H  N N 338 
TRP HD1  H  N N 339 
TRP HE1  H  N N 340 
TRP HE3  H  N N 341 
TRP HZ2  H  N N 342 
TRP HZ3  H  N N 343 
TRP HH2  H  N N 344 
TRP HXT  H  N N 345 
TYR N    N  N N 346 
TYR CA   C  N S 347 
TYR C    C  N N 348 
TYR O    O  N N 349 
TYR CB   C  N N 350 
TYR CG   C  Y N 351 
TYR CD1  C  Y N 352 
TYR CD2  C  Y N 353 
TYR CE1  C  Y N 354 
TYR CE2  C  Y N 355 
TYR CZ   C  Y N 356 
TYR OH   O  N N 357 
TYR OXT  O  N N 358 
TYR H    H  N N 359 
TYR H2   H  N N 360 
TYR HA   H  N N 361 
TYR HB2  H  N N 362 
TYR HB3  H  N N 363 
TYR HD1  H  N N 364 
TYR HD2  H  N N 365 
TYR HE1  H  N N 366 
TYR HE2  H  N N 367 
TYR HH   H  N N 368 
TYR HXT  H  N N 369 
VAL N    N  N N 370 
VAL CA   C  N S 371 
VAL C    C  N N 372 
VAL O    O  N N 373 
VAL CB   C  N N 374 
VAL CG1  C  N N 375 
VAL CG2  C  N N 376 
VAL OXT  O  N N 377 
VAL H    H  N N 378 
VAL H2   H  N N 379 
VAL HA   H  N N 380 
VAL HB   H  N N 381 
VAL HG11 H  N N 382 
VAL HG12 H  N N 383 
VAL HG13 H  N N 384 
VAL HG21 H  N N 385 
VAL HG22 H  N N 386 
VAL HG23 H  N N 387 
VAL HXT  H  N N 388 
# 
loop_
_chem_comp_bond.comp_id 
_chem_comp_bond.atom_id_1 
_chem_comp_bond.atom_id_2 
_chem_comp_bond.value_order 
_chem_comp_bond.pdbx_aromatic_flag 
_chem_comp_bond.pdbx_stereo_config 
_chem_comp_bond.pdbx_ordinal 
ALA N   CA   sing N N 1   
ALA N   H    sing N N 2   
ALA N   H2   sing N N 3   
ALA CA  C    sing N N 4   
ALA CA  CB   sing N N 5   
ALA CA  HA   sing N N 6   
ALA C   O    doub N N 7   
ALA C   OXT  sing N N 8   
ALA CB  HB1  sing N N 9   
ALA CB  HB2  sing N N 10  
ALA CB  HB3  sing N N 11  
ALA OXT HXT  sing N N 12  
ARG N   CA   sing N N 13  
ARG N   H    sing N N 14  
ARG N   H2   sing N N 15  
ARG CA  C    sing N N 16  
ARG CA  CB   sing N N 17  
ARG CA  HA   sing N N 18  
ARG C   O    doub N N 19  
ARG C   OXT  sing N N 20  
ARG CB  CG   sing N N 21  
ARG CB  HB2  sing N N 22  
ARG CB  HB3  sing N N 23  
ARG CG  CD   sing N N 24  
ARG CG  HG2  sing N N 25  
ARG CG  HG3  sing N N 26  
ARG CD  NE   sing N N 27  
ARG CD  HD2  sing N N 28  
ARG CD  HD3  sing N N 29  
ARG NE  CZ   sing N N 30  
ARG NE  HE   sing N N 31  
ARG CZ  NH1  sing N N 32  
ARG CZ  NH2  doub N N 33  
ARG NH1 HH11 sing N N 34  
ARG NH1 HH12 sing N N 35  
ARG NH2 HH21 sing N N 36  
ARG NH2 HH22 sing N N 37  
ARG OXT HXT  sing N N 38  
ASN N   CA   sing N N 39  
ASN N   H    sing N N 40  
ASN N   H2   sing N N 41  
ASN CA  C    sing N N 42  
ASN CA  CB   sing N N 43  
ASN CA  HA   sing N N 44  
ASN C   O    doub N N 45  
ASN C   OXT  sing N N 46  
ASN CB  CG   sing N N 47  
ASN CB  HB2  sing N N 48  
ASN CB  HB3  sing N N 49  
ASN CG  OD1  doub N N 50  
ASN CG  ND2  sing N N 51  
ASN ND2 HD21 sing N N 52  
ASN ND2 HD22 sing N N 53  
ASN OXT HXT  sing N N 54  
ASP N   CA   sing N N 55  
ASP N   H    sing N N 56  
ASP N   H2   sing N N 57  
ASP CA  C    sing N N 58  
ASP CA  CB   sing N N 59  
ASP CA  HA   sing N N 60  
ASP C   O    doub N N 61  
ASP C   OXT  sing N N 62  
ASP CB  CG   sing N N 63  
ASP CB  HB2  sing N N 64  
ASP CB  HB3  sing N N 65  
ASP CG  OD1  doub N N 66  
ASP CG  OD2  sing N N 67  
ASP OD2 HD2  sing N N 68  
ASP OXT HXT  sing N N 69  
CYS N   CA   sing N N 70  
CYS N   H    sing N N 71  
CYS N   H2   sing N N 72  
CYS CA  C    sing N N 73  
CYS CA  CB   sing N N 74  
CYS CA  HA   sing N N 75  
CYS C   O    doub N N 76  
CYS C   OXT  sing N N 77  
CYS CB  SG   sing N N 78  
CYS CB  HB2  sing N N 79  
CYS CB  HB3  sing N N 80  
CYS SG  HG   sing N N 81  
CYS OXT HXT  sing N N 82  
GLN N   CA   sing N N 83  
GLN N   H    sing N N 84  
GLN N   H2   sing N N 85  
GLN CA  C    sing N N 86  
GLN CA  CB   sing N N 87  
GLN CA  HA   sing N N 88  
GLN C   O    doub N N 89  
GLN C   OXT  sing N N 90  
GLN CB  CG   sing N N 91  
GLN CB  HB2  sing N N 92  
GLN CB  HB3  sing N N 93  
GLN CG  CD   sing N N 94  
GLN CG  HG2  sing N N 95  
GLN CG  HG3  sing N N 96  
GLN CD  OE1  doub N N 97  
GLN CD  NE2  sing N N 98  
GLN NE2 HE21 sing N N 99  
GLN NE2 HE22 sing N N 100 
GLN OXT HXT  sing N N 101 
GLU N   CA   sing N N 102 
GLU N   H    sing N N 103 
GLU N   H2   sing N N 104 
GLU CA  C    sing N N 105 
GLU CA  CB   sing N N 106 
GLU CA  HA   sing N N 107 
GLU C   O    doub N N 108 
GLU C   OXT  sing N N 109 
GLU CB  CG   sing N N 110 
GLU CB  HB2  sing N N 111 
GLU CB  HB3  sing N N 112 
GLU CG  CD   sing N N 113 
GLU CG  HG2  sing N N 114 
GLU CG  HG3  sing N N 115 
GLU CD  OE1  doub N N 116 
GLU CD  OE2  sing N N 117 
GLU OE2 HE2  sing N N 118 
GLU OXT HXT  sing N N 119 
GLY N   CA   sing N N 120 
GLY N   H    sing N N 121 
GLY N   H2   sing N N 122 
GLY CA  C    sing N N 123 
GLY CA  HA2  sing N N 124 
GLY CA  HA3  sing N N 125 
GLY C   O    doub N N 126 
GLY C   OXT  sing N N 127 
GLY OXT HXT  sing N N 128 
HIS N   CA   sing N N 129 
HIS N   H    sing N N 130 
HIS N   H2   sing N N 131 
HIS CA  C    sing N N 132 
HIS CA  CB   sing N N 133 
HIS CA  HA   sing N N 134 
HIS C   O    doub N N 135 
HIS C   OXT  sing N N 136 
HIS CB  CG   sing N N 137 
HIS CB  HB2  sing N N 138 
HIS CB  HB3  sing N N 139 
HIS CG  ND1  sing Y N 140 
HIS CG  CD2  doub Y N 141 
HIS ND1 CE1  doub Y N 142 
HIS ND1 HD1  sing N N 143 
HIS CD2 NE2  sing Y N 144 
HIS CD2 HD2  sing N N 145 
HIS CE1 NE2  sing Y N 146 
HIS CE1 HE1  sing N N 147 
HIS NE2 HE2  sing N N 148 
HIS OXT HXT  sing N N 149 
ILE N   CA   sing N N 150 
ILE N   H    sing N N 151 
ILE N   H2   sing N N 152 
ILE CA  C    sing N N 153 
ILE CA  CB   sing N N 154 
ILE CA  HA   sing N N 155 
ILE C   O    doub N N 156 
ILE C   OXT  sing N N 157 
ILE CB  CG1  sing N N 158 
ILE CB  CG2  sing N N 159 
ILE CB  HB   sing N N 160 
ILE CG1 CD1  sing N N 161 
ILE CG1 HG12 sing N N 162 
ILE CG1 HG13 sing N N 163 
ILE CG2 HG21 sing N N 164 
ILE CG2 HG22 sing N N 165 
ILE CG2 HG23 sing N N 166 
ILE CD1 HD11 sing N N 167 
ILE CD1 HD12 sing N N 168 
ILE CD1 HD13 sing N N 169 
ILE OXT HXT  sing N N 170 
LEU N   CA   sing N N 171 
LEU N   H    sing N N 172 
LEU N   H2   sing N N 173 
LEU CA  C    sing N N 174 
LEU CA  CB   sing N N 175 
LEU CA  HA   sing N N 176 
LEU C   O    doub N N 177 
LEU C   OXT  sing N N 178 
LEU CB  CG   sing N N 179 
LEU CB  HB2  sing N N 180 
LEU CB  HB3  sing N N 181 
LEU CG  CD1  sing N N 182 
LEU CG  CD2  sing N N 183 
LEU CG  HG   sing N N 184 
LEU CD1 HD11 sing N N 185 
LEU CD1 HD12 sing N N 186 
LEU CD1 HD13 sing N N 187 
LEU CD2 HD21 sing N N 188 
LEU CD2 HD22 sing N N 189 
LEU CD2 HD23 sing N N 190 
LEU OXT HXT  sing N N 191 
LYS N   CA   sing N N 192 
LYS N   H    sing N N 193 
LYS N   H2   sing N N 194 
LYS CA  C    sing N N 195 
LYS CA  CB   sing N N 196 
LYS CA  HA   sing N N 197 
LYS C   O    doub N N 198 
LYS C   OXT  sing N N 199 
LYS CB  CG   sing N N 200 
LYS CB  HB2  sing N N 201 
LYS CB  HB3  sing N N 202 
LYS CG  CD   sing N N 203 
LYS CG  HG2  sing N N 204 
LYS CG  HG3  sing N N 205 
LYS CD  CE   sing N N 206 
LYS CD  HD2  sing N N 207 
LYS CD  HD3  sing N N 208 
LYS CE  NZ   sing N N 209 
LYS CE  HE2  sing N N 210 
LYS CE  HE3  sing N N 211 
LYS NZ  HZ1  sing N N 212 
LYS NZ  HZ2  sing N N 213 
LYS NZ  HZ3  sing N N 214 
LYS OXT HXT  sing N N 215 
MET N   CA   sing N N 216 
MET N   H    sing N N 217 
MET N   H2   sing N N 218 
MET CA  C    sing N N 219 
MET CA  CB   sing N N 220 
MET CA  HA   sing N N 221 
MET C   O    doub N N 222 
MET C   OXT  sing N N 223 
MET CB  CG   sing N N 224 
MET CB  HB2  sing N N 225 
MET CB  HB3  sing N N 226 
MET CG  SD   sing N N 227 
MET CG  HG2  sing N N 228 
MET CG  HG3  sing N N 229 
MET SD  CE   sing N N 230 
MET CE  HE1  sing N N 231 
MET CE  HE2  sing N N 232 
MET CE  HE3  sing N N 233 
MET OXT HXT  sing N N 234 
PHE N   CA   sing N N 235 
PHE N   H    sing N N 236 
PHE N   H2   sing N N 237 
PHE CA  C    sing N N 238 
PHE CA  CB   sing N N 239 
PHE CA  HA   sing N N 240 
PHE C   O    doub N N 241 
PHE C   OXT  sing N N 242 
PHE CB  CG   sing N N 243 
PHE CB  HB2  sing N N 244 
PHE CB  HB3  sing N N 245 
PHE CG  CD1  doub Y N 246 
PHE CG  CD2  sing Y N 247 
PHE CD1 CE1  sing Y N 248 
PHE CD1 HD1  sing N N 249 
PHE CD2 CE2  doub Y N 250 
PHE CD2 HD2  sing N N 251 
PHE CE1 CZ   doub Y N 252 
PHE CE1 HE1  sing N N 253 
PHE CE2 CZ   sing Y N 254 
PHE CE2 HE2  sing N N 255 
PHE CZ  HZ   sing N N 256 
PHE OXT HXT  sing N N 257 
PRO N   CA   sing N N 258 
PRO N   CD   sing N N 259 
PRO N   H    sing N N 260 
PRO CA  C    sing N N 261 
PRO CA  CB   sing N N 262 
PRO CA  HA   sing N N 263 
PRO C   O    doub N N 264 
PRO C   OXT  sing N N 265 
PRO CB  CG   sing N N 266 
PRO CB  HB2  sing N N 267 
PRO CB  HB3  sing N N 268 
PRO CG  CD   sing N N 269 
PRO CG  HG2  sing N N 270 
PRO CG  HG3  sing N N 271 
PRO CD  HD2  sing N N 272 
PRO CD  HD3  sing N N 273 
PRO OXT HXT  sing N N 274 
SER N   CA   sing N N 275 
SER N   H    sing N N 276 
SER N   H2   sing N N 277 
SER CA  C    sing N N 278 
SER CA  CB   sing N N 279 
SER CA  HA   sing N N 280 
SER C   O    doub N N 281 
SER C   OXT  sing N N 282 
SER CB  OG   sing N N 283 
SER CB  HB2  sing N N 284 
SER CB  HB3  sing N N 285 
SER OG  HG   sing N N 286 
SER OXT HXT  sing N N 287 
THR N   CA   sing N N 288 
THR N   H    sing N N 289 
THR N   H2   sing N N 290 
THR CA  C    sing N N 291 
THR CA  CB   sing N N 292 
THR CA  HA   sing N N 293 
THR C   O    doub N N 294 
THR C   OXT  sing N N 295 
THR CB  OG1  sing N N 296 
THR CB  CG2  sing N N 297 
THR CB  HB   sing N N 298 
THR OG1 HG1  sing N N 299 
THR CG2 HG21 sing N N 300 
THR CG2 HG22 sing N N 301 
THR CG2 HG23 sing N N 302 
THR OXT HXT  sing N N 303 
TRP N   CA   sing N N 304 
TRP N   H    sing N N 305 
TRP N   H2   sing N N 306 
TRP CA  C    sing N N 307 
TRP CA  CB   sing N N 308 
TRP CA  HA   sing N N 309 
TRP C   O    doub N N 310 
TRP C   OXT  sing N N 311 
TRP CB  CG   sing N N 312 
TRP CB  HB2  sing N N 313 
TRP CB  HB3  sing N N 314 
TRP CG  CD1  doub Y N 315 
TRP CG  CD2  sing Y N 316 
TRP CD1 NE1  sing Y N 317 
TRP CD1 HD1  sing N N 318 
TRP CD2 CE2  doub Y N 319 
TRP CD2 CE3  sing Y N 320 
TRP NE1 CE2  sing Y N 321 
TRP NE1 HE1  sing N N 322 
TRP CE2 CZ2  sing Y N 323 
TRP CE3 CZ3  doub Y N 324 
TRP CE3 HE3  sing N N 325 
TRP CZ2 CH2  doub Y N 326 
TRP CZ2 HZ2  sing N N 327 
TRP CZ3 CH2  sing Y N 328 
TRP CZ3 HZ3  sing N N 329 
TRP CH2 HH2  sing N N 330 
TRP OXT HXT  sing N N 331 
TYR N   CA   sing N N 332 
TYR N   H    sing N N 333 
TYR N   H2   sing N N 334 
TYR CA  C    sing N N 335 
TYR CA  CB   sing N N 336 
TYR CA  HA   sing N N 337 
TYR C   O    doub N N 338 
TYR C   OXT  sing N N 339 
TYR CB  CG   sing N N 340 
TYR CB  HB2  sing N N 341 
TYR CB  HB3  sing N N 342 
TYR CG  CD1  doub Y N 343 
TYR CG  CD2  sing Y N 344 
TYR CD1 CE1  sing Y N 345 
TYR CD1 HD1  sing N N 346 
TYR CD2 CE2  doub Y N 347 
TYR CD2 HD2  sing N N 348 
TYR CE1 CZ   doub Y N 349 
TYR CE1 HE1  sing N N 350 
TYR CE2 CZ   sing Y N 351 
TYR CE2 HE2  sing N N 352 
TYR CZ  OH   sing N N 353 
TYR OH  HH   sing N N 354 
TYR OXT HXT  sing N N 355 
VAL N   CA   sing N N 356 
VAL N   H    sing N N 357 
VAL N   H2   sing N N 358 
VAL CA  C    sing N N 359 
VAL CA  CB   sing N N 360 
VAL CA  HA   sing N N 361 
VAL C   O    doub N N 362 
VAL C   OXT  sing N N 363 
VAL CB  CG1  sing N N 364 
VAL CB  CG2  sing N N 365 
VAL CB  HB   sing N N 366 
VAL CG1 HG11 sing N N 367 
VAL CG1 HG12 sing N N 368 
VAL CG1 HG13 sing N N 369 
VAL CG2 HG21 sing N N 370 
VAL CG2 HG22 sing N N 371 
VAL CG2 HG23 sing N N 372 
VAL OXT HXT  sing N N 373 
# 
loop_
_pdbx_coordinate_model.asym_id 
_pdbx_coordinate_model.type 
A 'CA ATOMS ONLY' 
B 'CA ATOMS ONLY' 
# 
_atom_sites.entry_id                    1XYS 
_atom_sites.fract_transf_matrix[1][1]   0.00231854 
_atom_sites.fract_transf_matrix[1][2]   -0.00071684 
_atom_sites.fract_transf_matrix[1][3]   -0.00996474 
_atom_sites.fract_transf_matrix[2][1]   -0.00843619 
_atom_sites.fract_transf_matrix[2][2]   0.00533928 
_atom_sites.fract_transf_matrix[2][3]   -0.00234698 
_atom_sites.fract_transf_matrix[3][1]   0.00342621 
_atom_sites.fract_transf_matrix[3][2]   0.00558724 
_atom_sites.fract_transf_matrix[3][3]   0.00039526 
_atom_sites.fract_transf_vector[1]      0.792749 
_atom_sites.fract_transf_vector[2]      0.396743 
_atom_sites.fract_transf_vector[3]      0.478989 
# 
_atom_sites_footnote.id     1 
_atom_sites_footnote.text   'CIS PROLINE - PRO   221' 
# 
loop_
_atom_type.symbol 
C  
CA 
# 
loop_
_atom_site.group_PDB 
_atom_site.id 
_atom_site.type_symbol 
_atom_site.label_atom_id 
_atom_site.label_alt_id 
_atom_site.label_comp_id 
_atom_site.label_asym_id 
_atom_site.label_entity_id 
_atom_site.label_seq_id 
_atom_site.pdbx_PDB_ins_code 
_atom_site.Cartn_x 
_atom_site.Cartn_y 
_atom_site.Cartn_z 
_atom_site.occupancy 
_atom_site.B_iso_or_equiv 
_atom_site.pdbx_formal_charge 
_atom_site.auth_seq_id 
_atom_site.auth_comp_id 
_atom_site.auth_asym_id 
_atom_site.auth_atom_id 
_atom_site.pdbx_PDB_model_num 
ATOM   1   C  CA . GLY A 1 1   ? -30.591 7.298   -10.405 1.00 0.00 ? 1   GLY A CA 1 
ATOM   2   C  CA . LEU A 1 2   ? -28.035 4.671   -10.944 1.00 0.00 ? 2   LEU A CA 1 
ATOM   3   C  CA . ALA A 1 3   ? -30.194 3.346   -8.055  1.00 0.00 ? 3   ALA A CA 1 
ATOM   4   C  CA . SER A 1 4   ? -33.447 4.032   -9.914  1.00 0.00 ? 4   SER A CA 1 
ATOM   5   C  CA . LEU A 1 5   ? -32.441 1.567   -12.657 1.00 0.00 ? 5   LEU A CA 1 
ATOM   6   C  CA . ALA A 1 6   ? -32.217 -1.381  -10.267 1.00 0.00 ? 6   ALA A CA 1 
ATOM   7   C  CA . ASP A 1 7   ? -34.454 -3.404  -7.885  1.00 0.00 ? 7   ASP A CA 1 
ATOM   8   C  CA . PHE A 1 8   ? -31.524 -4.172  -5.573  1.00 0.00 ? 8   PHE A CA 1 
ATOM   9   C  CA . PRO A 1 9   ? -29.151 -1.858  -3.579  1.00 0.00 ? 9   PRO A CA 1 
ATOM   10  C  CA . ILE A 1 10  ? -26.666 0.210   -5.525  1.00 0.00 ? 10  ILE A CA 1 
ATOM   11  C  CA . GLY A 1 11  ? -24.294 1.448   -2.731  1.00 0.00 ? 11  GLY A CA 1 
ATOM   12  C  CA . VAL A 1 12  ? -21.072 3.538   -2.280  1.00 0.00 ? 12  VAL A CA 1 
ATOM   13  C  CA . ALA A 1 13  ? -18.382 3.423   0.453   1.00 0.00 ? 13  ALA A CA 1 
ATOM   14  C  CA . VAL A 1 14  ? -17.972 6.784   2.201   1.00 0.00 ? 14  VAL A CA 1 
ATOM   15  C  CA . ALA A 1 15  ? -15.075 8.438   4.011   1.00 0.00 ? 15  ALA A CA 1 
ATOM   16  C  CA . ALA A 1 16  ? -15.607 10.233  7.337   1.00 0.00 ? 16  ALA A CA 1 
ATOM   17  C  CA . SER A 1 17  ? -12.110 10.784  8.797   1.00 0.00 ? 17  SER A CA 1 
ATOM   18  C  CA . GLY A 1 18  ? -11.375 14.424  7.789   1.00 0.00 ? 18  GLY A CA 1 
ATOM   19  C  CA . GLY A 1 19  ? -9.814  15.508  4.499   1.00 0.00 ? 19  GLY A CA 1 
ATOM   20  C  CA . ASN A 1 20  ? -11.324 16.158  1.078   1.00 0.00 ? 20  ASN A CA 1 
ATOM   21  C  CA . ALA A 1 21  ? -13.439 13.015  0.797   1.00 0.00 ? 21  ALA A CA 1 
ATOM   22  C  CA . ASP A 1 22  ? -15.110 13.351  4.178   1.00 0.00 ? 22  ASP A CA 1 
ATOM   23  C  CA . ILE A 1 23  ? -18.837 12.942  3.651   1.00 0.00 ? 23  ILE A CA 1 
ATOM   24  C  CA . PHE A 1 24  ? -19.863 15.425  6.419   1.00 0.00 ? 24  PHE A CA 1 
ATOM   25  C  CA . THR A 1 25  ? -17.727 18.257  4.897   1.00 0.00 ? 25  THR A CA 1 
ATOM   26  C  CA . SER A 1 26  ? -18.101 17.576  1.151   1.00 0.00 ? 26  SER A CA 1 
ATOM   27  C  CA . SER A 1 27  ? -21.503 18.690  -0.084  1.00 0.00 ? 27  SER A CA 1 
ATOM   28  C  CA . ALA A 1 28  ? -20.704 17.838  -3.657  1.00 0.00 ? 28  ALA A CA 1 
ATOM   29  C  CA . ARG A 1 29  ? -20.167 14.311  -2.444  1.00 0.00 ? 29  ARG A CA 1 
ATOM   30  C  CA . GLN A 1 30  ? -23.345 14.352  -0.400  1.00 0.00 ? 30  GLN A CA 1 
ATOM   31  C  CA . ASN A 1 31  ? -25.207 15.406  -3.532  1.00 0.00 ? 31  ASN A CA 1 
ATOM   32  C  CA . ILE A 1 32  ? -23.781 12.551  -5.548  1.00 0.00 ? 32  ILE A CA 1 
ATOM   33  C  CA . VAL A 1 33  ? -24.887 10.003  -2.959  1.00 0.00 ? 33  VAL A CA 1 
ATOM   34  C  CA . ARG A 1 34  ? -28.419 11.488  -2.570  1.00 0.00 ? 34  ARG A CA 1 
ATOM   35  C  CA . ALA A 1 35  ? -28.674 11.363  -6.358  1.00 0.00 ? 35  ALA A CA 1 
ATOM   36  C  CA . GLU A 1 36  ? -27.046 8.076   -7.313  1.00 0.00 ? 36  GLU A CA 1 
ATOM   37  C  CA . PHE A 1 37  ? -27.026 5.454   -4.562  1.00 0.00 ? 37  PHE A CA 1 
ATOM   38  C  CA . ASN A 1 38  ? -29.479 3.944   -2.017  1.00 0.00 ? 38  ASN A CA 1 
ATOM   39  C  CA . GLN A 1 39  ? -27.043 2.417   0.459   1.00 0.00 ? 39  GLN A CA 1 
ATOM   40  C  CA . ILE A 1 40  ? -23.595 3.375   1.852   1.00 0.00 ? 40  ILE A CA 1 
ATOM   41  C  CA . THR A 1 41  ? -20.887 1.237   3.662   1.00 0.00 ? 41  THR A CA 1 
ATOM   42  C  CA . ALA A 1 42  ? -18.472 3.075   5.916   1.00 0.00 ? 42  ALA A CA 1 
ATOM   43  C  CA . GLU A 1 43  ? -14.988 2.744   4.386   1.00 0.00 ? 43  GLU A CA 1 
ATOM   44  C  CA . ASN A 1 44  ? -13.261 2.844   7.801   1.00 0.00 ? 44  ASN A CA 1 
ATOM   45  C  CA . ILE A 1 45  ? -15.299 4.085   10.751  1.00 0.00 ? 45  ILE A CA 1 
ATOM   46  C  CA . MET A 1 46  ? -17.265 0.891   11.468  1.00 0.00 ? 46  MET A CA 1 
ATOM   47  C  CA . LYS A 1 47  ? -14.242 -1.422  11.893  1.00 0.00 ? 47  LYS A CA 1 
ATOM   48  C  CA . MET A 1 48  ? -13.691 -3.145  15.231  1.00 0.00 ? 48  MET A CA 1 
ATOM   49  C  CA . SER A 1 49  ? -11.463 -0.625  17.071  1.00 0.00 ? 49  SER A CA 1 
ATOM   50  C  CA . TYR A 1 50  ? -13.777 2.271   16.122  1.00 0.00 ? 50  TYR A CA 1 
ATOM   51  C  CA . MET A 1 51  ? -16.506 0.911   18.461  1.00 0.00 ? 51  MET A CA 1 
ATOM   52  C  CA . TYR A 1 52  ? -14.323 1.419   21.559  1.00 0.00 ? 52  TYR A CA 1 
ATOM   53  C  CA . SER A 1 53  ? -13.182 4.404   23.618  1.00 0.00 ? 53  SER A CA 1 
ATOM   54  C  CA . GLY A 1 54  ? -10.395 2.533   25.351  1.00 0.00 ? 54  GLY A CA 1 
ATOM   55  C  CA . SER A 1 55  ? -12.144 -0.517  26.807  1.00 0.00 ? 55  SER A CA 1 
ATOM   56  C  CA . ASN A 1 56  ? -15.627 0.994   26.838  1.00 0.00 ? 56  ASN A CA 1 
ATOM   57  C  CA . PHE A 1 57  ? -17.857 0.998   23.757  1.00 0.00 ? 57  PHE A CA 1 
ATOM   58  C  CA . SER A 1 58  ? -18.391 4.372   22.034  1.00 0.00 ? 58  SER A CA 1 
ATOM   59  C  CA . PHE A 1 59  ? -20.919 4.611   19.178  1.00 0.00 ? 59  PHE A CA 1 
ATOM   60  C  CA . THR A 1 60  ? -20.817 8.348   18.674  1.00 0.00 ? 60  THR A CA 1 
ATOM   61  C  CA . ASN A 1 61  ? -19.016 8.626   15.353  1.00 0.00 ? 61  ASN A CA 1 
ATOM   62  C  CA . SER A 1 62  ? -20.831 5.690   13.689  1.00 0.00 ? 62  SER A CA 1 
ATOM   63  C  CA . ASP A 1 63  ? -24.242 6.819   14.956  1.00 0.00 ? 63  ASP A CA 1 
ATOM   64  C  CA . ARG A 1 64  ? -23.740 10.208  13.316  1.00 0.00 ? 64  ARG A CA 1 
ATOM   65  C  CA . LEU A 1 65  ? -23.001 8.479   10.037  1.00 0.00 ? 65  LEU A CA 1 
ATOM   66  C  CA . VAL A 1 66  ? -25.761 5.922   10.379  1.00 0.00 ? 66  VAL A CA 1 
ATOM   67  C  CA . SER A 1 67  ? -28.138 8.832   10.996  1.00 0.00 ? 67  SER A CA 1 
ATOM   68  C  CA . TRP A 1 68  ? -26.887 10.903  8.074   1.00 0.00 ? 68  TRP A CA 1 
ATOM   69  C  CA . ALA A 1 69  ? -27.701 7.833   5.970   1.00 0.00 ? 69  ALA A CA 1 
ATOM   70  C  CA . ALA A 1 70  ? -31.344 7.691   7.163   1.00 0.00 ? 70  ALA A CA 1 
ATOM   71  C  CA . GLN A 1 71  ? -32.041 11.381  6.596   1.00 0.00 ? 71  GLN A CA 1 
ATOM   72  C  CA . ASN A 1 72  ? -30.510 11.192  3.129   1.00 0.00 ? 72  ASN A CA 1 
ATOM   73  C  CA . GLY A 1 73  ? -32.324 8.171   1.836   1.00 0.00 ? 73  GLY A CA 1 
ATOM   74  C  CA . GLN A 1 74  ? -29.654 5.425   2.195   1.00 0.00 ? 74  GLN A CA 1 
ATOM   75  C  CA . THR A 1 75  ? -29.576 2.055   3.844   1.00 0.00 ? 75  THR A CA 1 
ATOM   76  C  CA . VAL A 1 76  ? -26.443 0.965   5.630   1.00 0.00 ? 76  VAL A CA 1 
ATOM   77  C  CA . HIS A 1 77  ? -24.155 -2.041  5.159   1.00 0.00 ? 77  HIS A CA 1 
ATOM   78  C  CA . GLY A 1 78  ? -22.122 -2.748  8.271   1.00 0.00 ? 78  GLY A CA 1 
ATOM   79  C  CA . HIS A 1 79  ? -18.435 -3.066  7.389   1.00 0.00 ? 79  HIS A CA 1 
ATOM   80  C  CA . ALA A 1 80  ? -17.024 -5.620  9.511   1.00 0.00 ? 80  ALA A CA 1 
ATOM   81  C  CA . LEU A 1 81  ? -18.066 -7.166  12.817  1.00 0.00 ? 81  LEU A CA 1 
ATOM   82  C  CA . VAL A 1 82  ? -14.987 -9.487  12.651  1.00 0.00 ? 82  VAL A CA 1 
ATOM   83  C  CA . TRP A 1 83  ? -11.742 -8.752  10.775  1.00 0.00 ? 83  TRP A CA 1 
ATOM   84  C  CA . HIS A 1 84  ? -8.060  -9.456  11.472  1.00 0.00 ? 84  HIS A CA 1 
ATOM   85  C  CA . PRO A 1 85  ? -5.717  -6.551  10.573  1.00 0.00 ? 85  PRO A CA 1 
ATOM   86  C  CA . SER A 1 86  ? -4.005  -5.198  13.679  1.00 0.00 ? 86  SER A CA 1 
ATOM   87  C  CA . TYR A 1 87  ? -4.609  -1.539  12.922  1.00 0.00 ? 87  TYR A CA 1 
ATOM   88  C  CA . GLN A 1 88  ? -8.298  -2.012  13.659  1.00 0.00 ? 88  GLN A CA 1 
ATOM   89  C  CA . LEU A 1 89  ? -8.161  -4.746  16.294  1.00 0.00 ? 89  LEU A CA 1 
ATOM   90  C  CA . PRO A 1 90  ? -9.610  -3.695  19.683  1.00 0.00 ? 90  PRO A CA 1 
ATOM   91  C  CA . ASN A 1 91  ? -7.176  -4.205  22.594  1.00 0.00 ? 91  ASN A CA 1 
ATOM   92  C  CA . TRP A 1 92  ? -8.948  -7.252  23.977  1.00 0.00 ? 92  TRP A CA 1 
ATOM   93  C  CA . ALA A 1 93  ? -8.076  -9.146  20.748  1.00 0.00 ? 93  ALA A CA 1 
ATOM   94  C  CA . SER A 1 94  ? -4.687  -10.500 21.771  1.00 0.00 ? 94  SER A CA 1 
ATOM   95  C  CA . ASP A 1 95  ? -3.092  -13.934 22.282  1.00 0.00 ? 95  ASP A CA 1 
ATOM   96  C  CA . SER A 1 96  ? -2.322  -12.896 25.869  1.00 0.00 ? 96  SER A CA 1 
ATOM   97  C  CA . ASN A 1 97  ? -5.906  -12.099 26.731  1.00 0.00 ? 97  ASN A CA 1 
ATOM   98  C  CA . ALA A 1 98  ? -7.487  -14.938 28.663  1.00 0.00 ? 98  ALA A CA 1 
ATOM   99  C  CA . ASN A 1 99  ? -11.112 -13.769 28.271  1.00 0.00 ? 99  ASN A CA 1 
ATOM   100 C  CA . PHE A 1 100 ? -10.713 -13.625 24.514  1.00 0.00 ? 100 PHE A CA 1 
ATOM   101 C  CA . ARG A 1 101 ? -13.771 -15.808 24.047  1.00 0.00 ? 101 ARG A CA 1 
ATOM   102 C  CA . GLN A 1 102 ? -15.966 -13.722 26.372  1.00 0.00 ? 102 GLN A CA 1 
ATOM   103 C  CA . ASP A 1 103 ? -14.690 -10.431 25.010  1.00 0.00 ? 103 ASP A CA 1 
ATOM   104 C  CA . PHE A 1 104 ? -15.179 -11.768 21.456  1.00 0.00 ? 104 PHE A CA 1 
ATOM   105 C  CA . ALA A 1 105 ? -18.755 -12.832 22.342  1.00 0.00 ? 105 ALA A CA 1 
ATOM   106 C  CA . ARG A 1 106 ? -19.614 -9.425  23.711  1.00 0.00 ? 106 ARG A CA 1 
ATOM   107 C  CA . HIS A 1 107 ? -18.304 -7.457  20.764  1.00 0.00 ? 107 HIS A CA 1 
ATOM   108 C  CA . ILE A 1 108 ? -20.889 -9.040  18.469  1.00 0.00 ? 108 ILE A CA 1 
ATOM   109 C  CA . ASP A 1 109 ? -23.789 -9.008  20.995  1.00 0.00 ? 109 ASP A CA 1 
ATOM   110 C  CA . THR A 1 110 ? -23.202 -5.324  21.734  1.00 0.00 ? 110 THR A CA 1 
ATOM   111 C  CA . VAL A 1 111 ? -22.439 -3.906  18.372  1.00 0.00 ? 111 VAL A CA 1 
ATOM   112 C  CA . ALA A 1 112 ? -25.121 -5.900  16.577  1.00 0.00 ? 112 ALA A CA 1 
ATOM   113 C  CA . ALA A 1 113 ? -27.835 -5.131  19.217  1.00 0.00 ? 113 ALA A CA 1 
ATOM   114 C  CA . HIS A 1 114 ? -26.781 -1.531  19.154  1.00 0.00 ? 114 HIS A CA 1 
ATOM   115 C  CA . PHE A 1 115 ? -27.616 -1.103  15.443  1.00 0.00 ? 115 PHE A CA 1 
ATOM   116 C  CA . ALA A 1 116 ? -30.611 -3.496  15.597  1.00 0.00 ? 116 ALA A CA 1 
ATOM   117 C  CA . GLY A 1 117 ? -32.787 -1.811  13.022  1.00 0.00 ? 117 GLY A CA 1 
ATOM   118 C  CA . GLN A 1 118 ? -30.492 0.953   11.682  1.00 0.00 ? 118 GLN A CA 1 
ATOM   119 C  CA . VAL A 1 119 ? -28.306 -1.401  9.646   1.00 0.00 ? 119 VAL A CA 1 
ATOM   120 C  CA . LYS A 1 120 ? -29.705 -3.551  6.810   1.00 0.00 ? 120 LYS A CA 1 
ATOM   121 C  CA . SER A 1 121 ? -26.802 -6.017  6.460   1.00 0.00 ? 121 SER A CA 1 
ATOM   122 C  CA . TRP A 1 122 ? -23.415 -6.801  8.067   1.00 0.00 ? 122 TRP A CA 1 
ATOM   123 C  CA . ASP A 1 123 ? -20.086 -8.148  6.926   1.00 0.00 ? 123 ASP A CA 1 
ATOM   124 C  CA . VAL A 1 124 ? -20.333 -10.710 9.678   1.00 0.00 ? 124 VAL A CA 1 
ATOM   125 C  CA . VAL A 1 125 ? -16.866 -12.106 9.131   1.00 0.00 ? 125 VAL A CA 1 
ATOM   126 C  CA . ASN A 1 126 ? -14.412 -10.689 6.632   1.00 0.00 ? 126 ASN A CA 1 
ATOM   127 C  CA . GLU A 1 127 ? -11.385 -12.252 4.949   1.00 0.00 ? 127 GLU A CA 1 
ATOM   128 C  CA . ALA A 1 128 ? -11.238 -15.558 6.824   1.00 0.00 ? 128 ALA A CA 1 
ATOM   129 C  CA . LEU A 1 129 ? -9.663  -17.414 3.856   1.00 0.00 ? 129 LEU A CA 1 
ATOM   130 C  CA . PHE A 1 130 ? -5.854  -17.726 3.410   1.00 0.00 ? 130 PHE A CA 1 
ATOM   131 C  CA . ASP A 1 131 ? -4.304  -15.717 0.600   1.00 0.00 ? 131 ASP A CA 1 
ATOM   132 C  CA . SER A 1 132 ? -0.772  -16.281 -0.643  1.00 0.00 ? 132 SER A CA 1 
ATOM   133 C  CA . ALA A 1 133 ? -0.128  -12.572 -1.154  1.00 0.00 ? 133 ALA A CA 1 
ATOM   134 C  CA . ASP A 1 134 ? -1.684  -11.354 2.145   1.00 0.00 ? 134 ASP A CA 1 
ATOM   135 C  CA . ASP A 1 135 ? -0.180  -13.384 4.974   1.00 0.00 ? 135 ASP A CA 1 
ATOM   136 C  CA . PRO A 1 136 ? 1.043   -11.025 7.602   1.00 0.00 ? 136 PRO A CA 1 
ATOM   137 C  CA . ASP A 1 137 ? 0.500   -13.449 10.465  1.00 0.00 ? 137 ASP A CA 1 
ATOM   138 C  CA . GLY A 1 138 ? 3.341   -15.255 8.706   1.00 0.00 ? 138 GLY A CA 1 
ATOM   139 C  CA . ARG A 1 139 ? 1.656   -18.493 9.552   1.00 0.00 ? 139 ARG A CA 1 
ATOM   140 C  CA . GLY A 1 140 ? 0.620   -20.159 6.306   1.00 0.00 ? 140 GLY A CA 1 
ATOM   141 C  CA . SER A 1 141 ? -2.537  -21.990 5.409   1.00 0.00 ? 141 SER A CA 1 
ATOM   142 C  CA . ALA A 1 142 ? -4.569  -24.147 7.767   1.00 0.00 ? 142 ALA A CA 1 
ATOM   143 C  CA . ASN A 1 143 ? -7.029  -26.062 5.577   1.00 0.00 ? 143 ASN A CA 1 
ATOM   144 C  CA . GLY A 1 144 ? -7.274  -22.878 3.478   1.00 0.00 ? 144 GLY A CA 1 
ATOM   145 C  CA . TYR A 1 145 ? -8.060  -20.753 6.550   1.00 0.00 ? 145 TYR A CA 1 
ATOM   146 C  CA . ARG A 1 146 ? -6.123  -17.632 7.609   1.00 0.00 ? 146 ARG A CA 1 
ATOM   147 C  CA . GLN A 1 147 ? -4.608  -18.321 11.075  1.00 0.00 ? 147 GLN A CA 1 
ATOM   148 C  CA . SER A 1 148 ? -5.526  -15.008 12.661  1.00 0.00 ? 148 SER A CA 1 
ATOM   149 C  CA . VAL A 1 149 ? -5.920  -14.275 16.347  1.00 0.00 ? 149 VAL A CA 1 
ATOM   150 C  CA . PHE A 1 150 ? -9.579  -15.386 16.165  1.00 0.00 ? 150 PHE A CA 1 
ATOM   151 C  CA . TYR A 1 151 ? -8.675  -18.733 14.628  1.00 0.00 ? 151 TYR A CA 1 
ATOM   152 C  CA . ARG A 1 152 ? -5.732  -19.303 16.988  1.00 0.00 ? 152 ARG A CA 1 
ATOM   153 C  CA . GLN A 1 153 ? -7.827  -18.444 20.030  1.00 0.00 ? 153 GLN A CA 1 
ATOM   154 C  CA . PHE A 1 154 ? -10.830 -20.645 19.139  1.00 0.00 ? 154 PHE A CA 1 
ATOM   155 C  CA . GLY A 1 155 ? -8.416  -23.299 17.912  1.00 0.00 ? 155 GLY A CA 1 
ATOM   156 C  CA . GLY A 1 156 ? -10.062 -23.298 14.462  1.00 0.00 ? 156 GLY A CA 1 
ATOM   157 C  CA . PRO A 1 157 ? -12.789 -22.021 12.179  1.00 0.00 ? 157 PRO A CA 1 
ATOM   158 C  CA . GLU A 1 158 ? -15.489 -22.345 14.811  1.00 0.00 ? 158 GLU A CA 1 
ATOM   159 C  CA . TYR A 1 159 ? -15.245 -18.623 15.598  1.00 0.00 ? 159 TYR A CA 1 
ATOM   160 C  CA . ILE A 1 160 ? -16.938 -18.185 12.224  1.00 0.00 ? 160 ILE A CA 1 
ATOM   161 C  CA . ASP A 1 161 ? -19.945 -20.350 13.221  1.00 0.00 ? 161 ASP A CA 1 
ATOM   162 C  CA . GLU A 1 162 ? -20.081 -18.458 16.497  1.00 0.00 ? 162 GLU A CA 1 
ATOM   163 C  CA . ALA A 1 163 ? -20.315 -14.889 15.138  1.00 0.00 ? 163 ALA A CA 1 
ATOM   164 C  CA . PHE A 1 164 ? -23.155 -15.856 12.775  1.00 0.00 ? 164 PHE A CA 1 
ATOM   165 C  CA . ARG A 1 165 ? -25.324 -17.397 15.487  1.00 0.00 ? 165 ARG A CA 1 
ATOM   166 C  CA . ARG A 1 166 ? -24.511 -14.526 17.908  1.00 0.00 ? 166 ARG A CA 1 
ATOM   167 C  CA . ALA A 1 167 ? -25.414 -11.787 15.402  1.00 0.00 ? 167 ALA A CA 1 
ATOM   168 C  CA . ARG A 1 168 ? -28.643 -13.594 14.458  1.00 0.00 ? 168 ARG A CA 1 
ATOM   169 C  CA . ALA A 1 169 ? -29.636 -13.491 18.132  1.00 0.00 ? 169 ALA A CA 1 
ATOM   170 C  CA . ALA A 1 170 ? -29.126 -9.762  18.417  1.00 0.00 ? 170 ALA A CA 1 
ATOM   171 C  CA . ASP A 1 171 ? -30.585 -8.538  15.168  1.00 0.00 ? 171 ASP A CA 1 
ATOM   172 C  CA . PRO A 1 172 ? -32.712 -11.227 13.607  1.00 0.00 ? 172 PRO A CA 1 
ATOM   173 C  CA . THR A 1 173 ? -33.482 -8.718  10.834  1.00 0.00 ? 173 THR A CA 1 
ATOM   174 C  CA . ALA A 1 174 ? -30.018 -7.930  9.415   1.00 0.00 ? 174 ALA A CA 1 
ATOM   175 C  CA . GLU A 1 175 ? -28.935 -9.960  6.370   1.00 0.00 ? 175 GLU A CA 1 
ATOM   176 C  CA . LEU A 1 176 ? -25.695 -11.629 7.446   1.00 0.00 ? 176 LEU A CA 1 
ATOM   177 C  CA . TYR A 1 177 ? -22.859 -11.941 4.835   1.00 0.00 ? 177 TYR A CA 1 
ATOM   178 C  CA . TYR A 1 178 ? -19.487 -13.668 4.627   1.00 0.00 ? 178 TYR A CA 1 
ATOM   179 C  CA . ASN A 1 179 ? -17.075 -11.389 2.579   1.00 0.00 ? 179 ASN A CA 1 
ATOM   180 C  CA . ASP A 1 180 ? -13.654 -11.783 0.908   1.00 0.00 ? 180 ASP A CA 1 
ATOM   181 C  CA . PHE A 1 181 ? -11.486 -10.872 -2.108  1.00 0.00 ? 181 PHE A CA 1 
ATOM   182 C  CA . ASN A 1 182 ? -9.737  -12.861 -4.815  1.00 0.00 ? 182 ASN A CA 1 
ATOM   183 C  CA . THR A 1 183 ? -12.567 -15.345 -4.786  1.00 0.00 ? 183 THR A CA 1 
ATOM   184 C  CA . GLU A 1 184 ? -13.544 -14.178 -8.268  1.00 0.00 ? 184 GLU A CA 1 
ATOM   185 C  CA . GLU A 1 185 ? -10.333 -15.467 -9.793  1.00 0.00 ? 185 GLU A CA 1 
ATOM   186 C  CA . ASN A 1 186 ? -11.882 -18.974 -9.789  1.00 0.00 ? 186 ASN A CA 1 
ATOM   187 C  CA . GLY A 1 187 ? -8.671  -20.529 -8.499  1.00 0.00 ? 187 GLY A CA 1 
ATOM   188 C  CA . ALA A 1 188 ? -7.676  -22.026 -5.162  1.00 0.00 ? 188 ALA A CA 1 
ATOM   189 C  CA . LYS A 1 189 ? -9.356  -19.317 -3.046  1.00 0.00 ? 189 LYS A CA 1 
ATOM   190 C  CA . THR A 1 190 ? -12.732 -20.013 -4.702  1.00 0.00 ? 190 THR A CA 1 
ATOM   191 C  CA . THR A 1 191 ? -12.378 -23.690 -4.038  1.00 0.00 ? 191 THR A CA 1 
ATOM   192 C  CA . ALA A 1 192 ? -11.523 -22.860 -0.434  1.00 0.00 ? 192 ALA A CA 1 
ATOM   193 C  CA . LEU A 1 193 ? -14.567 -20.578 -0.295  1.00 0.00 ? 193 LEU A CA 1 
ATOM   194 C  CA . VAL A 1 194 ? -16.843 -23.410 -1.555  1.00 0.00 ? 194 VAL A CA 1 
ATOM   195 C  CA . ASN A 1 195 ? -15.461 -25.501 1.272   1.00 0.00 ? 195 ASN A CA 1 
ATOM   196 C  CA . LEU A 1 196 ? -15.996 -22.710 3.881   1.00 0.00 ? 196 LEU A CA 1 
ATOM   197 C  CA . VAL A 1 197 ? -19.663 -22.092 2.888   1.00 0.00 ? 197 VAL A CA 1 
ATOM   198 C  CA . GLN A 1 198 ? -20.567 -25.803 2.726   1.00 0.00 ? 198 GLN A CA 1 
ATOM   199 C  CA . ARG A 1 199 ? -19.265 -26.280 6.331   1.00 0.00 ? 199 ARG A CA 1 
ATOM   200 C  CA . LEU A 1 200 ? -21.476 -23.452 7.650   1.00 0.00 ? 200 LEU A CA 1 
ATOM   201 C  CA . LEU A 1 201 ? -24.538 -24.806 5.788   1.00 0.00 ? 201 LEU A CA 1 
ATOM   202 C  CA . ASN A 1 202 ? -23.897 -28.372 7.068   1.00 0.00 ? 202 ASN A CA 1 
ATOM   203 C  CA . ASN A 1 203 ? -23.513 -27.020 10.585  1.00 0.00 ? 203 ASN A CA 1 
ATOM   204 C  CA . GLY A 1 204 ? -26.796 -25.135 10.437  1.00 0.00 ? 204 GLY A CA 1 
ATOM   205 C  CA . VAL A 1 205 ? -25.087 -21.779 10.855  1.00 0.00 ? 205 VAL A CA 1 
ATOM   206 C  CA . PRO A 1 206 ? -27.332 -18.787 9.943   1.00 0.00 ? 206 PRO A CA 1 
ATOM   207 C  CA . ILE A 1 207 ? -25.603 -17.103 6.955   1.00 0.00 ? 207 ILE A CA 1 
ATOM   208 C  CA . ASP A 1 208 ? -27.757 -15.213 4.387   1.00 0.00 ? 208 ASP A CA 1 
ATOM   209 C  CA . GLY A 1 209 ? -25.303 -14.319 1.620   1.00 0.00 ? 209 GLY A CA 1 
ATOM   210 C  CA . VAL A 1 210 ? -21.758 -14.406 0.283   1.00 0.00 ? 210 VAL A CA 1 
ATOM   211 C  CA . GLY A 1 211 ? -19.944 -11.166 -0.689  1.00 0.00 ? 211 GLY A CA 1 
ATOM   212 C  CA . PHE A 1 212 ? -17.241 -10.787 -3.386  1.00 0.00 ? 212 PHE A CA 1 
ATOM   213 C  CA . GLN A 1 213 ? -15.024 -7.723  -3.020  1.00 0.00 ? 213 GLN A CA 1 
ATOM   214 C  CA . MET A 1 214 ? -14.233 -7.437  -6.713  1.00 0.00 ? 214 MET A CA 1 
ATOM   215 C  CA . HIS A 1 215 ? -10.976 -5.541  -6.700  1.00 0.00 ? 215 HIS A CA 1 
ATOM   216 C  CA . VAL A 1 216 ? -10.322 -6.331  -10.388 1.00 0.00 ? 216 VAL A CA 1 
ATOM   217 C  CA . MET A 1 217 ? -8.258  -4.832  -13.266 1.00 0.00 ? 217 MET A CA 1 
ATOM   218 C  CA . ASN A 1 218 ? -9.492  -4.126  -16.789 1.00 0.00 ? 218 ASN A CA 1 
ATOM   219 C  CA . ASP A 1 219 ? -7.996  -7.378  -18.095 1.00 0.00 ? 219 ASP A CA 1 
ATOM   220 C  CA . TYR A 1 220 ? -7.194  -9.683  -15.223 1.00 0.00 ? 220 TYR A CA 1 
ATOM   221 C  CA . PRO A 1 221 ? -9.674  -12.034 -13.783 1.00 0.00 ? 221 PRO A CA 1 
ATOM   222 C  CA . SER A 1 222 ? -11.517 -12.582 -17.168 1.00 0.00 ? 222 SER A CA 1 
ATOM   223 C  CA . ILE A 1 223 ? -15.333 -12.560 -16.892 1.00 0.00 ? 223 ILE A CA 1 
ATOM   224 C  CA . ALA A 1 224 ? -15.570 -16.256 -17.785 1.00 0.00 ? 224 ALA A CA 1 
ATOM   225 C  CA . ASN A 1 225 ? -13.714 -17.007 -14.550 1.00 0.00 ? 225 ASN A CA 1 
ATOM   226 C  CA . ILE A 1 226 ? -15.631 -14.337 -12.615 1.00 0.00 ? 226 ILE A CA 1 
ATOM   227 C  CA . ARG A 1 227 ? -18.936 -15.722 -13.893 1.00 0.00 ? 227 ARG A CA 1 
ATOM   228 C  CA . GLN A 1 228 ? -18.164 -19.347 -12.982 1.00 0.00 ? 228 GLN A CA 1 
ATOM   229 C  CA . ALA A 1 229 ? -16.786 -18.497 -9.544  1.00 0.00 ? 229 ALA A CA 1 
ATOM   230 C  CA . MET A 1 230 ? -20.069 -16.689 -8.899  1.00 0.00 ? 230 MET A CA 1 
ATOM   231 C  CA . GLN A 1 231 ? -21.762 -19.746 -10.442 1.00 0.00 ? 231 GLN A CA 1 
ATOM   232 C  CA . LYS A 1 232 ? -20.161 -22.224 -8.059  1.00 0.00 ? 232 LYS A CA 1 
ATOM   233 C  CA . ILE A 1 233 ? -21.580 -20.390 -4.995  1.00 0.00 ? 233 ILE A CA 1 
ATOM   234 C  CA . VAL A 1 234 ? -25.126 -19.789 -6.185  1.00 0.00 ? 234 VAL A CA 1 
ATOM   235 C  CA . ALA A 1 235 ? -25.455 -23.528 -6.626  1.00 0.00 ? 235 ALA A CA 1 
ATOM   236 C  CA . LEU A 1 236 ? -24.415 -24.405 -3.079  1.00 0.00 ? 236 LEU A CA 1 
ATOM   237 C  CA . SER A 1 237 ? -27.911 -23.241 -2.014  1.00 0.00 ? 237 SER A CA 1 
ATOM   238 C  CA . PRO A 1 238 ? -31.322 -22.132 -3.371  1.00 0.00 ? 238 PRO A CA 1 
ATOM   239 C  CA . THR A 1 239 ? -31.573 -19.249 -0.919  1.00 0.00 ? 239 THR A CA 1 
ATOM   240 C  CA . LEU A 1 240 ? -28.017 -17.864 -0.486  1.00 0.00 ? 240 LEU A CA 1 
ATOM   241 C  CA . LYS A 1 241 ? -27.657 -14.282 -1.859  1.00 0.00 ? 241 LYS A CA 1 
ATOM   242 C  CA . ILE A 1 242 ? -24.657 -12.790 -3.589  1.00 0.00 ? 242 ILE A CA 1 
ATOM   243 C  CA . LYS A 1 243 ? -23.355 -9.218  -2.976  1.00 0.00 ? 243 LYS A CA 1 
ATOM   244 C  CA . ILE A 1 244 ? -20.632 -7.339  -4.774  1.00 0.00 ? 244 ILE A CA 1 
ATOM   245 C  CA . THR A 1 245 ? -19.168 -5.518  -1.785  1.00 0.00 ? 245 THR A CA 1 
ATOM   246 C  CA . CYS A 1 246 ? -16.238 -3.306  -2.900  1.00 0.00 ? 246 CYS A CA 1 
ATOM   247 C  CA . LEU A 1 247 ? -16.093 -2.959  -6.767  1.00 0.00 ? 247 LEU A CA 1 
ATOM   248 C  CA . ASP A 1 248 ? -13.220 -0.906  -8.242  1.00 0.00 ? 248 ASP A CA 1 
ATOM   249 C  CA . VAL A 1 249 ? -11.374 -1.350  -11.540 1.00 0.00 ? 249 VAL A CA 1 
ATOM   250 C  CA . ARG A 1 250 ? -7.672  -0.629  -12.204 1.00 0.00 ? 250 ARG A CA 1 
ATOM   251 C  CA . LEU A 1 251 ? -6.430  0.542   -15.603 1.00 0.00 ? 251 LEU A CA 1 
ATOM   252 C  CA . ASN A 1 252 ? -2.807  -0.564  -14.914 1.00 0.00 ? 252 ASN A CA 1 
ATOM   253 C  CA . ASN A 1 253 ? -1.641  -4.226  -14.400 1.00 0.00 ? 253 ASN A CA 1 
ATOM   254 C  CA . PRO A 1 254 ? 1.862   -4.461  -12.850 1.00 0.00 ? 254 PRO A CA 1 
ATOM   255 C  CA . TYR A 1 255 ? 1.704   -8.247  -12.660 1.00 0.00 ? 255 TYR A CA 1 
ATOM   256 C  CA . ASP A 1 256 ? 1.314   -8.928  -16.373 1.00 0.00 ? 256 ASP A CA 1 
ATOM   257 C  CA . GLY A 1 257 ? 5.006   -8.775  -17.160 1.00 0.00 ? 257 GLY A CA 1 
ATOM   258 C  CA . ASN A 1 258 ? 4.698   -5.917  -19.686 1.00 0.00 ? 258 ASN A CA 1 
ATOM   259 C  CA . SER A 1 259 ? 5.944   -2.543  -18.534 1.00 0.00 ? 259 SER A CA 1 
ATOM   260 C  CA . SER A 1 260 ? 5.033   -0.920  -21.822 1.00 0.00 ? 260 SER A CA 1 
ATOM   261 C  CA . ASN A 1 261 ? 1.277   -0.903  -21.366 1.00 0.00 ? 261 ASN A CA 1 
ATOM   262 C  CA . ASP A 1 262 ? 1.353   1.048   -18.076 1.00 0.00 ? 262 ASP A CA 1 
ATOM   263 C  CA . TYR A 1 263 ? 0.209   4.651   -17.759 1.00 0.00 ? 263 TYR A CA 1 
ATOM   264 C  CA . THR A 1 264 ? 3.041   6.106   -15.727 1.00 0.00 ? 264 THR A CA 1 
ATOM   265 C  CA . ASN A 1 265 ? 1.811   9.730   -15.771 1.00 0.00 ? 265 ASN A CA 1 
ATOM   266 C  CA . ARG A 1 266 ? -1.048  11.232  -13.900 1.00 0.00 ? 266 ARG A CA 1 
ATOM   267 C  CA . ASN A 1 267 ? -2.057  13.167  -17.066 1.00 0.00 ? 267 ASN A CA 1 
ATOM   268 C  CA . ASP A 1 268 ? -2.278  10.040  -19.270 1.00 0.00 ? 268 ASP A CA 1 
ATOM   269 C  CA . CYS A 1 269 ? -5.953  9.286   -18.479 1.00 0.00 ? 269 CYS A CA 1 
ATOM   270 C  CA . ALA A 1 270 ? -7.042  12.572  -16.979 1.00 0.00 ? 270 ALA A CA 1 
ATOM   271 C  CA . VAL A 1 271 ? -9.479  13.351  -19.810 1.00 0.00 ? 271 VAL A CA 1 
ATOM   272 C  CA . SER A 1 272 ? -9.099  10.658  -22.439 1.00 0.00 ? 272 SER A CA 1 
ATOM   273 C  CA . CYS A 1 273 ? -7.194  7.465   -22.977 1.00 0.00 ? 273 CYS A CA 1 
ATOM   274 C  CA . ALA A 1 274 ? -7.835  3.899   -24.149 1.00 0.00 ? 274 ALA A CA 1 
ATOM   275 C  CA . GLY A 1 275 ? -7.973  2.449   -20.604 1.00 0.00 ? 275 GLY A CA 1 
ATOM   276 C  CA . LEU A 1 276 ? -10.796 4.832   -19.756 1.00 0.00 ? 276 LEU A CA 1 
ATOM   277 C  CA . ASP A 1 277 ? -12.811 3.309   -22.574 1.00 0.00 ? 277 ASP A CA 1 
ATOM   278 C  CA . ARG A 1 278 ? -11.998 -0.318  -21.807 1.00 0.00 ? 278 ARG A CA 1 
ATOM   279 C  CA . GLN A 1 279 ? -12.997 0.555   -18.267 1.00 0.00 ? 279 GLN A CA 1 
ATOM   280 C  CA . LYS A 1 280 ? -16.498 1.377   -19.420 1.00 0.00 ? 280 LYS A CA 1 
ATOM   281 C  CA . ALA A 1 281 ? -16.753 -2.079  -20.996 1.00 0.00 ? 281 ALA A CA 1 
ATOM   282 C  CA . ARG A 1 282 ? -15.267 -3.762  -17.831 1.00 0.00 ? 282 ARG A CA 1 
ATOM   283 C  CA . TYR A 1 283 ? -17.828 -2.226  -15.481 1.00 0.00 ? 283 TYR A CA 1 
ATOM   284 C  CA . LYS A 1 284 ? -20.534 -3.196  -18.016 1.00 0.00 ? 284 LYS A CA 1 
ATOM   285 C  CA . GLU A 1 285 ? -19.407 -6.823  -18.427 1.00 0.00 ? 285 GLU A CA 1 
ATOM   286 C  CA . ILE A 1 286 ? -19.140 -7.281  -14.655 1.00 0.00 ? 286 ILE A CA 1 
ATOM   287 C  CA . VAL A 1 287 ? -22.655 -5.903  -13.888 1.00 0.00 ? 287 VAL A CA 1 
ATOM   288 C  CA . GLN A 1 288 ? -24.052 -8.071  -16.750 1.00 0.00 ? 288 GLN A CA 1 
ATOM   289 C  CA . ALA A 1 289 ? -22.426 -11.232 -15.353 1.00 0.00 ? 289 ALA A CA 1 
ATOM   290 C  CA . TYR A 1 290 ? -23.986 -10.345 -11.988 1.00 0.00 ? 290 TYR A CA 1 
ATOM   291 C  CA . LEU A 1 291 ? -27.474 -9.993  -13.448 1.00 0.00 ? 291 LEU A CA 1 
ATOM   292 C  CA . GLU A 1 292 ? -27.273 -13.161 -15.619 1.00 0.00 ? 292 GLU A CA 1 
ATOM   293 C  CA . VAL A 1 293 ? -25.814 -15.508 -12.964 1.00 0.00 ? 293 VAL A CA 1 
ATOM   294 C  CA . VAL A 1 294 ? -27.685 -14.170 -9.915  1.00 0.00 ? 294 VAL A CA 1 
ATOM   295 C  CA . PRO A 1 295 ? -31.415 -14.754 -9.994  1.00 0.00 ? 295 PRO A CA 1 
ATOM   296 C  CA . PRO A 1 296 ? -33.736 -11.996 -8.861  1.00 0.00 ? 296 PRO A CA 1 
ATOM   297 C  CA . GLY A 1 297 ? -34.614 -12.418 -5.272  1.00 0.00 ? 297 GLY A CA 1 
ATOM   298 C  CA . ARG A 1 298 ? -31.018 -13.441 -4.800  1.00 0.00 ? 298 ARG A CA 1 
ATOM   299 C  CA . ARG A 1 299 ? -29.392 -10.084 -5.500  1.00 0.00 ? 299 ARG A CA 1 
ATOM   300 C  CA . GLY A 1 300 ? -27.745 -8.581  -2.411  1.00 0.00 ? 300 GLY A CA 1 
ATOM   301 C  CA . GLY A 1 301 ? -26.590 -5.390  -4.155  1.00 0.00 ? 301 GLY A CA 1 
ATOM   302 C  CA . ILE A 1 302 ? -23.628 -3.961  -6.035  1.00 0.00 ? 302 ILE A CA 1 
ATOM   303 C  CA . THR A 1 303 ? -21.269 -1.594  -4.139  1.00 0.00 ? 303 THR A CA 1 
ATOM   304 C  CA . VAL A 1 304 ? -18.631 0.734   -5.728  1.00 0.00 ? 304 VAL A CA 1 
ATOM   305 C  CA . TRP A 1 305 ? -15.701 1.363   -3.355  1.00 0.00 ? 305 TRP A CA 1 
ATOM   306 C  CA . GLY A 1 306 ? -15.697 5.165   -3.124  1.00 0.00 ? 306 GLY A CA 1 
ATOM   307 C  CA . ILE A 1 307 ? -17.094 8.254   -4.890  1.00 0.00 ? 307 ILE A CA 1 
ATOM   308 C  CA . ALA A 1 308 ? -14.377 10.007  -6.967  1.00 0.00 ? 308 ALA A CA 1 
ATOM   309 C  CA . ASP A 1 309 ? -10.960 8.757   -8.109  1.00 0.00 ? 309 ASP A CA 1 
ATOM   310 C  CA . PRO A 1 310 ? -8.753  10.801  -5.759  1.00 0.00 ? 310 PRO A CA 1 
ATOM   311 C  CA . ASP A 1 311 ? -10.750 9.271   -2.914  1.00 0.00 ? 311 ASP A CA 1 
ATOM   312 C  CA . SER A 1 312 ? -9.640  5.703   -3.900  1.00 0.00 ? 312 SER A CA 1 
ATOM   313 C  CA . TRP A 1 313 ? -7.135  3.572   -1.963  1.00 0.00 ? 313 TRP A CA 1 
ATOM   314 C  CA . LEU A 1 314 ? -6.010  2.609   -5.468  1.00 0.00 ? 314 LEU A CA 1 
ATOM   315 C  CA . TYR A 1 315 ? -5.521  6.134   -6.804  1.00 0.00 ? 315 TYR A CA 1 
ATOM   316 C  CA . THR A 1 316 ? -1.910  5.152   -6.366  1.00 0.00 ? 316 THR A CA 1 
ATOM   317 C  CA . HIS A 1 317 ? -0.895  1.511   -6.237  1.00 0.00 ? 317 HIS A CA 1 
ATOM   318 C  CA . GLN A 1 318 ? 2.535   -0.051  -6.883  1.00 0.00 ? 318 GLN A CA 1 
ATOM   319 C  CA . ASN A 1 319 ? 3.959   3.441   -7.519  1.00 0.00 ? 319 ASN A CA 1 
ATOM   320 C  CA . LEU A 1 320 ? 1.590   3.956   -10.471 1.00 0.00 ? 320 LEU A CA 1 
ATOM   321 C  CA . PRO A 1 321 ? -1.307  6.415   -10.893 1.00 0.00 ? 321 PRO A CA 1 
ATOM   322 C  CA . ASP A 1 322 ? -4.672  4.881   -11.390 1.00 0.00 ? 322 ASP A CA 1 
ATOM   323 C  CA . TRP A 1 323 ? -8.254  6.050   -11.920 1.00 0.00 ? 323 TRP A CA 1 
ATOM   324 C  CA . PRO A 1 324 ? -10.558 3.295   -10.562 1.00 0.00 ? 324 PRO A CA 1 
ATOM   325 C  CA . LEU A 1 325 ? -14.056 4.757   -9.902  1.00 0.00 ? 325 LEU A CA 1 
ATOM   326 C  CA . LEU A 1 326 ? -17.111 6.188   -11.749 1.00 0.00 ? 326 LEU A CA 1 
ATOM   327 C  CA . PHE A 1 327 ? -16.578 9.994   -11.145 1.00 0.00 ? 327 PHE A CA 1 
ATOM   328 C  CA . ASN A 1 328 ? -13.269 11.726  -11.947 1.00 0.00 ? 328 ASN A CA 1 
ATOM   329 C  CA . ASP A 1 329 ? -11.037 14.220  -10.219 1.00 0.00 ? 329 ASP A CA 1 
ATOM   330 C  CA . ASN A 1 330 ? -13.531 17.052  -10.885 1.00 0.00 ? 330 ASN A CA 1 
ATOM   331 C  CA . LEU A 1 331 ? -16.490 14.880  -9.823  1.00 0.00 ? 331 LEU A CA 1 
ATOM   332 C  CA . GLN A 1 332 ? -17.890 14.553  -13.384 1.00 0.00 ? 332 GLN A CA 1 
ATOM   333 C  CA . PRO A 1 333 ? -19.100 11.086  -14.412 1.00 0.00 ? 333 PRO A CA 1 
ATOM   334 C  CA . LYS A 1 334 ? -16.681 9.022   -16.529 1.00 0.00 ? 334 LYS A CA 1 
ATOM   335 C  CA . PRO A 1 335 ? -17.387 6.516   -19.293 1.00 0.00 ? 335 PRO A CA 1 
ATOM   336 C  CA . ALA A 1 336 ? -17.211 3.794   -16.596 1.00 0.00 ? 336 ALA A CA 1 
ATOM   337 C  CA . TYR A 1 337 ? -20.413 5.475   -15.329 1.00 0.00 ? 337 TYR A CA 1 
ATOM   338 C  CA . GLN A 1 338 ? -22.183 4.938   -18.643 1.00 0.00 ? 338 GLN A CA 1 
ATOM   339 C  CA . GLY A 1 339 ? -21.085 1.272   -18.814 1.00 0.00 ? 339 GLY A CA 1 
ATOM   340 C  CA . VAL A 1 340 ? -23.042 0.578   -15.604 1.00 0.00 ? 340 VAL A CA 1 
ATOM   341 C  CA . VAL A 1 341 ? -26.075 2.480   -16.823 1.00 0.00 ? 341 VAL A CA 1 
ATOM   342 C  CA . GLU A 1 342 ? -26.183 0.465   -20.044 1.00 0.00 ? 342 GLU A CA 1 
ATOM   343 C  CA . ALA A 1 343 ? -25.788 -2.801  -18.092 1.00 0.00 ? 343 ALA A CA 1 
ATOM   344 C  CA . LEU A 1 344 ? -28.586 -1.919  -15.577 1.00 0.00 ? 344 LEU A CA 1 
ATOM   345 C  CA . SER A 1 345 ? -30.680 -0.936  -18.658 1.00 0.00 ? 345 SER A CA 1 
ATOM   346 C  CA . GLY B 1 1   ? 20.336  25.791  4.256   1.00 0.00 ? 1   GLY B CA 1 
ATOM   347 C  CA . LEU B 1 2   ? 19.603  22.546  5.886   1.00 0.00 ? 2   LEU B CA 1 
ATOM   348 C  CA . ALA B 1 3   ? 22.412  21.762  3.386   1.00 0.00 ? 3   ALA B CA 1 
ATOM   349 C  CA . SER B 1 4   ? 24.548  24.684  4.573   1.00 0.00 ? 4   SER B CA 1 
ATOM   350 C  CA . LEU B 1 5   ? 24.790  23.137  8.060   1.00 0.00 ? 5   LEU B CA 1 
ATOM   351 C  CA . ALA B 1 6   ? 26.463  19.963  6.805   1.00 0.00 ? 6   ALA B CA 1 
ATOM   352 C  CA . ASP B 1 7   ? 29.670  18.851  5.002   1.00 0.00 ? 7   ASP B CA 1 
ATOM   353 C  CA . PHE B 1 8   ? 27.893  15.895  3.384   1.00 0.00 ? 8   PHE B CA 1 
ATOM   354 C  CA . PRO B 1 9   ? 24.855  15.718  0.996   1.00 0.00 ? 9   PRO B CA 1 
ATOM   355 C  CA . ILE B 1 10  ? 21.462  16.583  2.401   1.00 0.00 ? 10  ILE B CA 1 
ATOM   356 C  CA . GLY B 1 11  ? 19.096  15.317  -0.385  1.00 0.00 ? 11  GLY B CA 1 
ATOM   357 C  CA . VAL B 1 12  ? 15.320  15.009  -1.164  1.00 0.00 ? 12  VAL B CA 1 
ATOM   358 C  CA . ALA B 1 13  ? 13.427  12.548  -3.415  1.00 0.00 ? 13  ALA B CA 1 
ATOM   359 C  CA . VAL B 1 14  ? 11.418  14.333  -6.117  1.00 0.00 ? 14  VAL B CA 1 
ATOM   360 C  CA . ALA B 1 15  ? 8.290   13.421  -8.062  1.00 0.00 ? 15  ALA B CA 1 
ATOM   361 C  CA . ALA B 1 16  ? 8.082   14.001  -11.828 1.00 0.00 ? 16  ALA B CA 1 
ATOM   362 C  CA . SER B 1 17  ? 5.024   12.027  -13.020 1.00 0.00 ? 17  SER B CA 1 
ATOM   363 C  CA . GLY B 1 18  ? 2.315   14.755  -13.191 1.00 0.00 ? 18  GLY B CA 1 
ATOM   364 C  CA . GLY B 1 19  ? 0.093   15.813  -10.297 1.00 0.00 ? 19  GLY B CA 1 
ATOM   365 C  CA . ASN B 1 20  ? 0.644   18.264  -7.453  1.00 0.00 ? 20  ASN B CA 1 
ATOM   366 C  CA . ALA B 1 21  ? 4.096   17.100  -6.376  1.00 0.00 ? 21  ALA B CA 1 
ATOM   367 C  CA . ASP B 1 22  ? 5.638   17.164  -9.833  1.00 0.00 ? 22  ASP B CA 1 
ATOM   368 C  CA . ILE B 1 23  ? 8.903   19.067  -9.586  1.00 0.00 ? 23  ILE B CA 1 
ATOM   369 C  CA . PHE B 1 24  ? 8.671   20.629  -13.106 1.00 0.00 ? 24  PHE B CA 1 
ATOM   370 C  CA . THR B 1 25  ? 5.190   22.136  -12.385 1.00 0.00 ? 25  THR B CA 1 
ATOM   371 C  CA . SER B 1 26  ? 5.497   23.047  -8.684  1.00 0.00 ? 26  SER B CA 1 
ATOM   372 C  CA . SER B 1 27  ? 7.584   26.176  -8.238  1.00 0.00 ? 27  SER B CA 1 
ATOM   373 C  CA . ALA B 1 28  ? 7.028   26.255  -4.522  1.00 0.00 ? 28  ALA B CA 1 
ATOM   374 C  CA . ARG B 1 29  ? 8.640   22.851  -4.449  1.00 0.00 ? 29  ARG B CA 1 
ATOM   375 C  CA . GLN B 1 30  ? 11.461  23.954  -6.709  1.00 0.00 ? 30  GLN B CA 1 
ATOM   376 C  CA . ASN B 1 31  ? 12.112  26.814  -4.303  1.00 0.00 ? 31  ASN B CA 1 
ATOM   377 C  CA . ILE B 1 32  ? 12.292  24.499  -1.328  1.00 0.00 ? 32  ILE B CA 1 
ATOM   378 C  CA . VAL B 1 33  ? 14.870  22.296  -3.037  1.00 0.00 ? 33  VAL B CA 1 
ATOM   379 C  CA . ARG B 1 34  ? 17.024  25.247  -4.252  1.00 0.00 ? 34  ARG B CA 1 
ATOM   380 C  CA . ALA B 1 35  ? 16.923  26.535  -0.680  1.00 0.00 ? 35  ALA B CA 1 
ATOM   381 C  CA . GLU B 1 36  ? 17.279  23.428  1.461   1.00 0.00 ? 36  GLU B CA 1 
ATOM   382 C  CA . PHE B 1 37  ? 18.979  20.498  -0.259  1.00 0.00 ? 37  PHE B CA 1 
ATOM   383 C  CA . ASN B 1 38  ? 22.100  19.846  -2.407  1.00 0.00 ? 38  ASN B CA 1 
ATOM   384 C  CA . GLN B 1 39  ? 21.166  16.523  -3.981  1.00 0.00 ? 39  GLN B CA 1 
ATOM   385 C  CA . ILE B 1 40  ? 17.920  14.911  -5.249  1.00 0.00 ? 40  ILE B CA 1 
ATOM   386 C  CA . THR B 1 41  ? 17.030  11.187  -5.969  1.00 0.00 ? 41  THR B CA 1 
ATOM   387 C  CA . ALA B 1 42  ? 14.244  10.535  -8.441  1.00 0.00 ? 42  ALA B CA 1 
ATOM   388 C  CA . GLU B 1 43  ? 11.380  8.873   -6.537  1.00 0.00 ? 43  GLU B CA 1 
ATOM   389 C  CA . ASN B 1 44  ? 10.237  6.881   -9.600  1.00 0.00 ? 44  ASN B CA 1 
ATOM   390 C  CA . ILE B 1 45  ? 11.545  7.984   -12.987 1.00 0.00 ? 45  ILE B CA 1 
ATOM   391 C  CA . MET B 1 46  ? 15.001  6.370   -12.814 1.00 0.00 ? 46  MET B CA 1 
ATOM   392 C  CA . LYS B 1 47  ? 13.805  2.794   -12.144 1.00 0.00 ? 47  LYS B CA 1 
ATOM   393 C  CA . MET B 1 48  ? 14.629  0.071   -14.658 1.00 0.00 ? 48  MET B CA 1 
ATOM   394 C  CA . SER B 1 49  ? 11.584  0.182   -16.983 1.00 0.00 ? 49  SER B CA 1 
ATOM   395 C  CA . TYR B 1 50  ? 11.818  3.990   -17.279 1.00 0.00 ? 50  TYR B CA 1 
ATOM   396 C  CA . MET B 1 51  ? 15.066  3.672   -19.310 1.00 0.00 ? 51  MET B CA 1 
ATOM   397 C  CA . TYR B 1 52  ? 13.288  1.849   -22.162 1.00 0.00 ? 52  TYR B CA 1 
ATOM   398 C  CA . SER B 1 53  ? 10.910  2.842   -24.957 1.00 0.00 ? 53  SER B CA 1 
ATOM   399 C  CA . GLY B 1 54  ? 9.800   -0.695  -25.684 1.00 0.00 ? 54  GLY B CA 1 
ATOM   400 C  CA . SER B 1 55  ? 13.070  -2.560  -26.231 1.00 0.00 ? 55  SER B CA 1 
ATOM   401 C  CA . ASN B 1 56  ? 15.135  0.503   -27.113 1.00 0.00 ? 56  ASN B CA 1 
ATOM   402 C  CA . PHE B 1 57  ? 16.673  2.740   -24.450 1.00 0.00 ? 57  PHE B CA 1 
ATOM   403 C  CA . SER B 1 58  ? 15.090  6.194   -23.994 1.00 0.00 ? 58  SER B CA 1 
ATOM   404 C  CA . PHE B 1 59  ? 16.769  8.702   -21.650 1.00 0.00 ? 59  PHE B CA 1 
ATOM   405 C  CA . THR B 1 60  ? 14.582  11.686  -22.391 1.00 0.00 ? 60  THR B CA 1 
ATOM   406 C  CA . ASN B 1 61  ? 12.600  12.003  -19.179 1.00 0.00 ? 61  ASN B CA 1 
ATOM   407 C  CA . SER B 1 62  ? 15.550  11.287  -16.840 1.00 0.00 ? 62  SER B CA 1 
ATOM   408 C  CA . ASP B 1 63  ? 17.888  13.610  -18.751 1.00 0.00 ? 63  ASP B CA 1 
ATOM   409 C  CA . ARG B 1 64  ? 15.446  16.478  -18.271 1.00 0.00 ? 64  ARG B CA 1 
ATOM   410 C  CA . LEU B 1 65  ? 15.451  15.822  -14.548 1.00 0.00 ? 65  LEU B CA 1 
ATOM   411 C  CA . VAL B 1 66  ? 19.180  15.257  -14.315 1.00 0.00 ? 66  VAL B CA 1 
ATOM   412 C  CA . SER B 1 67  ? 19.618  18.595  -16.092 1.00 0.00 ? 67  SER B CA 1 
ATOM   413 C  CA . TRP B 1 68  ? 17.148  20.462  -13.899 1.00 0.00 ? 68  TRP B CA 1 
ATOM   414 C  CA . ALA B 1 69  ? 19.296  19.237  -11.000 1.00 0.00 ? 69  ALA B CA 1 
ATOM   415 C  CA . ALA B 1 70  ? 22.517  20.734  -12.448 1.00 0.00 ? 70  ALA B CA 1 
ATOM   416 C  CA . GLN B 1 71  ? 21.013  24.141  -13.197 1.00 0.00 ? 71  GLN B CA 1 
ATOM   417 C  CA . ASN B 1 72  ? 19.497  24.295  -9.722  1.00 0.00 ? 72  ASN B CA 1 
ATOM   418 C  CA . GLY B 1 73  ? 22.529  23.391  -7.704  1.00 0.00 ? 73  GLY B CA 1 
ATOM   419 C  CA . GLN B 1 74  ? 21.857  19.697  -6.865  1.00 0.00 ? 74  GLN B CA 1 
ATOM   420 C  CA . THR B 1 75  ? 23.808  16.521  -7.301  1.00 0.00 ? 75  THR B CA 1 
ATOM   421 C  CA . VAL B 1 76  ? 21.987  13.379  -8.299  1.00 0.00 ? 76  VAL B CA 1 
ATOM   422 C  CA . HIS B 1 77  ? 21.691  9.967   -6.636  1.00 0.00 ? 77  HIS B CA 1 
ATOM   423 C  CA . GLY B 1 78  ? 20.705  7.286   -9.118  1.00 0.00 ? 78  GLY B CA 1 
ATOM   424 C  CA . HIS B 1 79  ? 17.732  5.308   -7.806  1.00 0.00 ? 79  HIS B CA 1 
ATOM   425 C  CA . ALA B 1 80  ? 18.177  1.875   -8.816  1.00 0.00 ? 80  ALA B CA 1 
ATOM   426 C  CA . LEU B 1 81  ? 20.223  0.172   -11.521 1.00 0.00 ? 81  LEU B CA 1 
ATOM   427 C  CA . VAL B 1 82  ? 18.926  -3.247  -10.289 1.00 0.00 ? 82  VAL B CA 1 
ATOM   428 C  CA . TRP B 1 83  ? 15.640  -3.847  -8.434  1.00 0.00 ? 83  TRP B CA 1 
ATOM   429 C  CA . HIS B 1 84  ? 13.042  -6.636  -8.480  1.00 0.00 ? 84  HIS B CA 1 
ATOM   430 C  CA . PRO B 1 85  ? 9.412   -5.392  -8.347  1.00 0.00 ? 85  PRO B CA 1 
ATOM   431 C  CA . SER B 1 86  ? 7.563   -6.311  -11.532 1.00 0.00 ? 86  SER B CA 1 
ATOM   432 C  CA . TYR B 1 87  ? 5.979   -2.917  -12.082 1.00 0.00 ? 87  TYR B CA 1 
ATOM   433 C  CA . GLN B 1 88  ? 9.374   -1.500  -12.999 1.00 0.00 ? 88  GLN B CA 1 
ATOM   434 C  CA . LEU B 1 89  ? 11.026  -4.542  -14.562 1.00 0.00 ? 89  LEU B CA 1 
ATOM   435 C  CA . PRO B 1 90  ? 11.994  -4.053  -18.238 1.00 0.00 ? 90  PRO B CA 1 
ATOM   436 C  CA . ASN B 1 91  ? 10.549  -6.736  -20.555 1.00 0.00 ? 91  ASN B CA 1 
ATOM   437 C  CA . TRP B 1 92  ? 13.830  -8.561  -21.036 1.00 0.00 ? 92  TRP B CA 1 
ATOM   438 C  CA . ALA B 1 93  ? 13.820  -9.436  -17.293 1.00 0.00 ? 93  ALA B CA 1 
ATOM   439 C  CA . SER B 1 94  ? 11.855  -12.672 -17.462 1.00 0.00 ? 94  SER B CA 1 
ATOM   440 C  CA . ASP B 1 95  ? 12.468  -16.354 -16.652 1.00 0.00 ? 95  ASP B CA 1 
ATOM   441 C  CA . SER B 1 96  ? 11.621  -17.156 -20.283 1.00 0.00 ? 96  SER B CA 1 
ATOM   442 C  CA . ASN B 1 97  ? 14.244  -14.861 -21.721 1.00 0.00 ? 97  ASN B CA 1 
ATOM   443 C  CA . ALA B 1 98  ? 17.309  -16.811 -22.766 1.00 0.00 ? 98  ALA B CA 1 
ATOM   444 C  CA . ASN B 1 99  ? 19.635  -13.797 -23.155 1.00 0.00 ? 99  ASN B CA 1 
ATOM   445 C  CA . PHE B 1 100 ? 18.847  -12.670 -19.632 1.00 0.00 ? 100 PHE B CA 1 
ATOM   446 C  CA . ARG B 1 101 ? 22.535  -12.519 -18.792 1.00 0.00 ? 101 ARG B CA 1 
ATOM   447 C  CA . GLN B 1 102 ? 23.446  -10.474 -21.885 1.00 0.00 ? 102 GLN B CA 1 
ATOM   448 C  CA . ASP B 1 103 ? 20.444  -8.196  -21.554 1.00 0.00 ? 103 ASP B CA 1 
ATOM   449 C  CA . PHE B 1 104 ? 21.225  -7.789  -17.828 1.00 0.00 ? 104 PHE B CA 1 
ATOM   450 C  CA . ALA B 1 105 ? 24.865  -6.937  -18.679 1.00 0.00 ? 105 ALA B CA 1 
ATOM   451 C  CA . ARG B 1 106 ? 23.847  -4.295  -21.170 1.00 0.00 ? 106 ARG B CA 1 
ATOM   452 C  CA . HIS B 1 107 ? 21.383  -2.533  -18.913 1.00 0.00 ? 107 HIS B CA 1 
ATOM   453 C  CA . ILE B 1 108 ? 24.165  -1.578  -16.504 1.00 0.00 ? 108 ILE B CA 1 
ATOM   454 C  CA . ASP B 1 109 ? 26.809  -0.792  -19.185 1.00 0.00 ? 109 ASP B CA 1 
ATOM   455 C  CA . THR B 1 110 ? 24.374  1.475   -21.027 1.00 0.00 ? 110 THR B CA 1 
ATOM   456 C  CA . VAL B 1 111 ? 22.624  3.251   -18.256 1.00 0.00 ? 111 VAL B CA 1 
ATOM   457 C  CA . ALA B 1 112 ? 25.762  3.778   -16.193 1.00 0.00 ? 112 ALA B CA 1 
ATOM   458 C  CA . ALA B 1 113 ? 27.858  4.992   -19.202 1.00 0.00 ? 113 ALA B CA 1 
ATOM   459 C  CA . HIS B 1 114 ? 25.001  7.203   -20.215 1.00 0.00 ? 114 HIS B CA 1 
ATOM   460 C  CA . PHE B 1 115 ? 25.085  9.209   -16.956 1.00 0.00 ? 115 PHE B CA 1 
ATOM   461 C  CA . ALA B 1 116 ? 28.899  8.961   -16.625 1.00 0.00 ? 116 ALA B CA 1 
ATOM   462 C  CA . GLY B 1 117 ? 29.520  12.295  -14.982 1.00 0.00 ? 117 GLY B CA 1 
ATOM   463 C  CA . GLN B 1 118 ? 25.964  13.602  -14.395 1.00 0.00 ? 118 GLN B CA 1 
ATOM   464 C  CA . VAL B 1 119 ? 25.237  11.263  -11.486 1.00 0.00 ? 119 VAL B CA 1 
ATOM   465 C  CA . LYS B 1 120 ? 27.292  11.307  -8.262  1.00 0.00 ? 120 LYS B CA 1 
ATOM   466 C  CA . SER B 1 121 ? 26.201  7.933   -6.826  1.00 0.00 ? 121 SER B CA 1 
ATOM   467 C  CA . TRP B 1 122 ? 23.983  4.946   -7.730  1.00 0.00 ? 122 TRP B CA 1 
ATOM   468 C  CA . ASP B 1 123 ? 21.844  2.459   -5.874  1.00 0.00 ? 123 ASP B CA 1 
ATOM   469 C  CA . VAL B 1 124 ? 23.733  -0.279  -7.644  1.00 0.00 ? 124 VAL B CA 1 
ATOM   470 C  CA . VAL B 1 125 ? 21.567  -3.076  -6.317  1.00 0.00 ? 125 VAL B CA 1 
ATOM   471 C  CA . ASN B 1 126 ? 18.501  -2.511  -4.183  1.00 0.00 ? 126 ASN B CA 1 
ATOM   472 C  CA . GLU B 1 127 ? 16.678  -4.820  -1.779  1.00 0.00 ? 127 GLU B CA 1 
ATOM   473 C  CA . ALA B 1 128 ? 18.559  -8.059  -2.440  1.00 0.00 ? 128 ALA B CA 1 
ATOM   474 C  CA . LEU B 1 129 ? 17.971  -9.375  1.117   1.00 0.00 ? 129 LEU B CA 1 
ATOM   475 C  CA . PHE B 1 130 ? 14.937  -11.557 2.030   1.00 0.00 ? 130 PHE B CA 1 
ATOM   476 C  CA . ASP B 1 131 ? 12.265  -9.939  4.169   1.00 0.00 ? 131 ASP B CA 1 
ATOM   477 C  CA . SER B 1 132 ? 9.518   -11.903 5.884   1.00 0.00 ? 132 SER B CA 1 
ATOM   478 C  CA . ALA B 1 133 ? 6.896   -9.236  5.214   1.00 0.00 ? 133 ALA B CA 1 
ATOM   479 C  CA . ASP B 1 134 ? 7.852   -8.528  1.557   1.00 0.00 ? 134 ASP B CA 1 
ATOM   480 C  CA . ASP B 1 135 ? 8.003   -11.845 -0.280  1.00 0.00 ? 135 ASP B CA 1 
ATOM   481 C  CA . PRO B 1 136 ? 5.959   -11.564 -3.396  1.00 0.00 ? 136 PRO B CA 1 
ATOM   482 C  CA . ASP B 1 137 ? 8.028   -14.071 -5.345  1.00 0.00 ? 137 ASP B CA 1 
ATOM   483 C  CA . GLY B 1 138 ? 6.486   -16.440 -2.809  1.00 0.00 ? 138 GLY B CA 1 
ATOM   484 C  CA . ARG B 1 139 ? 9.745   -18.284 -2.716  1.00 0.00 ? 139 ARG B CA 1 
ATOM   485 C  CA . GLY B 1 140 ? 11.192  -17.931 0.773   1.00 0.00 ? 140 GLY B CA 1 
ATOM   486 C  CA . SER B 1 141 ? 14.727  -17.312 1.891   1.00 0.00 ? 141 SER B CA 1 
ATOM   487 C  CA . ALA B 1 142 ? 17.834  -18.631 0.176   1.00 0.00 ? 142 ALA B CA 1 
ATOM   488 C  CA . ASN B 1 143 ? 20.705  -18.035 2.608   1.00 0.00 ? 143 ASN B CA 1 
ATOM   489 C  CA . GLY B 1 144 ? 18.950  -14.763 3.510   1.00 0.00 ? 144 GLY B CA 1 
ATOM   490 C  CA . TYR B 1 145 ? 18.745  -13.706 -0.152  1.00 0.00 ? 145 TYR B CA 1 
ATOM   491 C  CA . ARG B 1 146 ? 15.533  -12.717 -1.973  1.00 0.00 ? 146 ARG B CA 1 
ATOM   492 C  CA . GLN B 1 147 ? 15.002  -15.216 -4.844  1.00 0.00 ? 147 GLN B CA 1 
ATOM   493 C  CA . SER B 1 148 ? 14.105  -12.686 -7.516  1.00 0.00 ? 148 SER B CA 1 
ATOM   494 C  CA . VAL B 1 149 ? 14.402  -13.117 -11.257 1.00 0.00 ? 149 VAL B CA 1 
ATOM   495 C  CA . PHE B 1 150 ? 18.030  -11.905 -11.098 1.00 0.00 ? 150 PHE B CA 1 
ATOM   496 C  CA . TYR B 1 151 ? 18.962  -14.469 -8.464  1.00 0.00 ? 151 TYR B CA 1 
ATOM   497 C  CA . ARG B 1 152 ? 17.071  -17.296 -10.191 1.00 0.00 ? 152 ARG B CA 1 
ATOM   498 C  CA . GLN B 1 153 ? 18.644  -16.486 -13.544 1.00 0.00 ? 153 GLN B CA 1 
ATOM   499 C  CA . PHE B 1 154 ? 22.254  -16.239 -12.295 1.00 0.00 ? 154 PHE B CA 1 
ATOM   500 C  CA . GLY B 1 155 ? 21.583  -19.201 -10.024 1.00 0.00 ? 155 GLY B CA 1 
ATOM   501 C  CA . GLY B 1 156 ? 22.601  -17.164 -6.954  1.00 0.00 ? 156 GLY B CA 1 
ATOM   502 C  CA . PRO B 1 157 ? 23.933  -13.936 -5.510  1.00 0.00 ? 157 PRO B CA 1 
ATOM   503 C  CA . GLU B 1 158 ? 26.617  -13.570 -8.152  1.00 0.00 ? 158 GLU B CA 1 
ATOM   504 C  CA . TYR B 1 159 ? 24.451  -11.100 -10.087 1.00 0.00 ? 159 TYR B CA 1 
ATOM   505 C  CA . ILE B 1 160 ? 25.276  -8.726  -7.235  1.00 0.00 ? 160 ILE B CA 1 
ATOM   506 C  CA . ASP B 1 161 ? 29.059  -9.069  -7.771  1.00 0.00 ? 161 ASP B CA 1 
ATOM   507 C  CA . GLU B 1 162 ? 28.464  -8.616  -11.482 1.00 0.00 ? 162 GLU B CA 1 
ATOM   508 C  CA . ALA B 1 163 ? 26.562  -5.297  -11.400 1.00 0.00 ? 163 ALA B CA 1 
ATOM   509 C  CA . PHE B 1 164 ? 29.211  -3.707  -9.155  1.00 0.00 ? 164 PHE B CA 1 
ATOM   510 C  CA . ARG B 1 165 ? 32.131  -4.592  -11.419 1.00 0.00 ? 165 ARG B CA 1 
ATOM   511 C  CA . ARG B 1 166 ? 30.124  -3.626  -14.551 1.00 0.00 ? 166 ARG B CA 1 
ATOM   512 C  CA . ALA B 1 167 ? 29.117  -0.201  -13.189 1.00 0.00 ? 167 ALA B CA 1 
ATOM   513 C  CA . ARG B 1 168 ? 32.694  0.490   -12.041 1.00 0.00 ? 168 ARG B CA 1 
ATOM   514 C  CA . ALA B 1 169 ? 33.832  -0.093  -15.628 1.00 0.00 ? 169 ALA B CA 1 
ATOM   515 C  CA . ALA B 1 170 ? 31.390  2.402   -17.065 1.00 0.00 ? 170 ALA B CA 1 
ATOM   516 C  CA . ASP B 1 171 ? 31.602  5.210   -14.565 1.00 0.00 ? 171 ASP B CA 1 
ATOM   517 C  CA . PRO B 1 172 ? 34.685  4.821   -12.437 1.00 0.00 ? 172 PRO B CA 1 
ATOM   518 C  CA . THR B 1 173 ? 33.667  8.084   -10.735 1.00 0.00 ? 173 THR B CA 1 
ATOM   519 C  CA . ALA B 1 174 ? 30.217  7.256   -9.304  1.00 0.00 ? 174 ALA B CA 1 
ATOM   520 C  CA . GLU B 1 175 ? 30.125  6.101   -5.668  1.00 0.00 ? 175 GLU B CA 1 
ATOM   521 C  CA . LEU B 1 176 ? 28.461  2.687   -5.798  1.00 0.00 ? 176 LEU B CA 1 
ATOM   522 C  CA . TYR B 1 177 ? 26.016  1.749   -2.953  1.00 0.00 ? 177 TYR B CA 1 
ATOM   523 C  CA . TYR B 1 178 ? 24.145  -1.360  -1.845  1.00 0.00 ? 178 TYR B CA 1 
ATOM   524 C  CA . ASN B 1 179 ? 20.686  -0.257  -0.421  1.00 0.00 ? 179 ASN B CA 1 
ATOM   525 C  CA . ASP B 1 180 ? 17.895  -1.888  1.630   1.00 0.00 ? 180 ASP B CA 1 
ATOM   526 C  CA . PHE B 1 181 ? 15.292  -1.386  4.386   1.00 0.00 ? 181 PHE B CA 1 
ATOM   527 C  CA . ASN B 1 182 ? 14.659  -2.985  7.759   1.00 0.00 ? 182 ASN B CA 1 
ATOM   528 C  CA . THR B 1 183 ? 18.374  -3.352  8.256   1.00 0.00 ? 183 THR B CA 1 
ATOM   529 C  CA . GLU B 1 184 ? 18.193  -0.776  11.042  1.00 0.00 ? 184 GLU B CA 1 
ATOM   530 C  CA . GLU B 1 185 ? 16.082  -3.028  13.227  1.00 0.00 ? 185 GLU B CA 1 
ATOM   531 C  CA . ASN B 1 186 ? 19.292  -4.875  14.214  1.00 0.00 ? 186 ASN B CA 1 
ATOM   532 C  CA . GLY B 1 187 ? 17.612  -8.257  13.843  1.00 0.00 ? 187 GLY B CA 1 
ATOM   533 C  CA . ALA B 1 188 ? 17.945  -11.049 11.302  1.00 0.00 ? 188 ALA B CA 1 
ATOM   534 C  CA . LYS B 1 189 ? 18.065  -8.739  8.254   1.00 0.00 ? 189 LYS B CA 1 
ATOM   535 C  CA . THR B 1 190 ? 21.082  -6.879  9.691   1.00 0.00 ? 190 THR B CA 1 
ATOM   536 C  CA . THR B 1 191 ? 22.872  -10.119 10.309  1.00 0.00 ? 191 THR B CA 1 
ATOM   537 C  CA . ALA B 1 192 ? 22.072  -11.134 6.741   1.00 0.00 ? 192 ALA B CA 1 
ATOM   538 C  CA . LEU B 1 193 ? 23.359  -7.755  5.549   1.00 0.00 ? 193 LEU B CA 1 
ATOM   539 C  CA . VAL B 1 194 ? 26.674  -8.271  7.427   1.00 0.00 ? 194 VAL B CA 1 
ATOM   540 C  CA . ASN B 1 195 ? 26.961  -11.565 5.599   1.00 0.00 ? 195 ASN B CA 1 
ATOM   541 C  CA . LEU B 1 196 ? 26.136  -9.982  2.179   1.00 0.00 ? 196 LEU B CA 1 
ATOM   542 C  CA . VAL B 1 197 ? 28.738  -7.169  2.533   1.00 0.00 ? 197 VAL B CA 1 
ATOM   543 C  CA . GLN B 1 198 ? 31.510  -9.474  3.809   1.00 0.00 ? 198 GLN B CA 1 
ATOM   544 C  CA . ARG B 1 199 ? 31.055  -11.739 0.713   1.00 0.00 ? 199 ARG B CA 1 
ATOM   545 C  CA . LEU B 1 200 ? 31.470  -8.785  -1.680  1.00 0.00 ? 200 LEU B CA 1 
ATOM   546 C  CA . LEU B 1 201 ? 34.566  -7.535  0.199   1.00 0.00 ? 201 LEU B CA 1 
ATOM   547 C  CA . ASN B 1 202 ? 36.121  -11.049 0.232   1.00 0.00 ? 202 ASN B CA 1 
ATOM   548 C  CA . ASN B 1 203 ? 35.415  -11.375 -3.474  1.00 0.00 ? 203 ASN B CA 1 
ATOM   549 C  CA . GLY B 1 204 ? 37.089  -8.076  -4.291  1.00 0.00 ? 204 GLY B CA 1 
ATOM   550 C  CA . VAL B 1 205 ? 33.871  -6.571  -5.609  1.00 0.00 ? 205 VAL B CA 1 
ATOM   551 C  CA . PRO B 1 206 ? 34.000  -2.739  -5.964  1.00 0.00 ? 206 PRO B CA 1 
ATOM   552 C  CA . ILE B 1 207 ? 31.340  -1.412  -3.533  1.00 0.00 ? 207 ILE B CA 1 
ATOM   553 C  CA . ASP B 1 208 ? 31.831  2.067   -1.962  1.00 0.00 ? 208 ASP B CA 1 
ATOM   554 C  CA . GLY B 1 209 ? 29.024  2.318   0.595   1.00 0.00 ? 209 GLY B CA 1 
ATOM   555 C  CA . VAL B 1 210 ? 25.997  0.746   2.244   1.00 0.00 ? 210 VAL B CA 1 
ATOM   556 C  CA . GLY B 1 211 ? 22.615  2.561   2.280   1.00 0.00 ? 211 GLY B CA 1 
ATOM   557 C  CA . PHE B 1 212 ? 19.892  2.255   4.967   1.00 0.00 ? 212 PHE B CA 1 
ATOM   558 C  CA . GLN B 1 213 ? 16.408  3.276   3.846   1.00 0.00 ? 213 GLN B CA 1 
ATOM   559 C  CA . MET B 1 214 ? 15.222  4.275   7.302   1.00 0.00 ? 214 MET B CA 1 
ATOM   560 C  CA . HIS B 1 215 ? 11.480  3.942   7.002   1.00 0.00 ? 215 HIS B CA 1 
ATOM   561 C  CA . VAL B 1 216 ? 10.999  4.187   10.791  1.00 0.00 ? 216 VAL B CA 1 
ATOM   562 C  CA . MET B 1 217 ? 8.174   5.153   13.215  1.00 0.00 ? 217 MET B CA 1 
ATOM   563 C  CA . ASN B 1 218 ? 8.455   7.530   16.165  1.00 0.00 ? 218 ASN B CA 1 
ATOM   564 C  CA . ASP B 1 219 ? 8.867   4.637   18.611  1.00 0.00 ? 219 ASP B CA 1 
ATOM   565 C  CA . TYR B 1 220 ? 9.756   1.482   16.753  1.00 0.00 ? 220 TYR B CA 1 
ATOM   566 C  CA . PRO B 1 221 ? 13.249  0.561   15.916  1.00 0.00 ? 221 PRO B CA 1 
ATOM   567 C  CA . SER B 1 222 ? 14.737  2.262   19.085  1.00 0.00 ? 222 SER B CA 1 
ATOM   568 C  CA . ILE B 1 223 ? 17.920  4.281   18.427  1.00 0.00 ? 223 ILE B CA 1 
ATOM   569 C  CA . ALA B 1 224 ? 20.055  1.863   20.454  1.00 0.00 ? 224 ALA B CA 1 
ATOM   570 C  CA . ASN B 1 225 ? 19.253  -0.795  17.852  1.00 0.00 ? 225 ASN B CA 1 
ATOM   571 C  CA . ILE B 1 226 ? 19.573  1.673   14.962  1.00 0.00 ? 226 ILE B CA 1 
ATOM   572 C  CA . ARG B 1 227 ? 22.947  2.841   16.277  1.00 0.00 ? 227 ARG B CA 1 
ATOM   573 C  CA . GLN B 1 228 ? 24.388  -0.668  16.689  1.00 0.00 ? 228 GLN B CA 1 
ATOM   574 C  CA . ALA B 1 229 ? 23.124  -1.900  13.324  1.00 0.00 ? 229 ALA B CA 1 
ATOM   575 C  CA . MET B 1 230 ? 24.921  1.079   11.788  1.00 0.00 ? 230 MET B CA 1 
ATOM   576 C  CA . GLN B 1 231 ? 27.848  0.163   14.066  1.00 0.00 ? 231 GLN B CA 1 
ATOM   577 C  CA . LYS B 1 232 ? 28.120  -3.402  12.805  1.00 0.00 ? 232 LYS B CA 1 
ATOM   578 C  CA . ILE B 1 233 ? 28.600  -2.220  9.181   1.00 0.00 ? 233 ILE B CA 1 
ATOM   579 C  CA . VAL B 1 234 ? 31.093  0.577   9.737   1.00 0.00 ? 234 VAL B CA 1 
ATOM   580 C  CA . ALA B 1 235 ? 33.374  -1.973  11.343  1.00 0.00 ? 235 ALA B CA 1 
ATOM   581 C  CA . LEU B 1 236 ? 33.349  -4.382  8.406   1.00 0.00 ? 236 LEU B CA 1 
ATOM   582 C  CA . SER B 1 237 ? 35.720  -1.919  6.666   1.00 0.00 ? 237 SER B CA 1 
ATOM   583 C  CA . PRO B 1 238 ? 37.804  1.250   7.225   1.00 0.00 ? 238 PRO B CA 1 
ATOM   584 C  CA . THR B 1 239 ? 36.677  2.799   3.952   1.00 0.00 ? 239 THR B CA 1 
ATOM   585 C  CA . LEU B 1 240 ? 33.011  1.772   3.456   1.00 0.00 ? 240 LEU B CA 1 
ATOM   586 C  CA . LYS B 1 241 ? 30.608  4.780   3.608   1.00 0.00 ? 241 LYS B CA 1 
ATOM   587 C  CA . ILE B 1 242 ? 27.125  4.850   5.052   1.00 0.00 ? 242 ILE B CA 1 
ATOM   588 C  CA . LYS B 1 243 ? 24.145  6.681   3.438   1.00 0.00 ? 243 LYS B CA 1 
ATOM   589 C  CA . ILE B 1 244 ? 20.674  7.222   4.791   1.00 0.00 ? 244 ILE B CA 1 
ATOM   590 C  CA . THR B 1 245 ? 18.760  6.839   1.537   1.00 0.00 ? 245 THR B CA 1 
ATOM   591 C  CA . CYS B 1 246 ? 15.003  7.298   2.160   1.00 0.00 ? 246 CYS B CA 1 
ATOM   592 C  CA . LEU B 1 247 ? 14.302  8.756   5.693   1.00 0.00 ? 247 LEU B CA 1 
ATOM   593 C  CA . ASP B 1 248 ? 10.644  9.244   6.701   1.00 0.00 ? 248 ASP B CA 1 
ATOM   594 C  CA . VAL B 1 249 ? 9.023   8.973   10.131  1.00 0.00 ? 249 VAL B CA 1 
ATOM   595 C  CA . ARG B 1 250 ? 5.487   7.715   10.899  1.00 0.00 ? 250 ARG B CA 1 
ATOM   596 C  CA . LEU B 1 251 ? 3.470   9.050   13.835  1.00 0.00 ? 251 LEU B CA 1 
ATOM   597 C  CA . ASN B 1 252 ? 1.142   5.986   13.922  1.00 0.00 ? 252 ASN B CA 1 
ATOM   598 C  CA . ASN B 1 253 ? 2.235   2.362   14.762  1.00 0.00 ? 253 ASN B CA 1 
ATOM   599 C  CA . PRO B 1 254 ? -0.386  -0.249  13.743  1.00 0.00 ? 254 PRO B CA 1 
ATOM   600 C  CA . TYR B 1 255 ? 1.843   -3.136  14.789  1.00 0.00 ? 255 TYR B CA 1 
ATOM   601 C  CA . ASP B 1 256 ? 2.165   -2.226  18.458  1.00 0.00 ? 256 ASP B CA 1 
ATOM   602 C  CA . GLY B 1 257 ? -1.061  -3.875  19.528  1.00 0.00 ? 257 GLY B CA 1 
ATOM   603 C  CA . ASN B 1 258 ? -2.630  -0.679  20.931  1.00 0.00 ? 258 ASN B CA 1 
ATOM   604 C  CA . SER B 1 259 ? -5.399  0.854   18.870  1.00 0.00 ? 259 SER B CA 1 
ATOM   605 C  CA . SER B 1 260 ? -5.866  3.682   21.332  1.00 0.00 ? 260 SER B CA 1 
ATOM   606 C  CA . ASN B 1 261 ? -2.712  5.605   20.513  1.00 0.00 ? 261 ASN B CA 1 
ATOM   607 C  CA . ASP B 1 262 ? -3.514  5.983   16.790  1.00 0.00 ? 262 ASP B CA 1 
ATOM   608 C  CA . TYR B 1 263 ? -4.511  9.277   15.194  1.00 0.00 ? 263 TYR B CA 1 
ATOM   609 C  CA . THR B 1 264 ? -7.454  8.174   13.100  1.00 0.00 ? 264 THR B CA 1 
ATOM   610 C  CA . ASN B 1 265 ? -8.426  11.651  11.827  1.00 0.00 ? 265 ASN B CA 1 
ATOM   611 C  CA . ARG B 1 266 ? -6.689  13.759  9.283   1.00 0.00 ? 266 ARG B CA 1 
ATOM   612 C  CA . ASN B 1 267 ? -7.234  16.841  11.518  1.00 0.00 ? 267 ASN B CA 1 
ATOM   613 C  CA . ASP B 1 268 ? -5.556  15.281  14.590  1.00 0.00 ? 268 ASP B CA 1 
ATOM   614 C  CA . CYS B 1 269 ? -2.014  16.457  13.718  1.00 0.00 ? 269 CYS B CA 1 
ATOM   615 C  CA . ALA B 1 270 ? -2.762  19.088  11.119  1.00 0.00 ? 270 ALA B CA 1 
ATOM   616 C  CA . VAL B 1 271 ? -1.453  21.954  13.272  1.00 0.00 ? 271 VAL B CA 1 
ATOM   617 C  CA . SER B 1 272 ? -0.556  20.538  16.663  1.00 0.00 ? 272 SER B CA 1 
ATOM   618 C  CA . CYS B 1 273 ? -0.438  17.214  18.411  1.00 0.00 ? 273 CYS B CA 1 
ATOM   619 C  CA . ALA B 1 274 ? 1.933   15.209  20.616  1.00 0.00 ? 274 ALA B CA 1 
ATOM   620 C  CA . GLY B 1 275 ? 3.201   13.005  17.747  1.00 0.00 ? 275 GLY B CA 1 
ATOM   621 C  CA . LEU B 1 276 ? 4.320   16.108  15.880  1.00 0.00 ? 276 LEU B CA 1 
ATOM   622 C  CA . ASP B 1 277 ? 6.544   16.968  18.819  1.00 0.00 ? 277 ASP B CA 1 
ATOM   623 C  CA . ARG B 1 278 ? 7.937   13.481  19.371  1.00 0.00 ? 278 ARG B CA 1 
ATOM   624 C  CA . GLN B 1 279 ? 8.644   13.537  15.657  1.00 0.00 ? 279 GLN B CA 1 
ATOM   625 C  CA . LYS B 1 280 ? 10.982  16.468  16.111  1.00 0.00 ? 280 LYS B CA 1 
ATOM   626 C  CA . ALA B 1 281 ? 12.932  14.468  18.698  1.00 0.00 ? 281 ALA B CA 1 
ATOM   627 C  CA . ARG B 1 282 ? 12.941  11.319  16.430  1.00 0.00 ? 282 ARG B CA 1 
ATOM   628 C  CA . TYR B 1 283 ? 14.460  13.133  13.457  1.00 0.00 ? 283 TYR B CA 1 
ATOM   629 C  CA . LYS B 1 284 ? 16.983  14.704  15.878  1.00 0.00 ? 284 LYS B CA 1 
ATOM   630 C  CA . GLU B 1 285 ? 17.996  11.432  17.569  1.00 0.00 ? 285 GLU B CA 1 
ATOM   631 C  CA . ILE B 1 286 ? 18.406  9.694   14.204  1.00 0.00 ? 286 ILE B CA 1 
ATOM   632 C  CA . VAL B 1 287 ? 20.644  12.430  12.671  1.00 0.00 ? 287 VAL B CA 1 
ATOM   633 C  CA . GLN B 1 288 ? 22.705  12.468  15.926  1.00 0.00 ? 288 GLN B CA 1 
ATOM   634 C  CA . ALA B 1 289 ? 23.232  8.688   15.817  1.00 0.00 ? 289 ALA B CA 1 
ATOM   635 C  CA . TYR B 1 290 ? 24.379  9.121   12.207  1.00 0.00 ? 290 TYR B CA 1 
ATOM   636 C  CA . LEU B 1 291 ? 26.932  11.783  13.104  1.00 0.00 ? 291 LEU B CA 1 
ATOM   637 C  CA . GLU B 1 292 ? 28.285  9.950   16.202  1.00 0.00 ? 292 GLU B CA 1 
ATOM   638 C  CA . VAL B 1 293 ? 28.631  6.474   14.628  1.00 0.00 ? 293 VAL B CA 1 
ATOM   639 C  CA . VAL B 1 294 ? 29.757  7.527   11.133  1.00 0.00 ? 294 VAL B CA 1 
ATOM   640 C  CA . PRO B 1 295 ? 33.164  9.150   11.017  1.00 0.00 ? 295 PRO B CA 1 
ATOM   641 C  CA . PRO B 1 296 ? 33.691  12.172  8.809   1.00 0.00 ? 296 PRO B CA 1 
ATOM   642 C  CA . GLY B 1 297 ? 35.013  11.150  5.487   1.00 0.00 ? 297 GLY B CA 1 
ATOM   643 C  CA . ARG B 1 298 ? 32.638  8.236   5.749   1.00 0.00 ? 298 ARG B CA 1 
ATOM   644 C  CA . ARG B 1 299 ? 29.376  10.155  5.473   1.00 0.00 ? 299 ARG B CA 1 
ATOM   645 C  CA . GLY B 1 300 ? 27.496  9.392   2.248   1.00 0.00 ? 300 GLY B CA 1 
ATOM   646 C  CA . GLY B 1 301 ? 24.610  11.786  2.959   1.00 0.00 ? 301 GLY B CA 1 
ATOM   647 C  CA . ILE B 1 302 ? 21.178  11.877  4.559   1.00 0.00 ? 302 ILE B CA 1 
ATOM   648 C  CA . THR B 1 303 ? 18.113  11.780  2.245   1.00 0.00 ? 303 THR B CA 1 
ATOM   649 C  CA . VAL B 1 304 ? 14.486  12.647  3.245   1.00 0.00 ? 304 VAL B CA 1 
ATOM   650 C  CA . TRP B 1 305 ? 11.949  10.744  1.111   1.00 0.00 ? 305 TRP B CA 1 
ATOM   651 C  CA . GLY B 1 306 ? 9.883   13.590  -0.351  1.00 0.00 ? 306 GLY B CA 1 
ATOM   652 C  CA . ILE B 1 307 ? 9.169   17.311  0.150   1.00 0.00 ? 307 ILE B CA 1 
ATOM   653 C  CA . ALA B 1 308 ? 5.742   17.851  1.806   1.00 0.00 ? 308 ALA B CA 1 
ATOM   654 C  CA . ASP B 1 309 ? 3.478   15.390  3.638   1.00 0.00 ? 309 ASP B CA 1 
ATOM   655 C  CA . PRO B 1 310 ? 0.761   14.981  0.988   1.00 0.00 ? 310 PRO B CA 1 
ATOM   656 C  CA . ASP B 1 311 ? 3.545   13.964  -1.387  1.00 0.00 ? 311 ASP B CA 1 
ATOM   657 C  CA . SER B 1 312 ? 4.482   10.936  0.822   1.00 0.00 ? 312 SER B CA 1 
ATOM   658 C  CA . TRP B 1 313 ? 3.769   7.287   -0.039  1.00 0.00 ? 313 TRP B CA 1 
ATOM   659 C  CA . LEU B 1 314 ? 3.011   7.081   3.683   1.00 0.00 ? 314 LEU B CA 1 
ATOM   660 C  CA . TYR B 1 315 ? 0.535   9.962   3.832   1.00 0.00 ? 315 TYR B CA 1 
ATOM   661 C  CA . THR B 1 316 ? -1.878  7.082   4.114   1.00 0.00 ? 316 THR B CA 1 
ATOM   662 C  CA . HIS B 1 317 ? -0.709  3.684   5.291   1.00 0.00 ? 317 HIS B CA 1 
ATOM   663 C  CA . GLN B 1 318 ? -2.763  0.813   6.762   1.00 0.00 ? 318 GLN B CA 1 
ATOM   664 C  CA . ASN B 1 319 ? -5.924  2.926   6.360   1.00 0.00 ? 319 ASN B CA 1 
ATOM   665 C  CA . LEU B 1 320 ? -4.539  5.591   8.721   1.00 0.00 ? 320 LEU B CA 1 
ATOM   666 C  CA . PRO B 1 321 ? -3.528  9.210   8.012   1.00 0.00 ? 321 PRO B CA 1 
ATOM   667 C  CA . ASP B 1 322 ? 0.056   10.039  8.636   1.00 0.00 ? 322 ASP B CA 1 
ATOM   668 C  CA . TRP B 1 323 ? 2.334   13.077  8.383   1.00 0.00 ? 323 TRP B CA 1 
ATOM   669 C  CA . PRO B 1 324 ? 5.894   11.776  7.774   1.00 0.00 ? 324 PRO B CA 1 
ATOM   670 C  CA . LEU B 1 325 ? 8.060   14.601  6.316   1.00 0.00 ? 325 LEU B CA 1 
ATOM   671 C  CA . LEU B 1 326 ? 9.624   17.985  7.267   1.00 0.00 ? 326 LEU B CA 1 
ATOM   672 C  CA . PHE B 1 327 ? 7.154   20.420  5.507   1.00 0.00 ? 327 PHE B CA 1 
ATOM   673 C  CA . ASN B 1 328 ? 3.376   20.200  6.032   1.00 0.00 ? 328 ASN B CA 1 
ATOM   674 C  CA . ASP B 1 329 ? 0.330   20.327  3.821   1.00 0.00 ? 329 ASP B CA 1 
ATOM   675 C  CA . ASN B 1 330 ? 0.778   24.091  3.261   1.00 0.00 ? 330 ASN B CA 1 
ATOM   676 C  CA . LEU B 1 331 ? 4.533   23.695  2.672   1.00 0.00 ? 331 LEU B CA 1 
ATOM   677 C  CA . GLN B 1 332 ? 5.515   25.381  5.979   1.00 0.00 ? 332 GLN B CA 1 
ATOM   678 C  CA . PRO B 1 333 ? 8.318   23.716  7.957   1.00 0.00 ? 333 PRO B CA 1 
ATOM   679 C  CA . LYS B 1 334 ? 7.230   21.498  10.871  1.00 0.00 ? 334 LYS B CA 1 
ATOM   680 C  CA . PRO B 1 335 ? 8.912   20.865  14.215  1.00 0.00 ? 335 PRO B CA 1 
ATOM   681 C  CA . ALA B 1 336 ? 10.532  17.790  12.593  1.00 0.00 ? 336 ALA B CA 1 
ATOM   682 C  CA . TYR B 1 337 ? 12.395  20.422  10.524  1.00 0.00 ? 337 TYR B CA 1 
ATOM   683 C  CA . GLN B 1 338 ? 13.824  22.069  13.630  1.00 0.00 ? 338 GLN B CA 1 
ATOM   684 C  CA . GLY B 1 339 ? 14.908  18.704  15.105  1.00 0.00 ? 339 GLY B CA 1 
ATOM   685 C  CA . VAL B 1 340 ? 17.236  18.189  12.117  1.00 0.00 ? 340 VAL B CA 1 
ATOM   686 C  CA . VAL B 1 341 ? 18.586  21.716  12.327  1.00 0.00 ? 341 VAL B CA 1 
ATOM   687 C  CA . GLU B 1 342 ? 19.457  21.284  16.002  1.00 0.00 ? 342 GLU B CA 1 
ATOM   688 C  CA . ALA B 1 343 ? 21.118  17.914  15.279  1.00 0.00 ? 343 ALA B CA 1 
ATOM   689 C  CA . LEU B 1 344 ? 23.209  19.301  12.341  1.00 0.00 ? 344 LEU B CA 1 
ATOM   690 C  CA . SER B 1 345 ? 24.097  22.218  14.697  1.00 0.00 ? 345 SER B CA 1 
HETATM 691 CA CA . CA  C 2 .   ? 1.558   -3.837  -17.349 1.00 0.00 ? 348 CA  A CA 1 
HETATM 692 CA CA . CA  D 2 .   ? -0.929  1.875   17.732  1.00 0.00 ? 348 CA  B CA 1 
# 
